data_6SEM
#
_entry.id   6SEM
#
_cell.length_a   152.961
_cell.length_b   147.776
_cell.length_c   144.931
_cell.angle_alpha   90.00
_cell.angle_beta   96.91
_cell.angle_gamma   90.00
#
_symmetry.space_group_name_H-M   'C 1 2 1'
#
loop_
_entity.id
_entity.type
_entity.pdbx_description
1 polymer 'Ancestral Flavin-containing monooxygenase (FMO) 2'
2 non-polymer 'FLAVIN-ADENINE DINUCLEOTIDE'
3 water water
#
_entity_poly.entity_id   1
_entity_poly.type   'polypeptide(L)'
_entity_poly.pdbx_seq_one_letter_code
;MAKKVAVIGAGVSGLISLKCCVDEGLEPTCFERTEDIGGLWRFKENVEDGRASIYQSVITNTSKEMSCFSDFPMPEHFPN
FLHNSKLLEYFRIFAKKFDLLKYIQFQTTVLSVKKCPDFSSSGQWEIVTESNGKEQSAVFDAVMVCSGHHILPHIPLQSF
PGIERFKGQYFHSRQYKHPEGFEGKRILVIGIGNSASDIAVELSKKAAQVFISTRHGSWVMSRISDDGYPWDMVFHTRFS
SMLRNVLPRTVVKWMMEQQMNRWFNHENYGLEPQNKYLMKEPVLNDDLPSRLLYGAIKVKSRVKELTETSAIFEDGTVEE
DIDVIVFATGYTFSFPFLEDSLVKVENNMVSLYKYMFPPHLEKPTLACIGLIQPLGSIFPTVELQARWVTRVFKGLCTLP
SESTMMADIIKRNEKRIDLFGESQSQILQTNYIDYLDELALEIGAKPDLLSLLLKDPKLAMKLYFGPCNSYQYRLVGPGQ
WEGARNAIFTQKQRILKPLKTRALKASSNFPVSFLLKILGLLAVVVAFFFQLQWF
;
_entity_poly.pdbx_strand_id   B,A,C,D
#
# COMPACT_ATOMS: atom_id res chain seq x y z
N ALA A 2 9.88 39.73 -9.66
CA ALA A 2 10.05 38.78 -10.82
C ALA A 2 9.50 39.41 -12.10
N LYS A 3 10.18 39.12 -13.22
CA LYS A 3 9.83 39.68 -14.51
C LYS A 3 10.33 38.73 -15.61
N LYS A 4 11.65 38.61 -15.72
CA LYS A 4 12.28 37.75 -16.72
C LYS A 4 12.16 36.29 -16.25
N VAL A 5 11.31 35.54 -16.98
CA VAL A 5 10.94 34.14 -16.68
C VAL A 5 11.43 33.22 -17.79
N ALA A 6 11.93 32.03 -17.41
CA ALA A 6 12.37 31.02 -18.35
C ALA A 6 11.37 29.84 -18.35
N VAL A 7 11.03 29.35 -19.54
CA VAL A 7 10.21 28.16 -19.68
C VAL A 7 10.97 27.16 -20.55
N ILE A 8 11.28 26.01 -19.95
CA ILE A 8 12.01 24.94 -20.61
C ILE A 8 11.06 24.13 -21.47
N GLY A 9 11.14 24.31 -22.80
CA GLY A 9 10.38 23.49 -23.75
C GLY A 9 9.09 24.15 -24.21
N ALA A 10 8.80 24.00 -25.51
CA ALA A 10 7.59 24.52 -26.15
C ALA A 10 6.55 23.41 -26.27
N GLY A 11 6.47 22.58 -25.21
CA GLY A 11 5.45 21.59 -25.09
C GLY A 11 4.09 22.25 -25.05
N VAL A 12 3.09 21.49 -24.58
CA VAL A 12 1.80 22.07 -24.27
C VAL A 12 1.97 22.93 -23.02
N SER A 13 2.73 22.37 -22.09
CA SER A 13 3.02 22.96 -20.82
C SER A 13 3.77 24.30 -21.00
N GLY A 14 4.84 24.28 -21.81
CA GLY A 14 5.51 25.51 -22.23
C GLY A 14 4.55 26.53 -22.81
N LEU A 15 3.79 26.11 -23.80
CA LEU A 15 2.94 27.03 -24.56
C LEU A 15 1.88 27.71 -23.68
N ILE A 16 1.40 27.02 -22.65
CA ILE A 16 0.33 27.57 -21.82
C ILE A 16 0.96 28.51 -20.78
N SER A 17 2.08 28.09 -20.18
CA SER A 17 2.76 28.93 -19.23
C SER A 17 3.19 30.23 -19.94
N LEU A 18 3.84 30.06 -21.10
CA LEU A 18 4.22 31.18 -21.94
C LEU A 18 3.07 32.19 -21.96
N LYS A 19 1.86 31.69 -22.23
CA LYS A 19 0.67 32.51 -22.32
C LYS A 19 0.28 33.05 -20.94
N CYS A 20 0.24 32.19 -19.92
CA CYS A 20 -0.18 32.57 -18.57
C CYS A 20 0.72 33.67 -18.01
N CYS A 21 1.98 33.71 -18.48
CA CYS A 21 2.90 34.79 -18.18
C CYS A 21 2.39 36.13 -18.71
N VAL A 22 2.29 36.23 -20.03
CA VAL A 22 1.93 37.52 -20.64
C VAL A 22 0.62 38.00 -20.04
N ASP A 23 -0.19 37.08 -19.48
CA ASP A 23 -1.45 37.43 -18.87
C ASP A 23 -1.22 38.11 -17.51
N GLU A 24 -0.15 37.73 -16.82
CA GLU A 24 0.21 38.34 -15.53
C GLU A 24 1.30 39.41 -15.77
N GLY A 25 1.56 39.73 -17.04
CA GLY A 25 2.48 40.78 -17.44
C GLY A 25 3.93 40.46 -17.18
N LEU A 26 4.30 39.19 -17.01
CA LEU A 26 5.71 38.80 -16.95
C LEU A 26 6.24 38.78 -18.38
N GLU A 27 7.57 38.79 -18.52
CA GLU A 27 8.21 38.75 -19.83
C GLU A 27 8.99 37.45 -19.89
N PRO A 28 8.48 36.44 -20.63
CA PRO A 28 9.09 35.11 -20.66
C PRO A 28 9.98 34.82 -21.87
N THR A 29 10.87 33.83 -21.70
CA THR A 29 11.71 33.32 -22.77
C THR A 29 11.60 31.80 -22.80
N CYS A 30 11.23 31.26 -23.98
CA CYS A 30 11.03 29.84 -24.13
C CYS A 30 12.22 29.21 -24.86
N PHE A 31 12.74 28.12 -24.29
CA PHE A 31 13.81 27.37 -24.89
C PHE A 31 13.28 26.02 -25.37
N GLU A 32 13.43 25.79 -26.68
CA GLU A 32 12.93 24.59 -27.38
C GLU A 32 14.09 23.79 -27.97
N ARG A 33 14.32 22.58 -27.45
CA ARG A 33 15.41 21.70 -27.96
C ARG A 33 15.27 21.54 -29.49
N THR A 34 14.04 21.38 -29.95
CA THR A 34 13.74 21.04 -31.34
C THR A 34 13.42 22.30 -32.16
N GLU A 35 12.83 22.08 -33.34
CA GLU A 35 12.67 23.09 -34.36
C GLU A 35 11.23 23.61 -34.37
N ASP A 36 10.38 23.10 -33.47
CA ASP A 36 8.96 23.44 -33.49
C ASP A 36 8.27 23.06 -32.17
N ILE A 37 7.05 23.58 -32.03
CA ILE A 37 6.19 23.45 -30.87
C ILE A 37 5.44 22.11 -30.91
N GLY A 38 4.75 21.82 -29.79
CA GLY A 38 3.86 20.68 -29.63
C GLY A 38 4.44 19.65 -28.70
N GLY A 39 5.77 19.56 -28.71
CA GLY A 39 6.45 18.46 -28.09
C GLY A 39 5.86 17.16 -28.57
N LEU A 40 5.34 16.35 -27.64
CA LEU A 40 4.97 14.95 -27.89
C LEU A 40 4.07 14.82 -29.13
N TRP A 41 3.12 15.75 -29.25
CA TRP A 41 2.00 15.72 -30.20
C TRP A 41 2.41 16.11 -31.62
N ARG A 42 3.63 16.62 -31.81
CA ARG A 42 4.16 16.80 -33.14
C ARG A 42 4.69 15.43 -33.57
N PHE A 43 4.01 14.79 -34.51
CA PHE A 43 4.46 13.49 -34.97
C PHE A 43 5.68 13.69 -35.87
N LYS A 44 6.71 12.88 -35.65
CA LYS A 44 7.81 12.79 -36.57
C LYS A 44 8.12 11.31 -36.77
N GLU A 45 8.75 11.04 -37.91
CA GLU A 45 8.79 9.72 -38.48
C GLU A 45 9.85 8.92 -37.72
N ASN A 46 10.99 9.55 -37.44
CA ASN A 46 12.08 9.01 -36.63
C ASN A 46 11.88 9.38 -35.15
N VAL A 47 12.49 8.61 -34.25
CA VAL A 47 12.44 8.91 -32.81
C VAL A 47 13.61 9.82 -32.43
N GLU A 48 13.37 11.13 -32.37
CA GLU A 48 14.42 12.10 -32.12
C GLU A 48 14.61 12.25 -30.61
N ASP A 49 15.88 12.27 -30.18
CA ASP A 49 16.25 12.19 -28.76
C ASP A 49 15.79 13.43 -28.01
N GLY A 50 15.56 13.26 -26.70
CA GLY A 50 15.14 14.36 -25.82
C GLY A 50 13.71 14.84 -26.05
N ARG A 51 13.00 14.26 -27.03
CA ARG A 51 11.57 14.54 -27.25
C ARG A 51 10.81 13.21 -27.25
N ALA A 52 9.57 13.28 -26.76
CA ALA A 52 8.70 12.13 -26.69
C ALA A 52 8.17 11.80 -28.09
N SER A 53 8.24 10.51 -28.47
CA SER A 53 7.72 9.99 -29.74
C SER A 53 6.27 9.52 -29.56
N ILE A 54 5.49 9.64 -30.64
CA ILE A 54 4.22 8.96 -30.75
C ILE A 54 4.18 8.18 -32.06
N TYR A 55 3.47 7.06 -32.03
CA TYR A 55 3.04 6.36 -33.24
C TYR A 55 2.10 7.27 -34.03
N GLN A 56 1.93 6.99 -35.32
CA GLN A 56 1.40 8.01 -36.23
C GLN A 56 -0.12 8.18 -36.04
N SER A 57 -0.77 7.18 -35.42
CA SER A 57 -2.21 7.03 -35.52
C SER A 57 -2.93 7.44 -34.23
N VAL A 58 -2.22 8.07 -33.29
CA VAL A 58 -2.73 8.35 -31.93
C VAL A 58 -3.91 9.31 -31.99
N ILE A 59 -4.93 9.00 -31.22
CA ILE A 59 -6.15 9.86 -31.11
C ILE A 59 -6.28 10.25 -29.65
N THR A 60 -6.65 11.50 -29.37
CA THR A 60 -6.80 11.97 -27.98
C THR A 60 -7.87 11.15 -27.27
N ASN A 61 -7.68 10.80 -26.00
CA ASN A 61 -8.65 10.06 -25.27
C ASN A 61 -9.38 10.98 -24.29
N THR A 62 -9.59 12.24 -24.70
CA THR A 62 -10.41 13.24 -23.97
C THR A 62 -11.07 14.23 -24.95
N SER A 63 -12.35 14.55 -24.67
CA SER A 63 -13.20 15.42 -25.47
C SER A 63 -12.52 16.77 -25.68
N LYS A 64 -12.88 17.47 -26.77
CA LYS A 64 -12.41 18.82 -27.05
C LYS A 64 -12.99 19.86 -26.08
N GLU A 65 -14.27 19.72 -25.70
CA GLU A 65 -14.91 20.70 -24.81
C GLU A 65 -14.58 20.33 -23.36
N MET A 66 -13.96 19.19 -23.14
CA MET A 66 -13.56 18.80 -21.81
C MET A 66 -12.05 18.94 -21.66
N SER A 67 -11.37 19.44 -22.68
CA SER A 67 -9.93 19.48 -22.60
C SER A 67 -9.34 20.70 -23.34
N CYS A 68 -10.17 21.70 -23.66
CA CYS A 68 -9.65 22.96 -24.21
C CYS A 68 -9.24 23.86 -23.06
N PHE A 69 -8.43 24.88 -23.38
CA PHE A 69 -8.04 25.89 -22.41
C PHE A 69 -9.27 26.72 -22.04
N SER A 70 -9.36 27.08 -20.75
CA SER A 70 -10.54 27.66 -20.06
C SER A 70 -11.12 28.88 -20.78
N ASP A 71 -10.35 29.50 -21.67
CA ASP A 71 -10.75 30.70 -22.35
C ASP A 71 -10.50 30.59 -23.85
N PHE A 72 -10.44 29.36 -24.38
CA PHE A 72 -10.19 29.18 -25.82
C PHE A 72 -10.81 27.87 -26.30
N PRO A 73 -12.14 27.83 -26.46
CA PRO A 73 -12.81 26.65 -26.99
C PRO A 73 -12.13 26.25 -28.29
N MET A 74 -12.13 24.94 -28.56
CA MET A 74 -11.73 24.43 -29.80
C MET A 74 -12.74 24.87 -30.84
N PRO A 75 -12.29 25.18 -32.08
CA PRO A 75 -13.21 25.65 -33.13
C PRO A 75 -14.40 24.67 -33.20
N GLU A 76 -15.58 25.16 -33.60
CA GLU A 76 -16.77 24.32 -33.52
C GLU A 76 -16.63 23.13 -34.47
N HIS A 77 -15.98 23.37 -35.62
CA HIS A 77 -15.81 22.41 -36.71
C HIS A 77 -14.76 21.33 -36.39
N PHE A 78 -14.22 21.30 -35.17
CA PHE A 78 -13.28 20.24 -34.79
C PHE A 78 -14.04 19.01 -34.33
N PRO A 79 -13.51 17.80 -34.54
CA PRO A 79 -14.10 16.58 -34.00
C PRO A 79 -13.92 16.55 -32.48
N ASN A 80 -14.64 15.66 -31.78
CA ASN A 80 -14.72 15.69 -30.34
C ASN A 80 -13.50 14.97 -29.75
N PHE A 81 -13.08 13.88 -30.40
CA PHE A 81 -11.75 13.34 -30.15
C PHE A 81 -10.90 13.58 -31.41
N LEU A 82 -9.58 13.68 -31.20
CA LEU A 82 -8.70 14.36 -32.13
C LEU A 82 -7.55 13.45 -32.54
N HIS A 83 -7.26 13.42 -33.84
CA HIS A 83 -5.98 12.92 -34.30
C HIS A 83 -4.88 13.86 -33.80
N ASN A 84 -3.70 13.27 -33.54
CA ASN A 84 -2.54 14.07 -33.14
C ASN A 84 -2.31 15.20 -34.14
N SER A 85 -2.43 14.89 -35.45
CA SER A 85 -2.40 15.87 -36.53
C SER A 85 -3.18 17.12 -36.15
N LYS A 86 -4.42 16.88 -35.71
CA LYS A 86 -5.45 17.88 -35.58
C LYS A 86 -5.30 18.62 -34.24
N LEU A 87 -4.78 17.93 -33.22
CA LEU A 87 -4.59 18.59 -31.95
C LEU A 87 -3.54 19.68 -32.11
N LEU A 88 -2.40 19.30 -32.67
CA LEU A 88 -1.37 20.23 -33.08
C LEU A 88 -2.04 21.49 -33.60
N GLU A 89 -2.92 21.33 -34.59
CA GLU A 89 -3.57 22.47 -35.22
C GLU A 89 -4.12 23.43 -34.14
N TYR A 90 -4.82 22.90 -33.14
CA TYR A 90 -5.37 23.73 -32.08
C TYR A 90 -4.24 24.55 -31.46
N PHE A 91 -3.17 23.82 -31.07
CA PHE A 91 -1.99 24.42 -30.47
C PHE A 91 -1.44 25.56 -31.35
N ARG A 92 -1.29 25.31 -32.65
CA ARG A 92 -0.79 26.30 -33.58
C ARG A 92 -1.73 27.50 -33.59
N ILE A 93 -3.04 27.22 -33.63
CA ILE A 93 -4.09 28.25 -33.67
C ILE A 93 -3.99 29.11 -32.42
N PHE A 94 -3.67 28.45 -31.30
CA PHE A 94 -3.54 29.06 -30.01
C PHE A 94 -2.35 30.04 -29.97
N ALA A 95 -1.17 29.54 -30.33
CA ALA A 95 0.07 30.29 -30.32
C ALA A 95 0.05 31.45 -31.32
N LYS A 96 -0.78 31.34 -32.35
CA LYS A 96 -1.02 32.44 -33.30
C LYS A 96 -1.89 33.50 -32.63
N LYS A 97 -2.96 33.05 -31.97
CA LYS A 97 -3.96 33.95 -31.42
C LYS A 97 -3.45 34.66 -30.16
N PHE A 98 -2.38 34.16 -29.54
CA PHE A 98 -1.84 34.80 -28.34
C PHE A 98 -0.39 35.27 -28.57
N ASP A 99 0.06 35.21 -29.82
CA ASP A 99 1.35 35.75 -30.26
C ASP A 99 2.51 35.18 -29.43
N LEU A 100 2.41 33.90 -29.06
CA LEU A 100 3.33 33.31 -28.12
C LEU A 100 4.60 32.82 -28.82
N LEU A 101 4.63 32.97 -30.14
CA LEU A 101 5.66 32.34 -30.94
C LEU A 101 6.96 33.15 -30.84
N LYS A 102 6.81 34.46 -30.63
CA LYS A 102 7.94 35.37 -30.58
C LYS A 102 8.83 35.08 -29.36
N TYR A 103 8.29 34.49 -28.28
CA TYR A 103 9.08 34.21 -27.06
C TYR A 103 9.88 32.91 -27.18
N ILE A 104 9.68 32.18 -28.29
CA ILE A 104 10.25 30.85 -28.45
C ILE A 104 11.60 30.98 -29.17
N GLN A 105 12.65 30.40 -28.57
CA GLN A 105 13.91 30.19 -29.26
C GLN A 105 14.08 28.69 -29.53
N PHE A 106 13.95 28.32 -30.81
CA PHE A 106 14.04 26.93 -31.24
C PHE A 106 15.51 26.51 -31.37
N GLN A 107 15.72 25.20 -31.36
CA GLN A 107 17.04 24.58 -31.53
C GLN A 107 18.02 25.11 -30.46
N THR A 108 17.48 25.70 -29.38
CA THR A 108 18.27 26.09 -28.22
C THR A 108 17.88 25.19 -27.05
N THR A 109 18.79 24.29 -26.67
CA THR A 109 18.57 23.31 -25.61
C THR A 109 19.20 23.80 -24.30
N VAL A 110 18.48 23.58 -23.19
CA VAL A 110 18.87 24.05 -21.87
C VAL A 110 19.72 22.97 -21.19
N LEU A 111 20.98 23.34 -20.94
CA LEU A 111 21.99 22.40 -20.46
C LEU A 111 21.98 22.37 -18.93
N SER A 112 21.86 23.54 -18.29
CA SER A 112 21.84 23.61 -16.83
C SER A 112 20.98 24.78 -16.35
N VAL A 113 20.31 24.56 -15.20
CA VAL A 113 19.62 25.59 -14.47
C VAL A 113 20.17 25.55 -13.05
N LYS A 114 20.99 26.56 -12.74
CA LYS A 114 21.72 26.67 -11.48
C LYS A 114 21.32 27.96 -10.76
N LYS A 115 21.31 27.86 -9.44
CA LYS A 115 20.91 28.92 -8.56
C LYS A 115 22.07 29.91 -8.47
N CYS A 116 21.81 31.20 -8.76
CA CYS A 116 22.73 32.29 -8.33
C CYS A 116 22.58 32.48 -6.83
N PRO A 117 23.37 33.36 -6.17
CA PRO A 117 23.07 33.83 -4.80
C PRO A 117 21.60 34.28 -4.51
N ASP A 118 20.69 33.28 -4.38
CA ASP A 118 19.21 33.42 -4.18
C ASP A 118 18.97 34.42 -3.03
N GLY A 123 16.77 36.59 -6.05
CA GLY A 123 16.09 35.27 -5.92
C GLY A 123 16.01 34.49 -7.22
N GLN A 124 17.12 34.44 -7.98
CA GLN A 124 17.15 34.16 -9.41
C GLN A 124 17.88 32.85 -9.74
N TRP A 125 18.00 32.57 -11.05
CA TRP A 125 18.62 31.34 -11.63
C TRP A 125 19.47 31.67 -12.86
N GLU A 126 20.58 30.93 -12.98
CA GLU A 126 21.48 31.00 -14.12
C GLU A 126 21.28 29.77 -15.02
N ILE A 127 21.15 30.03 -16.32
CA ILE A 127 20.70 29.03 -17.27
C ILE A 127 21.63 29.03 -18.48
N VAL A 128 22.32 27.90 -18.65
CA VAL A 128 23.19 27.67 -19.78
C VAL A 128 22.39 26.97 -20.89
N THR A 129 22.51 27.47 -22.12
CA THR A 129 21.77 26.92 -23.25
C THR A 129 22.64 26.91 -24.51
N GLU A 130 22.94 25.73 -25.04
CA GLU A 130 23.72 25.63 -26.28
C GLU A 130 22.77 25.83 -27.48
N SER A 131 23.27 26.49 -28.53
CA SER A 131 22.55 26.72 -29.76
C SER A 131 23.26 25.97 -30.89
N ASN A 132 23.58 26.66 -31.99
CA ASN A 132 24.42 26.07 -33.04
C ASN A 132 25.86 26.05 -32.53
N GLY A 133 26.20 25.01 -31.76
CA GLY A 133 27.58 24.76 -31.34
C GLY A 133 27.98 25.51 -30.08
N LYS A 134 27.76 26.84 -30.08
CA LYS A 134 28.31 27.72 -29.02
C LYS A 134 27.18 28.12 -28.06
N GLU A 135 27.51 28.16 -26.77
CA GLU A 135 26.55 28.06 -25.66
C GLU A 135 26.56 29.32 -24.78
N GLN A 136 25.55 30.17 -24.95
CA GLN A 136 25.34 31.36 -24.13
C GLN A 136 24.80 30.99 -22.74
N SER A 137 25.00 31.91 -21.79
CA SER A 137 24.45 31.84 -20.45
C SER A 137 23.56 33.06 -20.22
N ALA A 138 22.68 32.99 -19.21
CA ALA A 138 21.79 34.11 -18.88
C ALA A 138 21.14 33.87 -17.51
N VAL A 139 20.37 34.87 -17.07
CA VAL A 139 19.85 34.95 -15.70
C VAL A 139 18.36 35.28 -15.77
N PHE A 140 17.59 34.60 -14.92
CA PHE A 140 16.15 34.77 -14.90
C PHE A 140 15.68 34.82 -13.45
N ASP A 141 14.62 35.60 -13.23
CA ASP A 141 14.06 35.82 -11.92
C ASP A 141 13.32 34.55 -11.46
N ALA A 142 12.73 33.83 -12.43
CA ALA A 142 12.02 32.55 -12.20
C ALA A 142 12.11 31.63 -13.42
N VAL A 143 11.81 30.35 -13.20
CA VAL A 143 11.88 29.35 -14.26
C VAL A 143 10.81 28.27 -14.05
N MET A 144 10.08 27.99 -15.12
CA MET A 144 9.05 26.93 -15.19
C MET A 144 9.52 25.79 -16.10
N VAL A 145 9.66 24.59 -15.52
CA VAL A 145 10.13 23.41 -16.23
C VAL A 145 8.95 22.71 -16.93
N CYS A 146 9.09 22.52 -18.26
CA CYS A 146 8.08 21.93 -19.13
C CYS A 146 8.71 20.95 -20.13
N SER A 147 9.66 20.14 -19.66
CA SER A 147 10.44 19.26 -20.53
C SER A 147 9.82 17.85 -20.64
N GLY A 148 8.64 17.64 -20.04
CA GLY A 148 7.86 16.38 -20.18
C GLY A 148 8.48 15.20 -19.44
N HIS A 149 7.84 14.02 -19.52
CA HIS A 149 8.28 12.86 -18.72
C HIS A 149 7.94 11.51 -19.38
N HIS A 150 7.51 11.56 -20.64
CA HIS A 150 7.23 10.40 -21.48
C HIS A 150 8.32 10.30 -22.57
N ILE A 151 9.57 10.45 -22.12
CA ILE A 151 10.68 10.57 -23.02
C ILE A 151 11.71 9.46 -22.73
N LEU A 152 11.88 9.11 -21.46
CA LEU A 152 12.94 8.21 -21.03
C LEU A 152 12.38 6.80 -20.84
N PRO A 153 12.51 5.89 -21.83
CA PRO A 153 11.85 4.59 -21.76
C PRO A 153 12.32 3.75 -20.58
N HIS A 154 11.37 3.04 -19.95
CA HIS A 154 11.62 2.05 -18.93
C HIS A 154 11.40 0.66 -19.53
N ILE A 155 12.42 -0.21 -19.48
CA ILE A 155 12.37 -1.62 -19.98
C ILE A 155 12.98 -2.53 -18.93
N PRO A 156 12.20 -3.05 -17.96
CA PRO A 156 12.78 -3.86 -16.88
C PRO A 156 13.07 -5.29 -17.36
N LEU A 157 14.12 -5.43 -18.17
CA LEU A 157 14.51 -6.70 -18.78
C LEU A 157 14.85 -7.73 -17.70
N GLN A 158 15.36 -7.25 -16.55
CA GLN A 158 15.77 -8.08 -15.39
C GLN A 158 14.63 -9.01 -14.99
N SER A 159 13.39 -8.52 -15.09
CA SER A 159 12.21 -9.24 -14.61
C SER A 159 11.64 -10.18 -15.69
N PHE A 160 12.21 -10.13 -16.91
CA PHE A 160 11.87 -11.03 -18.03
C PHE A 160 13.06 -11.93 -18.35
N PRO A 161 13.33 -12.96 -17.51
CA PRO A 161 14.48 -13.83 -17.70
C PRO A 161 14.46 -14.58 -19.04
N GLY A 162 15.66 -14.82 -19.58
CA GLY A 162 15.84 -15.54 -20.82
C GLY A 162 15.79 -14.62 -22.03
N ILE A 163 15.46 -13.35 -21.79
CA ILE A 163 15.44 -12.31 -22.82
C ILE A 163 16.77 -12.29 -23.59
N GLU A 164 17.86 -12.57 -22.87
CA GLU A 164 19.23 -12.69 -23.42
C GLU A 164 19.27 -13.77 -24.52
N ARG A 165 18.55 -14.88 -24.27
CA ARG A 165 18.48 -16.03 -25.19
C ARG A 165 17.54 -15.73 -26.38
N PHE A 166 16.47 -14.97 -26.15
CA PHE A 166 15.44 -14.73 -27.19
C PHE A 166 16.11 -14.26 -28.49
N LYS A 167 16.04 -15.12 -29.51
CA LYS A 167 16.35 -14.71 -30.87
C LYS A 167 15.22 -13.79 -31.33
N GLY A 168 15.17 -13.41 -32.61
CA GLY A 168 14.14 -12.49 -33.08
C GLY A 168 14.22 -11.13 -32.42
N GLN A 169 13.24 -10.27 -32.72
CA GLN A 169 13.32 -8.80 -32.56
C GLN A 169 12.53 -8.36 -31.32
N TYR A 170 12.98 -7.26 -30.69
CA TYR A 170 12.20 -6.63 -29.62
C TYR A 170 12.60 -5.16 -29.43
N PHE A 171 11.66 -4.38 -28.87
CA PHE A 171 11.84 -2.95 -28.64
C PHE A 171 10.73 -2.38 -27.75
N HIS A 172 10.82 -1.09 -27.47
CA HIS A 172 9.95 -0.40 -26.55
C HIS A 172 8.92 0.41 -27.33
N SER A 173 7.72 0.53 -26.75
CA SER A 173 6.63 1.35 -27.28
C SER A 173 7.15 2.61 -27.97
N ARG A 174 8.05 3.33 -27.29
CA ARG A 174 8.66 4.58 -27.81
C ARG A 174 9.01 4.42 -29.29
N GLN A 175 9.74 3.34 -29.60
CA GLN A 175 10.34 3.23 -30.91
C GLN A 175 9.30 2.79 -31.97
N TYR A 176 8.09 2.40 -31.57
CA TYR A 176 7.02 2.09 -32.53
C TYR A 176 6.55 3.38 -33.20
N LYS A 177 6.12 3.24 -34.46
CA LYS A 177 5.66 4.35 -35.29
C LYS A 177 4.57 3.88 -36.26
N HIS A 178 4.87 2.82 -37.01
CA HIS A 178 3.98 2.28 -38.02
C HIS A 178 3.88 0.77 -37.89
N PRO A 179 2.75 0.18 -38.29
CA PRO A 179 2.55 -1.27 -38.26
C PRO A 179 3.16 -2.01 -39.46
N GLU A 180 3.21 -1.34 -40.62
CA GLU A 180 3.77 -1.93 -41.82
C GLU A 180 5.22 -2.34 -41.52
N GLY A 181 5.55 -3.58 -41.90
CA GLY A 181 6.82 -4.24 -41.57
C GLY A 181 6.61 -5.49 -40.75
N PHE A 182 5.43 -5.58 -40.10
CA PHE A 182 5.14 -6.64 -39.14
C PHE A 182 4.01 -7.53 -39.66
N GLU A 183 3.79 -7.48 -40.98
CA GLU A 183 2.76 -8.26 -41.63
C GLU A 183 2.99 -9.75 -41.31
N GLY A 184 1.92 -10.40 -40.86
CA GLY A 184 1.90 -11.83 -40.52
C GLY A 184 3.04 -12.27 -39.62
N LYS A 185 3.28 -11.59 -38.51
CA LYS A 185 4.27 -12.09 -37.56
C LYS A 185 3.56 -12.43 -36.24
N ARG A 186 4.27 -13.17 -35.40
CA ARG A 186 3.76 -13.62 -34.11
C ARG A 186 4.29 -12.66 -33.03
N ILE A 187 3.43 -11.77 -32.50
CA ILE A 187 3.88 -10.58 -31.76
C ILE A 187 3.33 -10.54 -30.33
N LEU A 188 4.26 -10.49 -29.38
CA LEU A 188 3.98 -10.39 -27.97
C LEU A 188 4.23 -8.96 -27.54
N VAL A 189 3.19 -8.28 -27.02
CA VAL A 189 3.39 -6.98 -26.42
C VAL A 189 3.18 -7.13 -24.91
N ILE A 190 4.13 -6.55 -24.16
CA ILE A 190 4.14 -6.63 -22.73
C ILE A 190 3.42 -5.41 -22.17
N GLY A 191 2.42 -5.65 -21.31
CA GLY A 191 1.69 -4.61 -20.57
C GLY A 191 0.37 -4.22 -21.24
N ILE A 192 -0.53 -3.64 -20.44
CA ILE A 192 -1.81 -3.12 -20.90
C ILE A 192 -1.84 -1.59 -20.75
N GLY A 193 -0.81 -0.92 -21.28
CA GLY A 193 -0.85 0.53 -21.53
C GLY A 193 -2.03 0.86 -22.44
N ASN A 194 -2.49 2.10 -22.35
CA ASN A 194 -3.33 2.68 -23.39
C ASN A 194 -2.61 2.48 -24.73
N SER A 195 -1.27 2.65 -24.69
CA SER A 195 -0.40 2.51 -25.83
C SER A 195 -0.30 1.06 -26.28
N ALA A 196 0.02 0.15 -25.36
CA ALA A 196 0.05 -1.27 -25.67
C ALA A 196 -1.19 -1.64 -26.48
N SER A 197 -2.36 -1.20 -26.00
CA SER A 197 -3.63 -1.52 -26.60
C SER A 197 -3.69 -0.95 -28.02
N ASP A 198 -3.41 0.34 -28.18
CA ASP A 198 -3.41 0.98 -29.47
C ASP A 198 -2.47 0.21 -30.41
N ILE A 199 -1.30 -0.17 -29.88
CA ILE A 199 -0.28 -0.84 -30.69
C ILE A 199 -0.80 -2.22 -31.07
N ALA A 200 -1.18 -3.01 -30.05
CA ALA A 200 -1.69 -4.35 -30.22
C ALA A 200 -2.75 -4.32 -31.31
N VAL A 201 -3.79 -3.52 -31.09
CA VAL A 201 -4.87 -3.41 -32.03
C VAL A 201 -4.29 -3.18 -33.43
N GLU A 202 -3.45 -2.16 -33.59
CA GLU A 202 -2.97 -1.74 -34.91
C GLU A 202 -2.20 -2.88 -35.59
N LEU A 203 -1.26 -3.49 -34.87
CA LEU A 203 -0.47 -4.60 -35.42
C LEU A 203 -1.38 -5.80 -35.72
N SER A 204 -2.35 -6.04 -34.82
CA SER A 204 -3.21 -7.22 -34.79
C SER A 204 -3.93 -7.45 -36.12
N LYS A 205 -4.30 -6.37 -36.80
CA LYS A 205 -5.08 -6.46 -38.02
C LYS A 205 -4.40 -7.35 -39.05
N LYS A 206 -3.13 -7.04 -39.40
CA LYS A 206 -2.43 -7.71 -40.50
C LYS A 206 -1.40 -8.73 -39.98
N ALA A 207 -1.47 -9.07 -38.69
CA ALA A 207 -0.47 -9.94 -38.05
C ALA A 207 -1.01 -11.36 -37.92
N ALA A 208 -0.09 -12.31 -37.84
CA ALA A 208 -0.41 -13.68 -37.67
C ALA A 208 -1.24 -13.80 -36.38
N GLN A 209 -0.58 -13.45 -35.28
CA GLN A 209 -1.18 -13.37 -33.98
C GLN A 209 -0.55 -12.21 -33.22
N VAL A 210 -1.34 -11.61 -32.32
CA VAL A 210 -0.83 -10.73 -31.31
C VAL A 210 -1.32 -11.23 -29.96
N PHE A 211 -0.37 -11.31 -29.02
CA PHE A 211 -0.65 -11.58 -27.64
C PHE A 211 -0.44 -10.26 -26.90
N ILE A 212 -0.81 -10.23 -25.61
CA ILE A 212 -0.68 -9.05 -24.81
C ILE A 212 -0.68 -9.48 -23.33
N SER A 213 0.50 -9.41 -22.71
CA SER A 213 0.70 -9.94 -21.36
C SER A 213 0.23 -8.93 -20.32
N THR A 214 -0.42 -9.44 -19.25
CA THR A 214 -0.62 -8.73 -17.98
C THR A 214 -0.94 -9.73 -16.86
N ARG A 215 -0.41 -9.46 -15.67
CA ARG A 215 -0.90 -10.13 -14.49
C ARG A 215 -2.21 -9.45 -14.09
N HIS A 216 -2.13 -8.12 -14.03
CA HIS A 216 -3.10 -7.33 -13.34
C HIS A 216 -4.31 -7.12 -14.25
N GLY A 217 -4.05 -6.67 -15.49
CA GLY A 217 -5.06 -6.53 -16.52
C GLY A 217 -6.12 -5.49 -16.16
N SER A 218 -6.24 -4.45 -16.98
CA SER A 218 -7.05 -3.29 -16.69
C SER A 218 -8.52 -3.52 -17.06
N TRP A 219 -9.35 -2.56 -16.64
CA TRP A 219 -10.63 -2.33 -17.24
C TRP A 219 -10.41 -1.56 -18.55
N VAL A 220 -11.08 -2.02 -19.60
CA VAL A 220 -11.10 -1.39 -20.88
C VAL A 220 -12.40 -0.61 -21.03
N MET A 221 -12.30 0.54 -21.70
CA MET A 221 -13.37 1.50 -21.74
C MET A 221 -13.32 2.26 -23.07
N SER A 222 -14.49 2.50 -23.65
CA SER A 222 -14.57 3.22 -24.92
C SER A 222 -14.79 4.69 -24.62
N ARG A 223 -14.35 5.53 -25.56
CA ARG A 223 -14.49 7.00 -25.52
C ARG A 223 -15.95 7.33 -25.70
N ILE A 224 -16.68 6.43 -26.35
CA ILE A 224 -18.12 6.57 -26.50
C ILE A 224 -18.78 6.33 -25.14
N SER A 225 -19.73 7.18 -24.75
CA SER A 225 -20.46 6.98 -23.53
C SER A 225 -21.95 7.19 -23.78
N ASP A 226 -22.69 7.28 -22.66
CA ASP A 226 -24.08 7.61 -22.62
C ASP A 226 -24.44 8.42 -23.85
N ASP A 227 -25.35 7.88 -24.67
CA ASP A 227 -25.98 8.58 -25.81
C ASP A 227 -24.92 9.05 -26.82
N GLY A 228 -23.77 8.38 -26.79
CA GLY A 228 -22.66 8.59 -27.71
C GLY A 228 -21.90 9.88 -27.42
N TYR A 229 -22.07 10.42 -26.21
CA TYR A 229 -21.32 11.57 -25.80
C TYR A 229 -19.98 11.11 -25.25
N PRO A 230 -18.92 11.94 -25.40
CA PRO A 230 -17.58 11.58 -24.93
C PRO A 230 -17.59 11.21 -23.44
N TRP A 231 -16.77 10.22 -23.10
CA TRP A 231 -16.82 9.63 -21.79
C TRP A 231 -16.46 10.66 -20.71
N ASP A 232 -15.55 11.57 -21.04
CA ASP A 232 -15.00 12.42 -20.01
C ASP A 232 -16.10 13.39 -19.50
N MET A 233 -16.98 13.81 -20.39
CA MET A 233 -18.02 14.74 -19.99
C MET A 233 -19.10 14.00 -19.20
N VAL A 234 -19.17 12.68 -19.33
CA VAL A 234 -20.17 11.95 -18.59
C VAL A 234 -19.60 11.61 -17.22
N PHE A 235 -18.30 11.30 -17.17
CA PHE A 235 -17.68 10.82 -15.96
C PHE A 235 -17.22 12.00 -15.08
N HIS A 236 -16.56 13.00 -15.69
CA HIS A 236 -16.04 14.15 -14.93
C HIS A 236 -17.13 15.21 -14.79
N THR A 237 -17.93 15.06 -13.74
CA THR A 237 -19.02 15.97 -13.38
C THR A 237 -18.99 16.12 -11.85
N ARG A 238 -18.97 17.38 -11.39
CA ARG A 238 -18.80 17.73 -9.97
C ARG A 238 -19.56 16.72 -9.11
N PHE A 239 -20.89 16.68 -9.31
CA PHE A 239 -21.80 15.85 -8.53
C PHE A 239 -21.30 14.41 -8.44
N SER A 240 -20.92 13.83 -9.59
CA SER A 240 -20.47 12.46 -9.63
C SER A 240 -19.18 12.28 -8.82
N SER A 241 -18.23 13.21 -8.99
CA SER A 241 -16.92 13.14 -8.31
C SER A 241 -17.11 13.02 -6.81
N MET A 242 -18.07 13.80 -6.28
CA MET A 242 -18.46 13.76 -4.88
C MET A 242 -18.84 12.35 -4.46
N LEU A 243 -19.75 11.72 -5.21
CA LEU A 243 -20.21 10.39 -4.89
C LEU A 243 -19.02 9.42 -4.86
N ARG A 244 -18.08 9.59 -5.80
CA ARG A 244 -16.92 8.72 -5.88
C ARG A 244 -16.07 8.92 -4.62
N ASN A 245 -15.99 10.17 -4.14
CA ASN A 245 -15.19 10.52 -2.97
C ASN A 245 -15.85 10.02 -1.68
N VAL A 246 -17.16 10.25 -1.52
CA VAL A 246 -17.85 10.07 -0.24
C VAL A 246 -18.24 8.59 -0.05
N LEU A 247 -18.84 7.97 -1.08
CA LEU A 247 -19.46 6.67 -0.93
C LEU A 247 -18.41 5.66 -0.49
N PRO A 248 -18.81 4.62 0.27
CA PRO A 248 -17.86 3.61 0.73
C PRO A 248 -17.14 3.05 -0.49
N ARG A 249 -15.85 2.80 -0.34
CA ARG A 249 -15.00 2.53 -1.48
C ARG A 249 -15.57 1.34 -2.26
N THR A 250 -16.07 0.32 -1.54
CA THR A 250 -16.65 -0.84 -2.23
C THR A 250 -17.87 -0.38 -3.04
N VAL A 251 -18.84 0.26 -2.41
CA VAL A 251 -20.01 0.79 -3.13
C VAL A 251 -19.56 1.43 -4.45
N VAL A 252 -18.41 2.10 -4.45
CA VAL A 252 -17.88 2.77 -5.63
C VAL A 252 -17.32 1.72 -6.59
N LYS A 253 -16.48 0.82 -6.07
CA LYS A 253 -15.95 -0.30 -6.86
C LYS A 253 -17.11 -1.13 -7.45
N TRP A 254 -18.12 -1.46 -6.63
CA TRP A 254 -19.33 -2.18 -7.04
C TRP A 254 -19.97 -1.49 -8.25
N MET A 255 -19.80 -0.17 -8.35
CA MET A 255 -20.40 0.64 -9.36
C MET A 255 -19.51 0.67 -10.60
N MET A 256 -18.21 0.90 -10.40
CA MET A 256 -17.28 0.88 -11.53
C MET A 256 -17.45 -0.49 -12.22
N GLU A 257 -17.36 -1.56 -11.44
CA GLU A 257 -17.40 -2.92 -11.97
C GLU A 257 -18.59 -3.06 -12.92
N GLN A 258 -19.78 -2.62 -12.48
CA GLN A 258 -21.00 -2.78 -13.27
C GLN A 258 -20.88 -1.93 -14.53
N GLN A 259 -20.73 -0.62 -14.36
CA GLN A 259 -20.60 0.30 -15.48
C GLN A 259 -19.61 -0.28 -16.50
N MET A 260 -18.41 -0.69 -16.05
CA MET A 260 -17.32 -1.10 -16.96
C MET A 260 -17.71 -2.32 -17.79
N ASN A 261 -18.40 -3.29 -17.16
CA ASN A 261 -18.77 -4.56 -17.77
C ASN A 261 -19.99 -4.44 -18.70
N ARG A 262 -20.76 -3.35 -18.64
CA ARG A 262 -21.85 -3.09 -19.62
C ARG A 262 -21.39 -3.44 -21.04
N TRP A 263 -20.20 -3.00 -21.42
CA TRP A 263 -19.62 -3.24 -22.74
C TRP A 263 -19.43 -4.74 -22.97
N PHE A 264 -18.75 -5.37 -22.03
CA PHE A 264 -18.48 -6.78 -22.13
C PHE A 264 -18.02 -7.30 -20.75
N ASN A 265 -18.21 -8.60 -20.53
CA ASN A 265 -17.79 -9.22 -19.32
C ASN A 265 -16.26 -9.37 -19.38
N HIS A 266 -15.57 -8.68 -18.46
CA HIS A 266 -14.11 -8.64 -18.49
C HIS A 266 -13.51 -9.98 -18.05
N GLU A 267 -14.25 -10.74 -17.24
CA GLU A 267 -13.84 -12.08 -16.84
C GLU A 267 -13.68 -12.95 -18.08
N ASN A 268 -14.70 -12.92 -18.94
CA ASN A 268 -14.80 -13.78 -20.10
C ASN A 268 -13.70 -13.45 -21.11
N TYR A 269 -13.48 -12.14 -21.33
CA TYR A 269 -12.52 -11.64 -22.32
C TYR A 269 -11.10 -11.76 -21.75
N GLY A 270 -11.02 -11.91 -20.43
CA GLY A 270 -9.83 -12.39 -19.76
C GLY A 270 -8.97 -11.27 -19.18
N LEU A 271 -9.52 -10.06 -19.03
CA LEU A 271 -8.69 -9.00 -18.45
C LEU A 271 -9.35 -8.44 -17.17
N GLU A 272 -10.12 -9.30 -16.51
CA GLU A 272 -10.61 -8.98 -15.19
C GLU A 272 -9.42 -8.61 -14.34
N PRO A 273 -9.43 -7.43 -13.68
CA PRO A 273 -8.40 -7.05 -12.71
C PRO A 273 -8.35 -7.89 -11.43
N GLN A 274 -7.22 -7.78 -10.72
CA GLN A 274 -7.03 -8.42 -9.42
C GLN A 274 -7.73 -7.57 -8.35
N ASN A 275 -7.18 -6.39 -8.08
CA ASN A 275 -7.78 -5.44 -7.12
C ASN A 275 -8.65 -4.44 -7.88
N LYS A 276 -9.96 -4.69 -7.82
CA LYS A 276 -10.95 -3.76 -8.31
C LYS A 276 -11.11 -2.64 -7.28
N TYR A 277 -10.55 -2.86 -6.08
CA TYR A 277 -10.46 -1.88 -5.00
C TYR A 277 -9.95 -0.55 -5.56
N LEU A 278 -8.94 -0.62 -6.44
CA LEU A 278 -8.20 0.53 -6.93
C LEU A 278 -9.04 1.32 -7.94
N MET A 279 -8.93 2.66 -7.88
CA MET A 279 -9.45 3.57 -8.89
C MET A 279 -8.36 3.83 -9.95
N LYS A 280 -7.64 2.77 -10.32
CA LYS A 280 -6.57 2.77 -11.32
C LYS A 280 -7.15 3.25 -12.66
N GLU A 281 -6.35 3.98 -13.44
CA GLU A 281 -6.80 4.51 -14.72
C GLU A 281 -7.15 3.35 -15.66
N PRO A 282 -8.39 3.28 -16.18
CA PRO A 282 -8.75 2.27 -17.17
C PRO A 282 -8.18 2.66 -18.54
N VAL A 283 -7.93 1.66 -19.40
CA VAL A 283 -7.43 1.92 -20.74
C VAL A 283 -8.61 2.43 -21.58
N LEU A 284 -8.29 3.27 -22.56
CA LEU A 284 -9.28 3.82 -23.48
C LEU A 284 -8.95 3.38 -24.91
N ASN A 285 -9.67 2.34 -25.33
CA ASN A 285 -9.55 1.79 -26.63
C ASN A 285 -10.94 1.39 -27.07
N ASP A 286 -11.42 1.96 -28.18
CA ASP A 286 -12.72 1.60 -28.70
C ASP A 286 -12.68 0.27 -29.48
N ASP A 287 -11.48 -0.31 -29.67
CA ASP A 287 -11.24 -1.35 -30.66
C ASP A 287 -10.90 -2.68 -29.96
N LEU A 288 -10.34 -2.63 -28.77
CA LEU A 288 -9.69 -3.80 -28.16
C LEU A 288 -10.69 -4.94 -27.96
N PRO A 289 -11.84 -4.74 -27.31
CA PRO A 289 -12.76 -5.86 -27.06
C PRO A 289 -13.12 -6.58 -28.37
N SER A 290 -13.50 -5.81 -29.42
CA SER A 290 -13.82 -6.39 -30.74
C SER A 290 -12.64 -7.20 -31.26
N ARG A 291 -11.45 -6.61 -31.18
CA ARG A 291 -10.31 -7.23 -31.78
C ARG A 291 -9.97 -8.52 -31.02
N LEU A 292 -10.45 -8.65 -29.78
CA LEU A 292 -10.35 -9.89 -29.00
C LEU A 292 -11.36 -10.92 -29.49
N LEU A 293 -12.59 -10.48 -29.81
CA LEU A 293 -13.62 -11.37 -30.35
C LEU A 293 -13.14 -11.98 -31.67
N TYR A 294 -12.61 -11.13 -32.55
CA TYR A 294 -12.10 -11.53 -33.87
C TYR A 294 -10.92 -12.50 -33.71
N GLY A 295 -10.35 -12.52 -32.51
CA GLY A 295 -9.24 -13.40 -32.18
C GLY A 295 -7.92 -12.86 -32.71
N ALA A 296 -7.89 -11.58 -33.08
CA ALA A 296 -6.67 -10.90 -33.58
C ALA A 296 -5.66 -10.77 -32.44
N ILE A 297 -6.19 -10.51 -31.24
CA ILE A 297 -5.43 -10.41 -30.02
C ILE A 297 -5.89 -11.50 -29.03
N LYS A 298 -4.92 -12.16 -28.39
CA LYS A 298 -5.12 -13.04 -27.24
C LYS A 298 -4.50 -12.37 -26.02
N VAL A 299 -5.28 -12.14 -24.95
CA VAL A 299 -4.66 -11.62 -23.73
C VAL A 299 -4.00 -12.82 -23.03
N LYS A 300 -2.99 -12.52 -22.21
CA LYS A 300 -2.23 -13.56 -21.60
C LYS A 300 -1.73 -13.07 -20.24
N SER A 301 -1.41 -14.04 -19.36
CA SER A 301 -0.86 -13.74 -18.06
C SER A 301 0.55 -13.16 -18.24
N ARG A 302 1.23 -12.78 -17.15
CA ARG A 302 2.54 -12.19 -17.30
C ARG A 302 3.47 -13.26 -17.88
N VAL A 303 4.41 -12.82 -18.70
CA VAL A 303 5.49 -13.68 -19.12
C VAL A 303 6.26 -14.09 -17.87
N LYS A 304 6.65 -15.36 -17.79
CA LYS A 304 7.48 -15.85 -16.71
C LYS A 304 8.92 -15.94 -17.19
N GLU A 305 9.13 -16.53 -18.37
CA GLU A 305 10.45 -16.74 -18.92
C GLU A 305 10.36 -16.72 -20.45
N LEU A 306 11.48 -16.33 -21.07
CA LEU A 306 11.64 -16.40 -22.51
C LEU A 306 12.67 -17.47 -22.86
N THR A 307 12.51 -18.01 -24.08
CA THR A 307 13.45 -18.86 -24.74
C THR A 307 13.89 -18.16 -26.03
N GLU A 308 14.52 -18.90 -26.94
CA GLU A 308 15.01 -18.31 -28.18
C GLU A 308 13.83 -18.00 -29.10
N THR A 309 12.81 -18.88 -29.11
CA THR A 309 11.71 -18.77 -30.06
C THR A 309 10.37 -18.59 -29.33
N SER A 310 10.30 -18.86 -28.03
CA SER A 310 9.02 -19.00 -27.36
C SER A 310 8.97 -18.17 -26.07
N ALA A 311 7.81 -18.21 -25.40
CA ALA A 311 7.57 -17.56 -24.13
C ALA A 311 6.79 -18.50 -23.21
N ILE A 312 7.30 -18.70 -22.00
CA ILE A 312 6.55 -19.38 -20.96
C ILE A 312 5.73 -18.29 -20.26
N PHE A 313 4.64 -18.68 -19.58
CA PHE A 313 3.77 -17.71 -18.95
C PHE A 313 3.47 -18.15 -17.52
N GLU A 314 3.03 -17.16 -16.73
CA GLU A 314 2.82 -17.26 -15.28
C GLU A 314 1.71 -18.27 -14.93
N ASP A 315 0.90 -18.68 -15.92
CA ASP A 315 -0.16 -19.67 -15.71
C ASP A 315 0.21 -20.98 -16.41
N GLY A 316 1.50 -21.18 -16.69
CA GLY A 316 2.02 -22.46 -17.18
C GLY A 316 1.90 -22.62 -18.69
N THR A 317 1.12 -21.76 -19.34
CA THR A 317 0.95 -21.86 -20.78
C THR A 317 2.24 -21.41 -21.48
N VAL A 318 2.33 -21.72 -22.77
CA VAL A 318 3.48 -21.42 -23.57
C VAL A 318 3.03 -20.97 -24.96
N GLU A 319 3.77 -20.05 -25.56
CA GLU A 319 3.46 -19.58 -26.90
C GLU A 319 4.70 -19.71 -27.78
N GLU A 320 4.62 -20.64 -28.73
CA GLU A 320 5.72 -21.02 -29.58
C GLU A 320 5.88 -19.94 -30.66
N ASP A 321 7.09 -19.86 -31.22
CA ASP A 321 7.44 -19.06 -32.43
C ASP A 321 6.83 -17.66 -32.35
N ILE A 322 7.41 -16.82 -31.47
CA ILE A 322 7.02 -15.41 -31.29
C ILE A 322 8.15 -14.54 -31.84
N ASP A 323 7.87 -13.84 -32.95
CA ASP A 323 8.88 -13.18 -33.76
C ASP A 323 9.29 -11.85 -33.12
N VAL A 324 8.39 -11.22 -32.36
CA VAL A 324 8.59 -9.85 -31.93
C VAL A 324 7.97 -9.63 -30.54
N ILE A 325 8.79 -9.14 -29.60
CA ILE A 325 8.30 -8.64 -28.32
C ILE A 325 8.25 -7.11 -28.39
N VAL A 326 7.20 -6.51 -27.81
CA VAL A 326 7.15 -5.07 -27.67
C VAL A 326 6.85 -4.73 -26.21
N PHE A 327 7.86 -4.11 -25.60
CA PHE A 327 7.83 -3.66 -24.24
C PHE A 327 7.14 -2.29 -24.21
N ALA A 328 5.83 -2.33 -23.92
CA ALA A 328 5.06 -1.15 -23.59
C ALA A 328 5.03 -1.04 -22.06
N THR A 329 6.23 -0.87 -21.50
CA THR A 329 6.44 -0.93 -20.09
C THR A 329 6.69 0.48 -19.56
N GLY A 330 6.26 1.49 -20.34
CA GLY A 330 6.15 2.85 -19.87
C GLY A 330 7.49 3.54 -19.79
N TYR A 331 7.48 4.74 -19.23
CA TYR A 331 8.65 5.59 -19.17
C TYR A 331 8.96 5.92 -17.71
N THR A 332 10.20 6.33 -17.48
CA THR A 332 10.55 7.06 -16.28
C THR A 332 10.89 8.48 -16.72
N PHE A 333 11.58 9.23 -15.86
CA PHE A 333 11.83 10.64 -16.12
C PHE A 333 13.03 11.13 -15.31
N SER A 334 13.78 12.05 -15.91
CA SER A 334 14.89 12.73 -15.27
C SER A 334 14.86 14.20 -15.67
N PHE A 335 15.56 15.03 -14.90
CA PHE A 335 15.84 16.41 -15.25
C PHE A 335 17.35 16.59 -15.31
N PRO A 336 17.97 16.33 -16.48
CA PRO A 336 19.42 16.23 -16.56
C PRO A 336 20.10 17.61 -16.49
N PHE A 337 19.29 18.68 -16.35
CA PHE A 337 19.79 20.03 -16.27
C PHE A 337 19.46 20.63 -14.89
N LEU A 338 19.34 19.78 -13.86
CA LEU A 338 18.82 20.25 -12.60
C LEU A 338 19.59 19.66 -11.41
N GLU A 339 19.96 20.54 -10.49
CA GLU A 339 20.35 20.20 -9.10
C GLU A 339 19.63 18.90 -8.73
N ASP A 340 20.42 17.85 -8.44
CA ASP A 340 19.92 16.50 -8.16
C ASP A 340 19.06 16.49 -6.88
N SER A 341 19.19 17.51 -6.03
CA SER A 341 18.46 17.62 -4.79
C SER A 341 17.11 18.29 -5.01
N LEU A 342 16.95 18.91 -6.18
CA LEU A 342 15.88 19.87 -6.45
C LEU A 342 14.55 19.12 -6.61
N VAL A 343 14.53 18.17 -7.55
CA VAL A 343 13.38 17.34 -7.81
C VAL A 343 13.67 15.94 -7.26
N LYS A 344 13.57 15.83 -5.94
CA LYS A 344 13.96 14.66 -5.18
C LYS A 344 12.88 13.60 -5.33
N VAL A 345 13.28 12.40 -5.76
CA VAL A 345 12.35 11.34 -6.16
C VAL A 345 12.83 10.02 -5.54
N GLU A 346 12.18 9.62 -4.44
CA GLU A 346 12.70 8.64 -3.48
C GLU A 346 11.55 7.84 -2.86
N ASN A 347 11.73 6.52 -2.74
CA ASN A 347 10.76 5.63 -2.12
C ASN A 347 9.37 5.90 -2.71
N ASN A 348 9.26 5.85 -4.04
CA ASN A 348 7.97 5.96 -4.72
C ASN A 348 7.24 7.24 -4.25
N MET A 349 7.94 8.37 -4.36
CA MET A 349 7.39 9.66 -3.95
C MET A 349 8.26 10.78 -4.52
N VAL A 350 7.63 11.67 -5.28
CA VAL A 350 8.20 12.91 -5.72
C VAL A 350 7.90 13.96 -4.64
N SER A 351 8.96 14.53 -4.05
CA SER A 351 8.83 15.62 -3.11
C SER A 351 8.79 16.94 -3.90
N LEU A 352 7.58 17.26 -4.37
CA LEU A 352 7.23 18.57 -4.91
C LEU A 352 5.86 18.98 -4.38
N TYR A 353 5.77 20.20 -3.82
CA TYR A 353 4.50 20.67 -3.31
C TYR A 353 3.53 20.72 -4.50
N LYS A 354 2.60 19.75 -4.52
CA LYS A 354 1.56 19.68 -5.56
C LYS A 354 2.18 19.51 -6.96
N TYR A 355 3.16 18.60 -7.05
CA TYR A 355 3.77 18.14 -8.30
C TYR A 355 4.37 19.32 -9.07
N MET A 356 4.93 20.27 -8.33
CA MET A 356 5.13 21.60 -8.82
C MET A 356 6.39 22.26 -8.23
N PHE A 357 6.41 22.48 -6.90
CA PHE A 357 7.36 23.40 -6.24
C PHE A 357 8.32 22.64 -5.32
N PRO A 358 9.65 22.70 -5.56
CA PRO A 358 10.62 22.07 -4.66
C PRO A 358 10.58 22.77 -3.30
N PRO A 359 10.18 22.08 -2.22
CA PRO A 359 9.91 22.74 -0.93
C PRO A 359 11.12 23.30 -0.16
N HIS A 360 12.31 22.75 -0.44
CA HIS A 360 13.54 23.11 0.23
C HIS A 360 14.03 24.49 -0.26
N LEU A 361 13.44 25.03 -1.34
CA LEU A 361 13.79 26.37 -1.83
C LEU A 361 13.24 27.41 -0.85
N GLU A 362 13.97 28.51 -0.74
CA GLU A 362 13.75 29.54 0.28
C GLU A 362 13.04 30.73 -0.38
N LYS A 363 13.35 30.98 -1.66
CA LYS A 363 12.58 31.85 -2.51
C LYS A 363 11.83 30.94 -3.49
N PRO A 364 10.49 31.12 -3.68
CA PRO A 364 9.68 30.24 -4.54
C PRO A 364 9.64 30.63 -6.03
N THR A 365 10.76 30.40 -6.71
CA THR A 365 11.08 31.01 -7.99
C THR A 365 11.18 29.95 -9.10
N LEU A 366 10.94 28.67 -8.77
CA LEU A 366 10.99 27.61 -9.79
C LEU A 366 9.95 26.53 -9.47
N ALA A 367 9.29 26.06 -10.54
CA ALA A 367 8.26 25.02 -10.47
C ALA A 367 8.27 24.15 -11.74
N CYS A 368 8.04 22.85 -11.57
CA CYS A 368 7.72 21.92 -12.67
C CYS A 368 6.24 22.00 -13.03
N ILE A 369 5.94 22.17 -14.32
CA ILE A 369 4.57 22.08 -14.80
C ILE A 369 4.44 20.86 -15.72
N GLY A 370 3.40 20.07 -15.48
CA GLY A 370 3.05 18.95 -16.32
C GLY A 370 3.67 17.65 -15.81
N LEU A 371 4.26 17.67 -14.61
CA LEU A 371 4.81 16.45 -14.02
C LEU A 371 3.70 15.82 -13.18
N ILE A 372 2.69 15.33 -13.87
CA ILE A 372 1.46 14.89 -13.25
C ILE A 372 0.67 14.04 -14.26
N GLN A 373 0.02 12.99 -13.77
CA GLN A 373 -0.85 12.18 -14.61
C GLN A 373 -2.23 12.13 -13.98
N PRO A 374 -3.09 13.12 -14.33
CA PRO A 374 -4.45 13.17 -13.79
C PRO A 374 -5.37 12.20 -14.53
N LEU A 375 -6.61 12.09 -14.05
CA LEU A 375 -7.56 11.16 -14.60
C LEU A 375 -8.47 11.88 -15.61
N GLY A 376 -8.21 13.16 -15.85
CA GLY A 376 -8.81 13.90 -16.93
C GLY A 376 -7.74 14.51 -17.80
N SER A 377 -8.12 15.49 -18.62
CA SER A 377 -7.19 16.04 -19.58
C SER A 377 -6.10 16.82 -18.85
N ILE A 378 -4.88 16.70 -19.37
CA ILE A 378 -3.75 17.41 -18.82
C ILE A 378 -3.83 18.89 -19.19
N PHE A 379 -4.48 19.22 -20.30
CA PHE A 379 -4.35 20.57 -20.85
C PHE A 379 -4.95 21.60 -19.89
N PRO A 380 -6.17 21.43 -19.35
CA PRO A 380 -6.69 22.32 -18.31
C PRO A 380 -5.96 22.27 -16.94
N THR A 381 -5.35 21.13 -16.61
CA THR A 381 -4.53 21.01 -15.38
C THR A 381 -3.29 21.91 -15.49
N VAL A 382 -2.53 21.83 -16.59
CA VAL A 382 -1.27 22.60 -16.71
C VAL A 382 -1.57 24.09 -16.90
N GLU A 383 -2.76 24.42 -17.40
CA GLU A 383 -3.19 25.80 -17.50
C GLU A 383 -3.33 26.37 -16.08
N LEU A 384 -4.00 25.61 -15.20
CA LEU A 384 -4.21 26.05 -13.82
C LEU A 384 -2.89 25.99 -13.05
N GLN A 385 -2.10 24.96 -13.32
CA GLN A 385 -0.74 24.84 -12.76
C GLN A 385 0.01 26.16 -13.01
N ALA A 386 -0.16 26.76 -14.20
CA ALA A 386 0.58 27.96 -14.61
C ALA A 386 -0.08 29.23 -14.06
N ARG A 387 -1.40 29.19 -13.82
CA ARG A 387 -2.12 30.35 -13.24
C ARG A 387 -1.66 30.57 -11.78
N TRP A 388 -1.58 29.47 -11.03
CA TRP A 388 -1.01 29.40 -9.67
C TRP A 388 0.43 29.92 -9.65
N VAL A 389 1.24 29.41 -10.57
CA VAL A 389 2.70 29.53 -10.51
C VAL A 389 3.12 30.95 -10.90
N THR A 390 2.55 31.49 -11.98
CA THR A 390 2.87 32.86 -12.37
C THR A 390 2.60 33.78 -11.17
N ARG A 391 1.48 33.54 -10.48
CA ARG A 391 1.02 34.41 -9.40
C ARG A 391 1.90 34.22 -8.15
N VAL A 392 2.40 33.01 -7.92
CA VAL A 392 3.36 32.78 -6.84
C VAL A 392 4.60 33.65 -7.11
N PHE A 393 5.15 33.53 -8.33
CA PHE A 393 6.35 34.23 -8.78
C PHE A 393 6.25 35.74 -8.51
N LYS A 394 5.09 36.33 -8.83
CA LYS A 394 4.85 37.74 -8.65
C LYS A 394 4.63 38.10 -7.17
N GLY A 395 4.30 37.11 -6.34
CA GLY A 395 4.06 37.33 -4.93
C GLY A 395 2.58 37.50 -4.63
N LEU A 396 1.75 37.61 -5.66
CA LEU A 396 0.30 37.67 -5.47
C LEU A 396 -0.19 36.46 -4.67
N CYS A 397 0.58 35.35 -4.73
CA CYS A 397 0.27 34.09 -4.05
C CYS A 397 1.48 33.64 -3.25
N THR A 398 1.24 32.94 -2.14
CA THR A 398 2.31 32.49 -1.23
C THR A 398 2.21 30.99 -0.96
N LEU A 399 3.38 30.33 -0.95
CA LEU A 399 3.50 28.98 -0.46
C LEU A 399 3.39 29.00 1.06
N PRO A 400 3.03 27.88 1.71
CA PRO A 400 3.17 27.76 3.16
C PRO A 400 4.63 27.48 3.57
N SER A 401 4.83 27.08 4.83
CA SER A 401 6.14 26.78 5.37
C SER A 401 6.68 25.51 4.72
N GLU A 402 7.99 25.32 4.82
CA GLU A 402 8.60 24.09 4.33
C GLU A 402 8.02 22.90 5.10
N SER A 403 7.84 23.03 6.42
CA SER A 403 7.34 21.93 7.25
C SER A 403 5.87 21.62 6.94
N THR A 404 5.10 22.63 6.52
CA THR A 404 3.71 22.45 6.11
C THR A 404 3.66 21.75 4.74
N MET A 405 4.57 22.17 3.84
CA MET A 405 4.65 21.67 2.47
C MET A 405 5.11 20.22 2.46
N MET A 406 5.96 19.84 3.43
CA MET A 406 6.42 18.47 3.56
C MET A 406 5.32 17.58 4.17
N ALA A 407 4.43 18.18 4.97
CA ALA A 407 3.35 17.44 5.61
C ALA A 407 2.28 17.10 4.57
N ASP A 408 1.94 18.07 3.72
CA ASP A 408 1.04 17.86 2.57
C ASP A 408 1.60 16.73 1.71
N ILE A 409 2.79 16.95 1.14
CA ILE A 409 3.40 16.02 0.18
C ILE A 409 3.21 14.57 0.66
N ILE A 410 3.59 14.28 1.91
CA ILE A 410 3.44 12.94 2.46
C ILE A 410 1.95 12.56 2.41
N LYS A 411 1.09 13.42 2.95
CA LYS A 411 -0.32 13.10 3.19
C LYS A 411 -1.01 12.85 1.84
N ARG A 412 -0.67 13.65 0.83
CA ARG A 412 -1.16 13.49 -0.53
C ARG A 412 -0.76 12.09 -1.02
N ASN A 413 0.56 11.91 -1.20
CA ASN A 413 1.13 10.70 -1.75
C ASN A 413 0.73 9.46 -0.92
N GLU A 414 0.40 9.65 0.35
CA GLU A 414 -0.08 8.54 1.19
C GLU A 414 -1.49 8.14 0.77
N LYS A 415 -2.39 9.11 0.62
CA LYS A 415 -3.72 8.84 0.11
C LYS A 415 -3.61 8.21 -1.30
N ARG A 416 -2.85 8.89 -2.18
CA ARG A 416 -2.57 8.44 -3.54
C ARG A 416 -2.31 6.93 -3.56
N ILE A 417 -1.51 6.44 -2.61
CA ILE A 417 -1.10 5.03 -2.59
C ILE A 417 -2.33 4.13 -2.35
N ASP A 418 -3.09 4.43 -1.29
CA ASP A 418 -4.26 3.61 -0.93
C ASP A 418 -5.39 3.82 -1.94
N LEU A 419 -5.14 4.60 -2.99
CA LEU A 419 -6.14 4.97 -3.97
C LEU A 419 -5.79 4.42 -5.36
N PHE A 420 -4.50 4.12 -5.59
CA PHE A 420 -4.05 3.67 -6.90
C PHE A 420 -2.99 2.57 -6.79
N GLY A 421 -2.69 2.10 -5.57
CA GLY A 421 -1.64 1.09 -5.34
C GLY A 421 -0.24 1.65 -5.38
N GLU A 422 0.73 0.81 -5.00
CA GLU A 422 2.10 1.21 -4.69
C GLU A 422 3.03 1.10 -5.90
N SER A 423 2.50 0.88 -7.11
CA SER A 423 3.38 0.69 -8.28
C SER A 423 4.00 2.03 -8.68
N GLN A 424 5.25 1.96 -9.14
CA GLN A 424 6.02 3.12 -9.56
C GLN A 424 5.62 3.53 -10.98
N SER A 425 4.38 3.17 -11.37
CA SER A 425 3.77 3.64 -12.58
C SER A 425 2.56 4.51 -12.24
N GLN A 426 2.41 4.84 -10.96
CA GLN A 426 1.30 5.65 -10.50
C GLN A 426 1.78 6.83 -9.64
N ILE A 427 3.11 7.04 -9.57
CA ILE A 427 3.68 8.12 -8.76
C ILE A 427 2.81 9.39 -8.93
N LEU A 428 2.49 9.71 -10.20
CA LEU A 428 1.91 11.00 -10.57
C LEU A 428 0.39 10.92 -10.74
N GLN A 429 -0.22 9.77 -10.44
CA GLN A 429 -1.65 9.62 -10.58
C GLN A 429 -2.36 10.56 -9.58
N THR A 430 -3.46 11.16 -10.01
CA THR A 430 -4.20 12.08 -9.17
C THR A 430 -5.63 12.25 -9.67
N ASN A 431 -6.59 12.30 -8.73
CA ASN A 431 -7.97 12.61 -9.07
C ASN A 431 -8.00 13.96 -9.82
N TYR A 432 -8.96 14.09 -10.73
CA TYR A 432 -8.95 15.14 -11.75
C TYR A 432 -9.51 16.45 -11.16
N ILE A 433 -10.81 16.44 -10.84
CA ILE A 433 -11.52 17.66 -10.47
C ILE A 433 -10.90 18.20 -9.18
N ASP A 434 -10.77 17.32 -8.20
CA ASP A 434 -10.27 17.66 -6.87
C ASP A 434 -9.04 18.57 -7.04
N TYR A 435 -8.12 18.15 -7.92
CA TYR A 435 -6.85 18.85 -8.16
C TYR A 435 -7.09 20.20 -8.86
N LEU A 436 -7.94 20.22 -9.89
CA LEU A 436 -8.33 21.46 -10.56
C LEU A 436 -8.78 22.46 -9.49
N ASP A 437 -9.61 21.95 -8.55
CA ASP A 437 -10.15 22.75 -7.46
C ASP A 437 -8.99 23.26 -6.59
N GLU A 438 -8.12 22.36 -6.14
CA GLU A 438 -6.95 22.73 -5.38
C GLU A 438 -6.31 23.98 -6.00
N LEU A 439 -6.01 23.92 -7.30
CA LEU A 439 -5.22 24.96 -7.97
C LEU A 439 -6.04 26.25 -8.08
N ALA A 440 -7.34 26.09 -8.32
CA ALA A 440 -8.23 27.22 -8.53
C ALA A 440 -8.45 27.97 -7.22
N LEU A 441 -8.48 27.24 -6.09
CA LEU A 441 -8.66 27.81 -4.75
C LEU A 441 -7.51 28.77 -4.44
N GLU A 442 -6.30 28.24 -4.60
CA GLU A 442 -5.03 28.93 -4.38
C GLU A 442 -5.01 30.30 -5.06
N ILE A 443 -5.76 30.49 -6.15
CA ILE A 443 -5.86 31.79 -6.83
C ILE A 443 -7.31 32.32 -6.80
N GLY A 444 -8.19 31.64 -6.04
CA GLY A 444 -9.61 31.98 -5.84
C GLY A 444 -10.41 32.13 -7.14
N ALA A 445 -10.30 31.11 -8.00
CA ALA A 445 -11.05 31.04 -9.27
C ALA A 445 -12.05 29.88 -9.24
N LYS A 446 -11.89 28.98 -8.26
CA LYS A 446 -12.86 27.97 -7.93
C LYS A 446 -14.20 28.65 -7.65
N PRO A 447 -15.24 28.45 -8.50
CA PRO A 447 -16.57 28.94 -8.19
C PRO A 447 -17.10 28.34 -6.88
N ASP A 448 -17.76 29.17 -6.07
CA ASP A 448 -18.58 28.71 -4.96
C ASP A 448 -20.00 28.57 -5.49
N LEU A 449 -20.48 27.33 -5.49
CA LEU A 449 -21.73 26.96 -6.14
C LEU A 449 -22.91 27.34 -5.24
N LEU A 450 -22.75 27.06 -3.93
CA LEU A 450 -23.73 27.39 -2.91
C LEU A 450 -24.15 28.86 -3.08
N SER A 451 -23.16 29.75 -3.13
CA SER A 451 -23.38 31.18 -3.36
C SER A 451 -24.04 31.41 -4.71
N LEU A 452 -23.46 30.70 -5.68
CA LEU A 452 -23.84 30.76 -7.11
C LEU A 452 -25.15 30.01 -7.28
N LEU A 453 -25.99 29.98 -6.24
CA LEU A 453 -27.29 29.30 -6.41
C LEU A 453 -28.37 30.35 -6.21
N LEU A 454 -28.05 31.40 -5.45
CA LEU A 454 -29.02 32.49 -5.22
C LEU A 454 -29.00 33.39 -6.46
N LYS A 455 -27.87 33.38 -7.17
CA LYS A 455 -27.76 34.07 -8.47
C LYS A 455 -27.50 32.95 -9.50
N ASP A 456 -28.06 33.09 -10.69
CA ASP A 456 -27.91 32.20 -11.85
C ASP A 456 -28.04 30.76 -11.41
N PRO A 457 -29.23 30.31 -10.93
CA PRO A 457 -29.39 28.92 -10.51
C PRO A 457 -29.31 27.96 -11.71
N LYS A 458 -29.56 28.48 -12.92
CA LYS A 458 -29.30 27.76 -14.17
C LYS A 458 -27.84 27.31 -14.19
N LEU A 459 -26.91 28.28 -14.03
CA LEU A 459 -25.48 28.00 -14.02
C LEU A 459 -25.14 27.05 -12.87
N ALA A 460 -25.57 27.42 -11.67
CA ALA A 460 -25.33 26.66 -10.46
C ALA A 460 -25.60 25.17 -10.71
N MET A 461 -26.72 24.87 -11.35
CA MET A 461 -27.11 23.48 -11.67
C MET A 461 -26.10 22.90 -12.67
N LYS A 462 -25.94 23.63 -13.78
CA LYS A 462 -25.18 23.21 -14.92
C LYS A 462 -23.75 22.87 -14.49
N LEU A 463 -23.23 23.65 -13.55
CA LEU A 463 -21.84 23.53 -13.09
C LEU A 463 -21.68 22.28 -12.24
N TYR A 464 -22.72 21.98 -11.44
CA TYR A 464 -22.63 20.92 -10.48
C TYR A 464 -22.94 19.58 -11.18
N PHE A 465 -24.13 19.54 -11.81
CA PHE A 465 -24.70 18.29 -12.31
C PHE A 465 -24.21 17.97 -13.72
N GLY A 466 -23.95 19.03 -14.50
CA GLY A 466 -23.44 18.91 -15.85
C GLY A 466 -21.94 18.64 -15.87
N PRO A 467 -21.30 18.78 -17.05
CA PRO A 467 -19.92 18.38 -17.22
C PRO A 467 -19.02 19.53 -16.76
N CYS A 468 -17.99 19.19 -16.02
CA CYS A 468 -17.07 20.15 -15.43
C CYS A 468 -16.00 20.59 -16.45
N ASN A 469 -16.26 21.65 -17.20
CA ASN A 469 -15.37 22.14 -18.26
C ASN A 469 -14.24 22.98 -17.64
N SER A 470 -13.23 23.27 -18.45
CA SER A 470 -12.19 24.21 -18.10
C SER A 470 -12.80 25.61 -17.92
N TYR A 471 -13.83 25.91 -18.72
CA TYR A 471 -14.51 27.21 -18.71
C TYR A 471 -14.89 27.64 -17.29
N GLN A 472 -15.40 26.72 -16.48
CA GLN A 472 -15.90 26.98 -15.12
C GLN A 472 -14.97 27.90 -14.33
N TYR A 473 -13.66 27.73 -14.54
CA TYR A 473 -12.67 28.35 -13.71
C TYR A 473 -12.43 29.83 -14.13
N ARG A 474 -12.93 30.25 -15.30
CA ARG A 474 -12.84 31.65 -15.73
C ARG A 474 -14.16 32.40 -15.43
N LEU A 475 -14.86 31.95 -14.38
CA LEU A 475 -16.14 32.55 -13.98
C LEU A 475 -15.91 33.61 -12.90
N VAL A 476 -15.01 33.30 -11.96
CA VAL A 476 -14.72 34.16 -10.83
C VAL A 476 -13.19 34.29 -10.71
N GLY A 477 -12.78 35.10 -9.72
CA GLY A 477 -11.39 35.28 -9.39
C GLY A 477 -10.68 36.08 -10.48
N PRO A 478 -9.33 36.00 -10.54
CA PRO A 478 -8.56 36.77 -11.52
C PRO A 478 -8.65 36.18 -12.93
N GLY A 479 -8.19 36.96 -13.92
CA GLY A 479 -8.25 36.62 -15.34
C GLY A 479 -9.55 35.91 -15.71
N GLN A 480 -10.58 36.68 -16.06
CA GLN A 480 -11.84 36.10 -16.43
C GLN A 480 -12.01 36.16 -17.94
N TRP A 481 -13.01 35.41 -18.41
CA TRP A 481 -13.49 35.40 -19.76
C TRP A 481 -15.01 35.63 -19.67
N GLU A 482 -15.53 36.56 -20.49
CA GLU A 482 -16.96 36.76 -20.56
C GLU A 482 -17.59 35.51 -21.20
N GLY A 483 -17.04 35.12 -22.36
CA GLY A 483 -17.41 33.89 -23.03
C GLY A 483 -17.04 32.69 -22.17
N ALA A 484 -17.75 32.57 -21.05
CA ALA A 484 -17.54 31.53 -20.08
C ALA A 484 -18.91 30.99 -19.68
N ARG A 485 -19.78 31.88 -19.24
CA ARG A 485 -21.18 31.54 -19.15
C ARG A 485 -21.59 31.02 -20.53
N ASN A 486 -21.21 31.77 -21.56
CA ASN A 486 -21.67 31.49 -22.91
C ASN A 486 -21.18 30.14 -23.40
N ALA A 487 -19.85 29.96 -23.32
CA ALA A 487 -19.21 28.71 -23.73
C ALA A 487 -19.94 27.51 -23.12
N ILE A 488 -20.13 27.56 -21.80
CA ILE A 488 -20.71 26.46 -21.04
C ILE A 488 -22.11 26.13 -21.58
N PHE A 489 -22.90 27.18 -21.83
CA PHE A 489 -24.30 27.02 -22.20
C PHE A 489 -24.43 26.41 -23.61
N THR A 490 -23.45 26.72 -24.47
CA THR A 490 -23.51 26.36 -25.88
C THR A 490 -22.60 25.18 -26.23
N GLN A 491 -22.11 24.43 -25.26
CA GLN A 491 -21.11 23.41 -25.60
C GLN A 491 -21.78 22.32 -26.45
N LYS A 492 -23.01 21.97 -26.10
CA LYS A 492 -23.73 20.90 -26.81
C LYS A 492 -23.69 21.17 -28.32
N GLN A 493 -23.83 22.44 -28.69
CA GLN A 493 -23.78 22.86 -30.10
C GLN A 493 -22.43 22.47 -30.70
N ARG A 494 -21.34 22.84 -30.05
CA ARG A 494 -19.98 22.67 -30.61
C ARG A 494 -19.61 21.18 -30.61
N ILE A 495 -20.28 20.39 -29.76
CA ILE A 495 -20.12 18.93 -29.75
C ILE A 495 -20.81 18.34 -30.97
N LEU A 496 -22.08 18.67 -31.17
CA LEU A 496 -22.88 18.06 -32.23
C LEU A 496 -22.44 18.59 -33.58
N LYS A 497 -21.81 19.77 -33.63
CA LYS A 497 -21.57 20.47 -34.89
C LYS A 497 -20.77 19.59 -35.85
N PRO A 498 -19.66 18.95 -35.41
CA PRO A 498 -18.92 18.06 -36.30
C PRO A 498 -19.50 16.64 -36.48
N LEU A 499 -20.58 16.33 -35.73
CA LEU A 499 -21.20 14.98 -35.71
C LEU A 499 -22.45 14.96 -36.61
N LYS A 500 -23.48 15.70 -36.16
CA LYS A 500 -24.76 15.80 -36.80
C LYS A 500 -24.54 16.57 -38.11
N THR A 501 -24.14 15.81 -39.12
CA THR A 501 -23.62 16.29 -40.37
C THR A 501 -24.57 15.82 -41.49
N ARG A 502 -25.59 15.09 -41.05
CA ARG A 502 -26.74 14.58 -41.84
C ARG A 502 -27.95 14.81 -40.93
N ALA A 503 -29.06 15.29 -41.46
CA ALA A 503 -30.14 15.76 -40.60
C ALA A 503 -31.49 15.49 -41.27
N LEU A 504 -32.49 15.12 -40.46
CA LEU A 504 -33.73 14.54 -40.96
C LEU A 504 -34.74 15.64 -41.31
N LYS A 505 -34.99 16.57 -40.39
CA LYS A 505 -36.02 17.65 -40.56
C LYS A 505 -37.42 17.04 -40.40
N ALA A 506 -37.96 17.11 -39.17
CA ALA A 506 -39.15 16.34 -38.75
C ALA A 506 -39.48 16.72 -37.29
N SER A 507 -40.65 17.31 -37.09
CA SER A 507 -41.21 17.63 -35.76
C SER A 507 -41.98 16.40 -35.25
N SER A 508 -41.33 15.59 -34.41
CA SER A 508 -41.78 14.24 -34.06
C SER A 508 -42.79 14.28 -32.91
N ASN A 509 -44.04 13.87 -33.22
CA ASN A 509 -45.20 13.81 -32.29
C ASN A 509 -45.73 12.37 -32.25
N PHE A 510 -46.17 11.88 -33.42
CA PHE A 510 -46.86 10.58 -33.60
C PHE A 510 -45.88 9.47 -34.00
N PRO A 511 -45.05 9.60 -35.08
CA PRO A 511 -44.14 8.53 -35.48
C PRO A 511 -43.04 8.17 -34.45
N VAL A 512 -42.44 9.17 -33.78
CA VAL A 512 -41.23 8.94 -32.97
C VAL A 512 -40.99 10.09 -31.97
N SER A 513 -41.70 10.07 -30.85
CA SER A 513 -41.46 11.00 -29.74
C SER A 513 -41.70 10.26 -28.42
N PHE A 514 -40.86 9.25 -28.19
CA PHE A 514 -41.16 8.15 -27.25
C PHE A 514 -41.37 8.71 -25.83
N LEU A 515 -40.28 9.05 -25.11
CA LEU A 515 -40.34 9.43 -23.69
C LEU A 515 -40.60 10.94 -23.56
N LEU A 516 -41.32 11.50 -24.55
CA LEU A 516 -41.77 12.91 -24.54
C LEU A 516 -43.05 13.02 -23.68
N LYS A 517 -44.07 12.22 -24.04
CA LYS A 517 -45.36 12.18 -23.32
C LYS A 517 -45.32 11.14 -22.18
N ILE A 518 -44.42 10.15 -22.29
CA ILE A 518 -44.21 9.13 -21.22
C ILE A 518 -43.56 9.79 -19.99
N LEU A 519 -42.84 10.89 -20.21
CA LEU A 519 -42.28 11.75 -19.15
C LEU A 519 -43.36 12.69 -18.60
N GLY A 520 -44.12 13.33 -19.50
CA GLY A 520 -45.30 14.15 -19.16
C GLY A 520 -46.30 13.40 -18.28
N LEU A 521 -46.51 12.11 -18.61
CA LEU A 521 -47.47 11.20 -17.95
C LEU A 521 -47.02 10.84 -16.53
N LEU A 522 -45.82 10.25 -16.41
CA LEU A 522 -45.28 9.75 -15.11
C LEU A 522 -45.04 10.90 -14.13
N ALA A 523 -44.83 12.12 -14.64
CA ALA A 523 -44.68 13.35 -13.82
C ALA A 523 -46.04 13.83 -13.32
N VAL A 524 -47.04 13.80 -14.21
CA VAL A 524 -48.44 14.10 -13.86
C VAL A 524 -49.00 12.99 -12.95
N VAL A 525 -48.60 11.73 -13.19
CA VAL A 525 -49.08 10.56 -12.44
C VAL A 525 -48.53 10.58 -11.01
N VAL A 526 -47.42 11.30 -10.80
CA VAL A 526 -46.88 11.55 -9.45
C VAL A 526 -47.40 12.89 -8.92
N ALA A 527 -47.91 13.75 -9.82
CA ALA A 527 -48.72 14.91 -9.44
C ALA A 527 -50.13 14.45 -9.02
N PHE A 528 -50.49 13.18 -9.31
CA PHE A 528 -51.72 12.53 -8.81
C PHE A 528 -51.44 11.75 -7.51
N PHE A 529 -50.33 11.00 -7.49
CA PHE A 529 -49.82 10.31 -6.28
C PHE A 529 -49.85 11.29 -5.09
N PHE A 530 -49.14 12.42 -5.23
CA PHE A 530 -48.80 13.31 -4.10
C PHE A 530 -50.00 14.19 -3.70
N GLN A 531 -50.97 14.41 -4.60
CA GLN A 531 -52.04 15.38 -4.32
C GLN A 531 -53.24 14.72 -3.62
N LEU A 532 -53.63 13.51 -4.04
CA LEU A 532 -54.95 12.90 -3.70
C LEU A 532 -54.95 12.37 -2.26
N GLN A 533 -54.73 13.27 -1.29
CA GLN A 533 -54.64 12.93 0.15
C GLN A 533 -55.68 13.71 0.99
N TRP A 534 -56.46 14.60 0.37
CA TRP A 534 -57.50 15.39 1.04
C TRP A 534 -58.91 15.00 0.55
N PHE A 535 -59.02 14.32 -0.62
CA PHE A 535 -60.31 13.83 -1.24
C PHE A 535 -61.19 13.14 -0.18
N ALA B 2 6.15 -37.30 -2.88
CA ALA B 2 5.54 -36.54 -1.73
C ALA B 2 4.76 -35.33 -2.27
N LYS B 3 3.62 -35.04 -1.63
CA LYS B 3 2.68 -34.01 -2.09
C LYS B 3 1.83 -33.56 -0.91
N LYS B 4 0.99 -34.46 -0.41
CA LYS B 4 0.11 -34.19 0.71
C LYS B 4 0.94 -34.22 2.01
N VAL B 5 1.13 -33.02 2.60
CA VAL B 5 1.94 -32.78 3.81
C VAL B 5 1.05 -32.31 4.96
N ALA B 6 1.35 -32.80 6.16
CA ALA B 6 0.64 -32.42 7.37
C ALA B 6 1.55 -31.56 8.25
N VAL B 7 1.00 -30.46 8.79
CA VAL B 7 1.71 -29.63 9.74
C VAL B 7 0.84 -29.51 11.00
N ILE B 8 1.39 -30.01 12.11
CA ILE B 8 0.71 -30.03 13.39
C ILE B 8 0.88 -28.64 14.05
N GLY B 9 -0.19 -27.84 14.07
CA GLY B 9 -0.22 -26.58 14.80
C GLY B 9 0.05 -25.39 13.90
N ALA B 10 -0.71 -24.30 14.13
CA ALA B 10 -0.58 -23.05 13.41
C ALA B 10 0.27 -22.07 14.23
N GLY B 11 1.32 -22.61 14.86
CA GLY B 11 2.29 -21.80 15.53
C GLY B 11 2.99 -20.89 14.53
N VAL B 12 4.14 -20.36 14.94
CA VAL B 12 5.03 -19.68 14.01
C VAL B 12 5.61 -20.73 13.08
N SER B 13 5.98 -21.86 13.70
CA SER B 13 6.60 -22.97 13.03
C SER B 13 5.65 -23.58 12.00
N GLY B 14 4.40 -23.84 12.40
CA GLY B 14 3.35 -24.21 11.43
C GLY B 14 3.23 -23.22 10.27
N LEU B 15 3.06 -21.95 10.60
CA LEU B 15 2.78 -20.91 9.61
C LEU B 15 3.92 -20.78 8.58
N ILE B 16 5.16 -21.01 8.99
CA ILE B 16 6.31 -20.81 8.10
C ILE B 16 6.45 -22.06 7.22
N SER B 17 6.33 -23.24 7.84
CA SER B 17 6.41 -24.47 7.07
C SER B 17 5.27 -24.48 6.04
N LEU B 18 4.05 -24.20 6.50
CA LEU B 18 2.89 -24.05 5.62
C LEU B 18 3.32 -23.28 4.38
N LYS B 19 3.98 -22.14 4.59
CA LYS B 19 4.44 -21.29 3.51
C LYS B 19 5.59 -21.94 2.73
N CYS B 20 6.59 -22.48 3.42
CA CYS B 20 7.77 -23.11 2.78
C CYS B 20 7.34 -24.27 1.88
N CYS B 21 6.21 -24.91 2.23
CA CYS B 21 5.58 -25.93 1.40
C CYS B 21 5.15 -25.35 0.05
N VAL B 22 4.20 -24.42 0.08
CA VAL B 22 3.63 -23.90 -1.16
C VAL B 22 4.78 -23.37 -2.03
N ASP B 23 5.91 -23.01 -1.42
CA ASP B 23 7.06 -22.51 -2.15
C ASP B 23 7.77 -23.66 -2.89
N GLU B 24 7.73 -24.87 -2.34
CA GLU B 24 8.30 -26.06 -3.00
C GLU B 24 7.18 -26.83 -3.72
N GLY B 25 6.00 -26.21 -3.80
CA GLY B 25 4.86 -26.73 -4.55
C GLY B 25 4.22 -27.96 -3.92
N LEU B 26 4.44 -28.19 -2.62
CA LEU B 26 3.71 -29.25 -1.89
C LEU B 26 2.32 -28.69 -1.57
N GLU B 27 1.38 -29.59 -1.24
CA GLU B 27 0.02 -29.21 -0.91
C GLU B 27 -0.20 -29.62 0.54
N PRO B 28 -0.17 -28.64 1.47
CA PRO B 28 -0.20 -28.92 2.91
C PRO B 28 -1.57 -28.77 3.59
N THR B 29 -1.71 -29.42 4.75
CA THR B 29 -2.89 -29.33 5.59
C THR B 29 -2.45 -29.06 7.03
N CYS B 30 -2.95 -27.96 7.60
CA CYS B 30 -2.57 -27.54 8.93
C CYS B 30 -3.67 -27.87 9.93
N PHE B 31 -3.27 -28.49 11.04
CA PHE B 31 -4.18 -28.81 12.11
C PHE B 31 -3.87 -27.92 13.32
N GLU B 32 -4.83 -27.10 13.74
CA GLU B 32 -4.69 -26.22 14.88
C GLU B 32 -5.70 -26.61 15.97
N ARG B 33 -5.18 -26.96 17.16
CA ARG B 33 -6.00 -27.34 18.36
C ARG B 33 -7.01 -26.22 18.64
N THR B 34 -6.58 -24.96 18.52
CA THR B 34 -7.35 -23.78 18.94
C THR B 34 -8.09 -23.16 17.74
N GLU B 35 -8.57 -21.94 17.92
CA GLU B 35 -9.49 -21.27 17.02
C GLU B 35 -8.72 -20.25 16.17
N ASP B 36 -7.40 -20.14 16.36
CA ASP B 36 -6.62 -19.11 15.69
C ASP B 36 -5.11 -19.43 15.71
N ILE B 37 -4.38 -18.67 14.90
CA ILE B 37 -2.96 -18.78 14.67
C ILE B 37 -2.18 -18.04 15.78
N GLY B 38 -0.85 -18.24 15.74
CA GLY B 38 0.13 -17.57 16.58
C GLY B 38 0.72 -18.51 17.62
N GLY B 39 -0.10 -19.48 18.04
CA GLY B 39 0.21 -20.24 19.20
C GLY B 39 0.54 -19.30 20.34
N LEU B 40 1.75 -19.46 20.90
CA LEU B 40 2.16 -18.86 22.20
C LEU B 40 1.84 -17.36 22.23
N TRP B 41 2.10 -16.67 21.11
CA TRP B 41 2.10 -15.23 20.98
C TRP B 41 0.70 -14.62 20.89
N ARG B 42 -0.33 -15.45 20.72
CA ARG B 42 -1.71 -14.99 20.84
C ARG B 42 -2.00 -14.93 22.33
N PHE B 43 -2.12 -13.74 22.89
CA PHE B 43 -2.39 -13.63 24.31
C PHE B 43 -3.86 -13.95 24.54
N LYS B 44 -4.13 -14.77 25.55
CA LYS B 44 -5.47 -14.98 26.02
C LYS B 44 -5.43 -14.89 27.54
N GLU B 45 -6.58 -14.59 28.11
CA GLU B 45 -6.71 -14.11 29.44
C GLU B 45 -6.61 -15.32 30.37
N ASN B 46 -7.30 -16.41 29.98
CA ASN B 46 -7.24 -17.72 30.66
C ASN B 46 -6.12 -18.56 30.07
N VAL B 47 -5.61 -19.53 30.85
CA VAL B 47 -4.59 -20.47 30.38
C VAL B 47 -5.27 -21.70 29.78
N GLU B 48 -5.40 -21.73 28.46
CA GLU B 48 -6.11 -22.82 27.78
C GLU B 48 -5.11 -23.96 27.54
N ASP B 49 -5.58 -25.19 27.80
CA ASP B 49 -4.76 -26.41 27.74
C ASP B 49 -4.26 -26.66 26.32
N GLY B 50 -3.12 -27.34 26.20
CA GLY B 50 -2.48 -27.69 24.94
C GLY B 50 -1.88 -26.51 24.18
N ARG B 51 -2.05 -25.28 24.69
CA ARG B 51 -1.39 -24.11 24.12
C ARG B 51 -0.57 -23.40 25.19
N ALA B 52 0.54 -22.81 24.76
CA ALA B 52 1.43 -22.09 25.64
C ALA B 52 0.80 -20.75 26.01
N SER B 53 0.84 -20.42 27.32
CA SER B 53 0.39 -19.13 27.85
C SER B 53 1.55 -18.13 27.92
N ILE B 54 1.21 -16.85 27.76
CA ILE B 54 2.10 -15.76 28.10
C ILE B 54 1.34 -14.79 28.99
N TYR B 55 2.10 -14.13 29.89
CA TYR B 55 1.66 -12.96 30.62
C TYR B 55 1.41 -11.84 29.62
N GLN B 56 0.62 -10.83 30.01
CA GLN B 56 0.00 -9.94 29.04
C GLN B 56 1.04 -8.96 28.46
N SER B 57 2.16 -8.78 29.17
CA SER B 57 3.00 -7.60 28.95
C SER B 57 4.30 -7.95 28.20
N VAL B 58 4.40 -9.17 27.65
CA VAL B 58 5.65 -9.71 27.09
C VAL B 58 6.05 -8.89 25.86
N ILE B 59 7.35 -8.64 25.76
CA ILE B 59 7.89 -7.94 24.59
C ILE B 59 8.92 -8.87 23.96
N THR B 60 9.12 -8.78 22.66
CA THR B 60 10.11 -9.62 21.95
C THR B 60 11.51 -9.28 22.48
N ASN B 61 12.41 -10.25 22.58
CA ASN B 61 13.78 -9.91 23.03
C ASN B 61 14.75 -10.01 21.86
N THR B 62 14.24 -9.78 20.65
CA THR B 62 15.03 -9.77 19.40
C THR B 62 14.44 -8.76 18.42
N SER B 63 15.34 -8.00 17.76
CA SER B 63 15.03 -6.92 16.82
C SER B 63 14.10 -7.45 15.72
N LYS B 64 13.32 -6.56 15.10
CA LYS B 64 12.46 -6.89 13.96
C LYS B 64 13.27 -7.19 12.70
N GLU B 65 14.37 -6.47 12.47
CA GLU B 65 15.17 -6.67 11.27
C GLU B 65 16.15 -7.83 11.51
N MET B 66 16.25 -8.31 12.74
CA MET B 66 17.08 -9.45 13.03
C MET B 66 16.24 -10.70 13.21
N SER B 67 14.92 -10.59 13.04
CA SER B 67 14.09 -11.73 13.37
C SER B 67 12.85 -11.81 12.47
N CYS B 68 12.86 -11.10 11.33
CA CYS B 68 11.80 -11.26 10.34
C CYS B 68 12.16 -12.44 9.42
N PHE B 69 11.16 -12.93 8.67
CA PHE B 69 11.38 -13.98 7.70
C PHE B 69 12.21 -13.40 6.55
N SER B 70 13.12 -14.23 6.02
CA SER B 70 14.20 -13.87 5.07
C SER B 70 13.71 -13.09 3.84
N ASP B 71 12.40 -13.15 3.57
CA ASP B 71 11.84 -12.53 2.40
C ASP B 71 10.60 -11.70 2.76
N PHE B 72 10.49 -11.28 4.02
CA PHE B 72 9.32 -10.49 4.44
C PHE B 72 9.69 -9.57 5.59
N PRO B 73 10.43 -8.47 5.31
CA PRO B 73 10.73 -7.48 6.33
C PRO B 73 9.44 -7.06 7.04
N MET B 74 9.60 -6.75 8.32
CA MET B 74 8.56 -6.20 9.09
C MET B 74 8.27 -4.80 8.54
N PRO B 75 6.99 -4.36 8.54
CA PRO B 75 6.65 -3.01 8.07
C PRO B 75 7.59 -1.97 8.70
N GLU B 76 7.89 -0.90 7.98
CA GLU B 76 8.89 0.06 8.44
C GLU B 76 8.41 0.70 9.76
N HIS B 77 7.09 0.93 9.85
CA HIS B 77 6.47 1.65 10.94
C HIS B 77 6.34 0.78 12.21
N PHE B 78 6.91 -0.43 12.21
CA PHE B 78 6.88 -1.27 13.40
C PHE B 78 8.04 -0.89 14.32
N PRO B 79 7.85 -1.03 15.65
CA PRO B 79 8.95 -0.80 16.61
C PRO B 79 9.98 -1.92 16.48
N ASN B 80 11.17 -1.75 17.04
CA ASN B 80 12.27 -2.66 16.79
C ASN B 80 12.14 -3.87 17.71
N PHE B 81 11.68 -3.64 18.95
CA PHE B 81 11.19 -4.73 19.78
C PHE B 81 9.68 -4.58 19.92
N LEU B 82 9.00 -5.72 20.10
CA LEU B 82 7.60 -5.86 19.78
C LEU B 82 6.81 -6.33 20.99
N HIS B 83 5.66 -5.69 21.23
CA HIS B 83 4.67 -6.27 22.12
C HIS B 83 4.14 -7.55 21.47
N ASN B 84 3.76 -8.53 22.29
CA ASN B 84 3.16 -9.75 21.80
C ASN B 84 1.97 -9.40 20.88
N SER B 85 1.14 -8.44 21.31
CA SER B 85 0.05 -7.87 20.50
C SER B 85 0.51 -7.65 19.05
N LYS B 86 1.66 -6.99 18.93
CA LYS B 86 2.15 -6.44 17.68
C LYS B 86 2.88 -7.51 16.88
N LEU B 87 3.49 -8.48 17.54
CA LEU B 87 4.14 -9.55 16.79
C LEU B 87 3.08 -10.36 16.04
N LEU B 88 2.06 -10.81 16.79
CA LEU B 88 0.89 -11.41 16.22
C LEU B 88 0.57 -10.71 14.90
N GLU B 89 0.41 -9.39 14.97
CA GLU B 89 0.02 -8.61 13.80
C GLU B 89 0.90 -9.01 12.59
N TYR B 90 2.22 -9.07 12.78
CA TYR B 90 3.11 -9.44 11.69
C TYR B 90 2.68 -10.78 11.14
N PHE B 91 2.52 -11.75 12.04
CA PHE B 91 2.09 -13.09 11.69
C PHE B 91 0.80 -13.07 10.85
N ARG B 92 -0.20 -12.31 11.31
CA ARG B 92 -1.46 -12.21 10.61
C ARG B 92 -1.22 -11.61 9.22
N ILE B 93 -0.39 -10.58 9.17
CA ILE B 93 -0.04 -9.86 7.93
C ILE B 93 0.63 -10.85 6.96
N PHE B 94 1.43 -11.74 7.51
CA PHE B 94 2.16 -12.75 6.78
C PHE B 94 1.19 -13.77 6.14
N ALA B 95 0.33 -14.36 6.97
CA ALA B 95 -0.65 -15.36 6.56
C ALA B 95 -1.68 -14.80 5.57
N LYS B 96 -1.90 -13.49 5.61
CA LYS B 96 -2.75 -12.81 4.62
C LYS B 96 -1.98 -12.72 3.30
N LYS B 97 -0.72 -12.30 3.37
CA LYS B 97 0.07 -12.00 2.20
C LYS B 97 0.51 -13.29 1.48
N PHE B 98 0.44 -14.45 2.13
CA PHE B 98 0.83 -15.71 1.49
C PHE B 98 -0.35 -16.68 1.45
N ASP B 99 -1.55 -16.18 1.78
CA ASP B 99 -2.81 -16.91 1.65
C ASP B 99 -2.75 -18.26 2.38
N LEU B 100 -2.09 -18.28 3.55
CA LEU B 100 -1.78 -19.53 4.22
C LEU B 100 -2.98 -19.99 5.07
N LEU B 101 -4.03 -19.16 5.11
CA LEU B 101 -5.08 -19.38 6.07
C LEU B 101 -6.01 -20.51 5.59
N LYS B 102 -6.10 -20.66 4.27
CA LYS B 102 -6.97 -21.65 3.66
C LYS B 102 -6.53 -23.08 4.01
N TYR B 103 -5.24 -23.30 4.29
CA TYR B 103 -4.71 -24.66 4.61
C TYR B 103 -4.97 -25.03 6.08
N ILE B 104 -5.49 -24.09 6.86
CA ILE B 104 -5.61 -24.27 8.31
C ILE B 104 -7.01 -24.83 8.62
N GLN B 105 -7.03 -25.94 9.36
CA GLN B 105 -8.24 -26.41 10.00
C GLN B 105 -8.15 -26.17 11.51
N PHE B 106 -8.92 -25.19 11.99
CA PHE B 106 -8.95 -24.81 13.37
C PHE B 106 -9.84 -25.77 14.17
N GLN B 107 -9.64 -25.77 15.48
CA GLN B 107 -10.39 -26.57 16.45
C GLN B 107 -10.31 -28.07 16.09
N THR B 108 -9.34 -28.44 15.26
CA THR B 108 -9.05 -29.84 14.95
C THR B 108 -7.70 -30.21 15.57
N THR B 109 -7.75 -31.04 16.62
CA THR B 109 -6.58 -31.45 17.38
C THR B 109 -6.16 -32.85 16.91
N VAL B 110 -4.85 -33.05 16.77
CA VAL B 110 -4.24 -34.27 16.24
C VAL B 110 -3.98 -35.22 17.41
N LEU B 111 -4.67 -36.36 17.36
CA LEU B 111 -4.70 -37.31 18.44
C LEU B 111 -3.56 -38.32 18.27
N SER B 112 -3.33 -38.78 17.04
CA SER B 112 -2.28 -39.76 16.79
C SER B 112 -1.71 -39.63 15.38
N VAL B 113 -0.41 -39.91 15.28
CA VAL B 113 0.29 -40.01 14.03
C VAL B 113 0.94 -41.39 14.01
N LYS B 114 0.41 -42.27 13.17
CA LYS B 114 0.89 -43.64 12.98
C LYS B 114 1.44 -43.81 11.57
N LYS B 115 2.48 -44.64 11.50
CA LYS B 115 3.12 -45.01 10.27
C LYS B 115 2.25 -46.06 9.58
N CYS B 116 1.84 -45.83 8.33
CA CYS B 116 1.32 -46.94 7.47
C CYS B 116 2.53 -47.73 6.99
N PRO B 117 2.37 -48.89 6.31
CA PRO B 117 3.54 -49.60 5.72
C PRO B 117 4.47 -48.77 4.79
N ASP B 118 5.34 -47.97 5.45
CA ASP B 118 6.35 -46.98 4.93
C ASP B 118 7.07 -47.63 3.73
N GLY B 123 5.48 -44.43 1.52
CA GLY B 123 6.36 -43.76 2.53
C GLY B 123 5.63 -42.82 3.48
N GLN B 124 4.41 -43.19 3.92
CA GLN B 124 3.39 -42.25 4.38
C GLN B 124 3.05 -42.44 5.87
N TRP B 125 2.07 -41.64 6.33
CA TRP B 125 1.59 -41.58 7.74
C TRP B 125 0.06 -41.42 7.80
N GLU B 126 -0.52 -42.07 8.81
CA GLU B 126 -1.95 -41.96 9.11
C GLU B 126 -2.15 -41.12 10.37
N ILE B 127 -3.09 -40.15 10.30
CA ILE B 127 -3.26 -39.13 11.31
C ILE B 127 -4.73 -39.03 11.71
N VAL B 128 -5.01 -39.34 12.97
CA VAL B 128 -6.34 -39.20 13.55
C VAL B 128 -6.46 -37.82 14.19
N THR B 129 -7.57 -37.13 13.93
CA THR B 129 -7.79 -35.79 14.46
C THR B 129 -9.25 -35.61 14.86
N GLU B 130 -9.51 -35.37 16.16
CA GLU B 130 -10.90 -35.11 16.61
C GLU B 130 -11.25 -33.63 16.33
N SER B 131 -12.51 -33.39 15.97
CA SER B 131 -13.03 -32.05 15.74
C SER B 131 -14.12 -31.76 16.78
N ASN B 132 -15.32 -31.36 16.35
CA ASN B 132 -16.45 -31.22 17.26
C ASN B 132 -16.95 -32.64 17.60
N GLY B 133 -16.30 -33.30 18.55
CA GLY B 133 -16.78 -34.57 19.10
C GLY B 133 -16.34 -35.78 18.28
N LYS B 134 -16.55 -35.75 16.96
CA LYS B 134 -16.34 -36.94 16.10
C LYS B 134 -15.05 -36.75 15.31
N GLU B 135 -14.30 -37.86 15.14
CA GLU B 135 -12.86 -37.84 14.84
C GLU B 135 -12.55 -38.54 13.50
N GLN B 136 -12.27 -37.75 12.47
CA GLN B 136 -11.86 -38.23 11.15
C GLN B 136 -10.40 -38.72 11.20
N SER B 137 -10.05 -39.56 10.21
CA SER B 137 -8.68 -40.01 9.95
C SER B 137 -8.26 -39.53 8.55
N ALA B 138 -6.95 -39.54 8.27
CA ALA B 138 -6.44 -39.21 6.93
C ALA B 138 -4.97 -39.63 6.80
N VAL B 139 -4.47 -39.49 5.56
CA VAL B 139 -3.16 -40.06 5.16
C VAL B 139 -2.33 -38.99 4.46
N PHE B 140 -1.04 -38.95 4.77
CA PHE B 140 -0.16 -37.93 4.26
C PHE B 140 1.17 -38.58 3.89
N ASP B 141 1.81 -37.99 2.88
CA ASP B 141 3.09 -38.44 2.36
C ASP B 141 4.18 -38.07 3.36
N ALA B 142 4.02 -36.92 4.04
CA ALA B 142 4.99 -36.37 5.01
C ALA B 142 4.28 -35.52 6.07
N VAL B 143 4.96 -35.32 7.19
CA VAL B 143 4.39 -34.58 8.32
C VAL B 143 5.48 -33.82 9.06
N MET B 144 5.22 -32.53 9.29
CA MET B 144 6.07 -31.61 10.09
C MET B 144 5.36 -31.26 11.41
N VAL B 145 6.01 -31.64 12.52
CA VAL B 145 5.50 -31.37 13.86
C VAL B 145 5.91 -29.95 14.32
N CYS B 146 4.89 -29.14 14.70
CA CYS B 146 5.03 -27.74 15.09
C CYS B 146 4.14 -27.40 16.28
N SER B 147 4.07 -28.31 17.27
CA SER B 147 3.17 -28.18 18.40
C SER B 147 3.84 -27.50 19.60
N GLY B 148 5.07 -26.98 19.40
CA GLY B 148 5.81 -26.17 20.39
C GLY B 148 6.35 -27.00 21.53
N HIS B 149 6.92 -26.38 22.56
CA HIS B 149 7.49 -27.14 23.70
C HIS B 149 7.50 -26.32 25.00
N HIS B 150 6.81 -25.17 24.99
CA HIS B 150 6.67 -24.29 26.15
C HIS B 150 5.22 -24.35 26.67
N ILE B 151 4.73 -25.58 26.77
CA ILE B 151 3.33 -25.82 27.09
C ILE B 151 3.21 -26.66 28.37
N LEU B 152 4.13 -27.62 28.57
CA LEU B 152 4.04 -28.58 29.65
C LEU B 152 4.90 -28.14 30.83
N PRO B 153 4.35 -27.49 31.87
CA PRO B 153 5.16 -26.90 32.93
C PRO B 153 5.99 -27.94 33.69
N HIS B 154 7.22 -27.57 34.03
CA HIS B 154 8.10 -28.34 34.90
C HIS B 154 8.18 -27.64 36.25
N ILE B 155 7.83 -28.37 37.33
CA ILE B 155 7.89 -27.86 38.73
C ILE B 155 8.52 -28.95 39.58
N PRO B 156 9.87 -28.98 39.72
CA PRO B 156 10.53 -30.06 40.46
C PRO B 156 10.41 -29.83 41.98
N LEU B 157 9.20 -30.09 42.51
CA LEU B 157 8.91 -29.84 43.92
C LEU B 157 9.79 -30.71 44.82
N GLN B 158 10.19 -31.88 44.30
CA GLN B 158 11.06 -32.85 45.00
C GLN B 158 12.32 -32.17 45.53
N SER B 159 12.85 -31.20 44.76
CA SER B 159 14.10 -30.54 45.07
C SER B 159 13.90 -29.32 45.98
N PHE B 160 12.63 -28.97 46.28
CA PHE B 160 12.25 -27.89 47.20
C PHE B 160 11.54 -28.47 48.43
N PRO B 161 12.28 -29.12 49.37
CA PRO B 161 11.68 -29.72 50.55
C PRO B 161 10.89 -28.74 51.42
N GLY B 162 9.81 -29.24 52.01
CA GLY B 162 8.97 -28.48 52.91
C GLY B 162 7.87 -27.74 52.18
N ILE B 163 7.92 -27.75 50.83
CA ILE B 163 6.90 -27.14 49.98
C ILE B 163 5.50 -27.64 50.38
N GLU B 164 5.42 -28.90 50.80
CA GLU B 164 4.19 -29.56 51.30
C GLU B 164 3.65 -28.78 52.51
N ARG B 165 4.58 -28.30 53.33
CA ARG B 165 4.28 -27.58 54.59
C ARG B 165 3.88 -26.13 54.30
N PHE B 166 4.50 -25.52 53.29
CA PHE B 166 4.29 -24.09 52.95
C PHE B 166 2.79 -23.80 52.88
N LYS B 167 2.29 -23.01 53.84
CA LYS B 167 0.98 -22.38 53.74
C LYS B 167 1.10 -21.30 52.65
N GLY B 168 0.14 -20.39 52.52
CA GLY B 168 0.16 -19.40 51.44
C GLY B 168 0.15 -20.04 50.05
N GLN B 169 0.27 -19.19 49.02
CA GLN B 169 -0.07 -19.51 47.62
C GLN B 169 1.21 -19.78 46.81
N TYR B 170 1.11 -20.66 45.80
CA TYR B 170 2.19 -20.81 44.82
C TYR B 170 1.68 -21.37 43.48
N PHE B 171 2.47 -21.12 42.43
CA PHE B 171 2.15 -21.55 41.08
C PHE B 171 3.36 -21.44 40.15
N HIS B 172 3.15 -21.82 38.89
CA HIS B 172 4.17 -21.86 37.89
C HIS B 172 4.00 -20.66 36.96
N SER B 173 5.14 -20.16 36.45
CA SER B 173 5.18 -19.07 35.47
C SER B 173 3.99 -19.16 34.50
N ARG B 174 3.74 -20.35 33.95
CA ARG B 174 2.62 -20.59 33.01
C ARG B 174 1.36 -19.86 33.47
N GLN B 175 1.00 -20.07 34.74
CA GLN B 175 -0.27 -19.63 35.28
C GLN B 175 -0.33 -18.11 35.42
N TYR B 176 0.82 -17.43 35.43
CA TYR B 176 0.85 -15.98 35.58
C TYR B 176 0.30 -15.31 34.31
N LYS B 177 -0.32 -14.15 34.51
CA LYS B 177 -0.96 -13.38 33.45
C LYS B 177 -0.88 -11.87 33.79
N HIS B 178 -1.37 -11.51 34.98
CA HIS B 178 -1.43 -10.13 35.42
C HIS B 178 -0.86 -9.99 36.82
N PRO B 179 -0.29 -8.80 37.15
CA PRO B 179 0.27 -8.53 38.46
C PRO B 179 -0.77 -8.10 39.51
N GLU B 180 -1.86 -7.46 39.06
CA GLU B 180 -2.93 -7.03 39.96
C GLU B 180 -3.45 -8.28 40.69
N GLY B 181 -3.59 -8.16 42.01
CA GLY B 181 -3.93 -9.25 42.92
C GLY B 181 -2.84 -9.48 43.95
N PHE B 182 -1.62 -9.01 43.64
CA PHE B 182 -0.44 -9.30 44.42
C PHE B 182 0.10 -8.02 45.06
N GLU B 183 -0.77 -7.00 45.15
CA GLU B 183 -0.46 -5.73 45.77
C GLU B 183 0.07 -5.98 47.19
N GLY B 184 1.23 -5.39 47.50
CA GLY B 184 1.90 -5.47 48.78
C GLY B 184 1.99 -6.87 49.38
N LYS B 185 2.47 -7.86 48.62
CA LYS B 185 2.71 -9.18 49.21
C LYS B 185 4.21 -9.48 49.15
N ARG B 186 4.61 -10.50 49.91
CA ARG B 186 6.00 -10.92 50.03
C ARG B 186 6.22 -12.11 49.10
N ILE B 187 6.91 -11.90 47.96
CA ILE B 187 6.84 -12.84 46.82
C ILE B 187 8.24 -13.38 46.45
N LEU B 188 8.35 -14.70 46.51
CA LEU B 188 9.54 -15.42 46.15
C LEU B 188 9.33 -16.04 44.76
N VAL B 189 10.15 -15.69 43.78
CA VAL B 189 10.12 -16.38 42.50
C VAL B 189 11.40 -17.20 42.40
N ILE B 190 11.21 -18.46 41.99
CA ILE B 190 12.28 -19.40 41.88
C ILE B 190 12.80 -19.37 40.44
N GLY B 191 14.12 -19.18 40.30
CA GLY B 191 14.82 -19.28 39.00
C GLY B 191 15.04 -17.92 38.35
N ILE B 192 16.03 -17.85 37.45
CA ILE B 192 16.34 -16.64 36.69
C ILE B 192 16.06 -16.87 35.19
N GLY B 193 14.84 -17.34 34.90
CA GLY B 193 14.27 -17.28 33.55
C GLY B 193 14.26 -15.84 33.06
N ASN B 194 14.26 -15.67 31.74
CA ASN B 194 13.87 -14.41 31.13
C ASN B 194 12.50 -14.02 31.68
N SER B 195 11.65 -15.04 31.85
CA SER B 195 10.31 -14.92 32.36
C SER B 195 10.31 -14.56 33.85
N ALA B 196 11.04 -15.33 34.67
CA ALA B 196 11.18 -15.02 36.09
C ALA B 196 11.46 -13.52 36.27
N SER B 197 12.42 -13.02 35.49
CA SER B 197 12.85 -11.66 35.55
C SER B 197 11.69 -10.72 35.19
N ASP B 198 11.06 -10.96 34.05
CA ASP B 198 9.93 -10.15 33.61
C ASP B 198 8.86 -10.16 34.70
N ILE B 199 8.62 -11.33 35.30
CA ILE B 199 7.57 -11.49 36.31
C ILE B 199 7.98 -10.70 37.56
N ALA B 200 9.16 -11.03 38.06
CA ALA B 200 9.72 -10.37 39.24
C ALA B 200 9.55 -8.87 39.09
N VAL B 201 10.15 -8.32 38.03
CA VAL B 201 10.09 -6.92 37.77
C VAL B 201 8.63 -6.45 37.88
N GLU B 202 7.72 -7.09 37.14
CA GLU B 202 6.34 -6.62 37.02
C GLU B 202 5.68 -6.60 38.41
N LEU B 203 5.79 -7.71 39.15
CA LEU B 203 5.18 -7.81 40.46
C LEU B 203 5.83 -6.80 41.42
N SER B 204 7.15 -6.65 41.28
CA SER B 204 8.03 -5.90 42.20
C SER B 204 7.53 -4.47 42.44
N LYS B 205 6.97 -3.84 41.41
CA LYS B 205 6.54 -2.45 41.50
C LYS B 205 5.60 -2.24 42.69
N LYS B 206 4.50 -2.99 42.75
CA LYS B 206 3.42 -2.74 43.70
C LYS B 206 3.44 -3.76 44.83
N ALA B 207 4.51 -4.56 44.93
CA ALA B 207 4.61 -5.61 45.95
C ALA B 207 5.48 -5.14 47.13
N ALA B 208 5.24 -5.75 48.28
CA ALA B 208 5.95 -5.43 49.50
C ALA B 208 7.43 -5.65 49.21
N GLN B 209 7.77 -6.91 48.94
CA GLN B 209 9.08 -7.31 48.51
C GLN B 209 8.94 -8.42 47.46
N VAL B 210 9.92 -8.48 46.56
CA VAL B 210 10.12 -9.60 45.71
C VAL B 210 11.56 -10.08 45.85
N PHE B 211 11.70 -11.39 46.03
CA PHE B 211 12.97 -12.07 46.01
C PHE B 211 13.02 -12.85 44.70
N ILE B 212 14.17 -13.44 44.40
CA ILE B 212 14.36 -14.19 43.19
C ILE B 212 15.58 -15.11 43.39
N SER B 213 15.30 -16.41 43.56
CA SER B 213 16.31 -17.38 43.92
C SER B 213 17.11 -17.82 42.70
N THR B 214 18.38 -18.14 42.89
CA THR B 214 19.23 -18.66 41.80
C THR B 214 20.51 -19.21 42.40
N ARG B 215 20.79 -20.49 42.22
CA ARG B 215 22.05 -21.00 42.77
C ARG B 215 23.14 -20.56 41.81
N HIS B 216 22.81 -20.51 40.52
CA HIS B 216 23.79 -20.15 39.47
C HIS B 216 23.80 -18.64 39.25
N GLY B 217 22.67 -18.08 38.80
CA GLY B 217 22.51 -16.64 38.61
C GLY B 217 23.15 -16.17 37.32
N SER B 218 22.34 -15.62 36.41
CA SER B 218 22.75 -15.36 35.05
C SER B 218 23.47 -14.03 34.94
N TRP B 219 24.05 -13.80 33.76
CA TRP B 219 24.33 -12.48 33.27
C TRP B 219 23.03 -11.85 32.77
N VAL B 220 22.77 -10.61 33.20
CA VAL B 220 21.65 -9.84 32.77
C VAL B 220 22.13 -8.84 31.72
N MET B 221 21.28 -8.59 30.73
CA MET B 221 21.64 -7.84 29.55
C MET B 221 20.43 -7.11 29.00
N SER B 222 20.62 -5.87 28.56
CA SER B 222 19.52 -5.06 28.03
C SER B 222 19.49 -5.24 26.53
N ARG B 223 18.30 -5.01 25.98
CA ARG B 223 18.04 -5.07 24.52
C ARG B 223 18.83 -3.94 23.89
N ILE B 224 18.94 -2.84 24.64
CA ILE B 224 19.70 -1.67 24.18
C ILE B 224 21.18 -2.05 24.10
N SER B 225 21.84 -1.67 23.01
CA SER B 225 23.26 -1.91 22.88
C SER B 225 23.96 -0.67 22.35
N ASP B 226 25.22 -0.85 21.96
CA ASP B 226 26.01 0.13 21.24
C ASP B 226 25.08 1.13 20.54
N ASP B 227 25.17 2.40 20.96
CA ASP B 227 24.54 3.55 20.28
C ASP B 227 23.01 3.37 20.24
N GLY B 228 22.51 2.56 21.18
CA GLY B 228 21.08 2.34 21.39
C GLY B 228 20.48 1.43 20.32
N TYR B 229 21.32 0.71 19.59
CA TYR B 229 20.85 -0.22 18.59
C TYR B 229 20.57 -1.55 19.27
N PRO B 230 19.56 -2.30 18.78
CA PRO B 230 19.19 -3.61 19.33
C PRO B 230 20.40 -4.54 19.45
N TRP B 231 20.43 -5.26 20.57
CA TRP B 231 21.58 -6.03 20.95
C TRP B 231 21.87 -7.11 19.90
N ASP B 232 20.83 -7.67 19.29
CA ASP B 232 21.03 -8.86 18.49
C ASP B 232 21.81 -8.48 17.23
N MET B 233 21.58 -7.28 16.72
CA MET B 233 22.27 -6.87 15.51
C MET B 233 23.71 -6.46 15.85
N VAL B 234 24.02 -6.20 17.13
CA VAL B 234 25.38 -5.88 17.48
C VAL B 234 26.13 -7.18 17.75
N PHE B 235 25.44 -8.16 18.34
CA PHE B 235 26.08 -9.37 18.83
C PHE B 235 26.12 -10.41 17.72
N HIS B 236 25.00 -10.60 17.01
CA HIS B 236 24.92 -11.61 15.94
C HIS B 236 25.44 -11.02 14.63
N THR B 237 26.76 -11.13 14.44
CA THR B 237 27.47 -10.71 13.26
C THR B 237 28.54 -11.75 12.95
N ARG B 238 28.53 -12.24 11.70
CA ARG B 238 29.40 -13.32 11.23
C ARG B 238 30.79 -13.19 11.88
N PHE B 239 31.46 -12.07 11.61
CA PHE B 239 32.81 -11.78 12.07
C PHE B 239 32.95 -12.06 13.57
N SER B 240 32.02 -11.53 14.37
CA SER B 240 32.07 -11.68 15.80
C SER B 240 31.94 -13.16 16.19
N SER B 241 30.98 -13.86 15.56
CA SER B 241 30.70 -15.28 15.87
C SER B 241 31.99 -16.10 15.75
N MET B 242 32.75 -15.82 14.69
CA MET B 242 34.06 -16.42 14.45
C MET B 242 34.97 -16.26 15.67
N LEU B 243 35.13 -15.01 16.13
CA LEU B 243 36.00 -14.73 17.26
C LEU B 243 35.55 -15.56 18.46
N ARG B 244 34.23 -15.65 18.66
CA ARG B 244 33.68 -16.39 19.80
C ARG B 244 34.05 -17.87 19.68
N ASN B 245 34.03 -18.37 18.44
CA ASN B 245 34.33 -19.78 18.15
C ASN B 245 35.83 -20.08 18.29
N VAL B 246 36.68 -19.22 17.70
CA VAL B 246 38.12 -19.53 17.51
C VAL B 246 38.90 -19.21 18.78
N LEU B 247 38.67 -18.03 19.36
CA LEU B 247 39.51 -17.54 20.46
C LEU B 247 39.43 -18.52 21.62
N PRO B 248 40.51 -18.64 22.42
CA PRO B 248 40.51 -19.52 23.58
C PRO B 248 39.30 -19.19 24.46
N ARG B 249 38.67 -20.22 25.01
CA ARG B 249 37.38 -20.05 25.63
C ARG B 249 37.48 -18.98 26.72
N THR B 250 38.58 -18.98 27.47
CA THR B 250 38.76 -17.98 28.52
C THR B 250 38.79 -16.57 27.90
N VAL B 251 39.68 -16.35 26.95
CA VAL B 251 39.74 -15.06 26.24
C VAL B 251 38.32 -14.56 25.93
N VAL B 252 37.43 -15.50 25.56
CA VAL B 252 36.06 -15.17 25.21
C VAL B 252 35.26 -14.85 26.48
N LYS B 253 35.36 -15.72 27.49
CA LYS B 253 34.74 -15.48 28.80
C LYS B 253 35.24 -14.14 29.39
N TRP B 254 36.56 -13.91 29.35
CA TRP B 254 37.21 -12.67 29.81
C TRP B 254 36.55 -11.46 29.16
N MET B 255 36.04 -11.66 27.94
CA MET B 255 35.46 -10.61 27.14
C MET B 255 33.98 -10.46 27.49
N MET B 256 33.25 -11.58 27.56
CA MET B 256 31.86 -11.51 27.97
C MET B 256 31.80 -10.79 29.32
N GLU B 257 32.59 -11.27 30.28
CA GLU B 257 32.59 -10.72 31.63
C GLU B 257 32.66 -9.19 31.57
N GLN B 258 33.60 -8.65 30.81
CA GLN B 258 33.82 -7.21 30.73
C GLN B 258 32.59 -6.56 30.09
N GLN B 259 32.29 -6.93 28.85
CA GLN B 259 31.15 -6.39 28.13
C GLN B 259 29.91 -6.40 29.03
N MET B 260 29.60 -7.55 29.67
CA MET B 260 28.37 -7.74 30.47
C MET B 260 28.30 -6.74 31.63
N ASN B 261 29.43 -6.53 32.30
CA ASN B 261 29.54 -5.71 33.50
C ASN B 261 29.56 -4.21 33.20
N ARG B 262 29.79 -3.79 31.96
CA ARG B 262 29.66 -2.37 31.55
C ARG B 262 28.41 -1.75 32.18
N TRP B 263 27.28 -2.44 32.08
CA TRP B 263 26.00 -1.97 32.62
C TRP B 263 26.08 -1.83 34.15
N PHE B 264 26.53 -2.90 34.81
CA PHE B 264 26.64 -2.90 36.23
C PHE B 264 27.52 -4.07 36.68
N ASN B 265 28.13 -3.92 37.85
CA ASN B 265 28.95 -4.96 38.41
C ASN B 265 28.00 -6.06 38.91
N HIS B 266 28.10 -7.24 38.30
CA HIS B 266 27.20 -8.34 38.61
C HIS B 266 27.51 -8.95 39.98
N GLU B 267 28.77 -8.83 40.41
CA GLU B 267 29.17 -9.27 41.75
C GLU B 267 28.34 -8.50 42.80
N ASN B 268 28.31 -7.18 42.64
CA ASN B 268 27.71 -6.28 43.60
C ASN B 268 26.21 -6.48 43.66
N TYR B 269 25.58 -6.61 42.48
CA TYR B 269 24.12 -6.73 42.36
C TYR B 269 23.69 -8.16 42.71
N GLY B 270 24.68 -9.07 42.72
CA GLY B 270 24.59 -10.33 43.42
C GLY B 270 24.24 -11.49 42.51
N LEU B 271 24.35 -11.30 41.19
CA LEU B 271 23.99 -12.38 40.30
C LEU B 271 25.19 -12.79 39.44
N GLU B 272 26.39 -12.56 39.99
CA GLU B 272 27.59 -13.14 39.45
C GLU B 272 27.35 -14.64 39.31
N PRO B 273 27.57 -15.19 38.09
CA PRO B 273 27.53 -16.63 37.87
C PRO B 273 28.62 -17.45 38.56
N GLN B 274 28.38 -18.78 38.67
CA GLN B 274 29.39 -19.73 39.13
C GLN B 274 30.39 -19.99 38.00
N ASN B 275 29.93 -20.68 36.93
CA ASN B 275 30.75 -20.93 35.76
C ASN B 275 30.50 -19.84 34.72
N LYS B 276 31.45 -18.91 34.64
CA LYS B 276 31.52 -17.97 33.55
C LYS B 276 32.10 -18.68 32.33
N TYR B 277 32.66 -19.88 32.56
CA TYR B 277 33.11 -20.83 31.56
C TYR B 277 32.05 -20.95 30.45
N LEU B 278 30.79 -21.07 30.86
CA LEU B 278 29.68 -21.41 29.96
C LEU B 278 29.30 -20.21 29.09
N MET B 279 28.95 -20.50 27.84
CA MET B 279 28.36 -19.52 26.92
C MET B 279 26.82 -19.60 27.02
N LYS B 280 26.34 -19.73 28.26
CA LYS B 280 24.91 -19.81 28.61
C LYS B 280 24.18 -18.58 28.09
N GLU B 281 22.92 -18.75 27.70
CA GLU B 281 22.05 -17.62 27.30
C GLU B 281 21.91 -16.64 28.47
N PRO B 282 22.28 -15.35 28.28
CA PRO B 282 22.01 -14.34 29.32
C PRO B 282 20.53 -13.93 29.28
N VAL B 283 20.01 -13.46 30.42
CA VAL B 283 18.63 -12.98 30.47
C VAL B 283 18.59 -11.60 29.81
N LEU B 284 17.45 -11.28 29.21
CA LEU B 284 17.24 -10.00 28.57
C LEU B 284 16.09 -9.26 29.24
N ASN B 285 16.51 -8.32 30.10
CA ASN B 285 15.62 -7.51 30.84
C ASN B 285 16.25 -6.15 30.94
N ASP B 286 15.60 -5.12 30.42
CA ASP B 286 16.10 -3.76 30.53
C ASP B 286 15.80 -3.16 31.91
N ASP B 287 15.07 -3.88 32.77
CA ASP B 287 14.43 -3.31 33.95
C ASP B 287 15.08 -3.86 35.24
N LEU B 288 15.64 -5.06 35.17
CA LEU B 288 16.01 -5.80 36.37
C LEU B 288 17.06 -5.06 37.18
N PRO B 289 18.20 -4.63 36.60
CA PRO B 289 19.25 -3.95 37.38
C PRO B 289 18.68 -2.76 38.16
N SER B 290 17.93 -1.90 37.48
CA SER B 290 17.29 -0.73 38.12
C SER B 290 16.38 -1.18 39.27
N ARG B 291 15.56 -2.18 39.00
CA ARG B 291 14.59 -2.59 39.96
C ARG B 291 15.30 -3.17 41.21
N LEU B 292 16.56 -3.60 41.03
CA LEU B 292 17.40 -4.06 42.13
C LEU B 292 17.93 -2.85 42.92
N LEU B 293 18.33 -1.79 42.23
CA LEU B 293 18.78 -0.56 42.88
C LEU B 293 17.67 0.02 43.77
N TYR B 294 16.46 0.12 43.21
CA TYR B 294 15.29 0.65 43.90
C TYR B 294 14.95 -0.22 45.11
N GLY B 295 15.51 -1.44 45.15
CA GLY B 295 15.32 -2.37 46.23
C GLY B 295 14.00 -3.12 46.14
N ALA B 296 13.37 -3.06 44.95
CA ALA B 296 12.08 -3.73 44.69
C ALA B 296 12.27 -5.25 44.68
N ILE B 297 13.43 -5.66 44.15
CA ILE B 297 13.81 -7.05 44.06
C ILE B 297 15.12 -7.26 44.83
N LYS B 298 15.18 -8.35 45.61
CA LYS B 298 16.40 -8.86 46.23
C LYS B 298 16.73 -10.19 45.57
N VAL B 299 17.93 -10.34 45.01
CA VAL B 299 18.31 -11.66 44.47
C VAL B 299 18.76 -12.49 45.66
N LYS B 300 18.65 -13.82 45.52
CA LYS B 300 18.94 -14.68 46.62
C LYS B 300 19.52 -15.99 46.11
N SER B 301 20.23 -16.68 47.01
CA SER B 301 20.79 -17.99 46.74
C SER B 301 19.65 -18.99 46.54
N ARG B 302 19.97 -20.25 46.24
CA ARG B 302 18.90 -21.21 45.98
C ARG B 302 18.15 -21.42 47.28
N VAL B 303 16.83 -21.62 47.19
CA VAL B 303 16.09 -22.06 48.33
C VAL B 303 16.66 -23.41 48.75
N LYS B 304 16.81 -23.63 50.06
CA LYS B 304 17.25 -24.91 50.57
C LYS B 304 16.02 -25.67 51.08
N GLU B 305 15.18 -24.98 51.85
CA GLU B 305 14.01 -25.57 52.44
C GLU B 305 12.93 -24.51 52.63
N LEU B 306 11.68 -24.97 52.62
CA LEU B 306 10.55 -24.14 52.96
C LEU B 306 9.94 -24.59 54.28
N THR B 307 9.28 -23.63 54.93
CA THR B 307 8.44 -23.83 56.09
C THR B 307 7.03 -23.37 55.70
N GLU B 308 6.18 -23.17 56.71
CA GLU B 308 4.79 -22.79 56.44
C GLU B 308 4.75 -21.33 55.98
N THR B 309 5.60 -20.49 56.59
CA THR B 309 5.56 -19.05 56.33
C THR B 309 6.86 -18.52 55.74
N SER B 310 7.94 -19.31 55.79
CA SER B 310 9.27 -18.76 55.52
C SER B 310 10.03 -19.64 54.54
N ALA B 311 11.26 -19.21 54.21
CA ALA B 311 12.17 -19.92 53.31
C ALA B 311 13.59 -19.86 53.88
N ILE B 312 14.22 -21.01 54.00
CA ILE B 312 15.62 -21.07 54.32
C ILE B 312 16.36 -21.02 52.99
N PHE B 313 17.62 -20.61 53.00
CA PHE B 313 18.38 -20.48 51.77
C PHE B 313 19.73 -21.17 51.93
N GLU B 314 20.35 -21.44 50.77
CA GLU B 314 21.57 -22.22 50.63
C GLU B 314 22.77 -21.52 51.30
N ASP B 315 22.65 -20.23 51.61
CA ASP B 315 23.75 -19.51 52.29
C ASP B 315 23.33 -19.19 53.74
N GLY B 316 22.35 -19.93 54.26
CA GLY B 316 21.99 -19.87 55.68
C GLY B 316 21.01 -18.75 56.00
N THR B 317 20.79 -17.84 55.06
CA THR B 317 19.86 -16.75 55.30
C THR B 317 18.43 -17.31 55.30
N VAL B 318 17.50 -16.49 55.80
CA VAL B 318 16.11 -16.84 55.91
C VAL B 318 15.24 -15.64 55.55
N GLU B 319 14.09 -15.90 54.93
CA GLU B 319 13.16 -14.84 54.57
C GLU B 319 11.78 -15.17 55.14
N GLU B 320 11.39 -14.37 56.14
CA GLU B 320 10.18 -14.59 56.90
C GLU B 320 8.98 -14.14 56.08
N ASP B 321 7.81 -14.69 56.39
CA ASP B 321 6.49 -14.26 55.88
C ASP B 321 6.52 -13.99 54.38
N ILE B 322 6.60 -15.08 53.60
CA ILE B 322 6.59 -15.05 52.13
C ILE B 322 5.24 -15.61 51.67
N ASP B 323 4.40 -14.74 51.10
CA ASP B 323 3.00 -15.02 50.85
C ASP B 323 2.84 -15.86 49.57
N VAL B 324 3.79 -15.74 48.64
CA VAL B 324 3.61 -16.29 47.30
C VAL B 324 4.96 -16.76 46.76
N ILE B 325 5.01 -18.04 46.37
CA ILE B 325 6.12 -18.58 45.58
C ILE B 325 5.68 -18.62 44.11
N VAL B 326 6.59 -18.29 43.20
CA VAL B 326 6.35 -18.51 41.78
C VAL B 326 7.51 -19.30 41.20
N PHE B 327 7.18 -20.53 40.77
CA PHE B 327 8.09 -21.44 40.13
C PHE B 327 8.14 -21.09 38.65
N ALA B 328 9.17 -20.29 38.31
CA ALA B 328 9.58 -20.09 36.95
C ALA B 328 10.71 -21.09 36.66
N THR B 329 10.34 -22.37 36.72
CA THR B 329 11.28 -23.44 36.61
C THR B 329 11.12 -24.10 35.23
N GLY B 330 10.53 -23.36 34.28
CA GLY B 330 10.56 -23.70 32.88
C GLY B 330 9.60 -24.83 32.54
N TYR B 331 9.70 -25.30 31.30
CA TYR B 331 8.79 -26.32 30.79
C TYR B 331 9.57 -27.55 30.34
N THR B 332 8.84 -28.66 30.27
CA THR B 332 9.30 -29.83 29.61
C THR B 332 8.41 -29.97 28.36
N PHE B 333 8.47 -31.13 27.72
CA PHE B 333 7.78 -31.29 26.46
C PHE B 333 7.50 -32.75 26.18
N SER B 334 6.34 -32.98 25.58
CA SER B 334 5.90 -34.26 25.12
C SER B 334 5.29 -34.09 23.73
N PHE B 335 5.23 -35.21 23.02
CA PHE B 335 4.42 -35.35 21.80
C PHE B 335 3.44 -36.49 22.05
N PRO B 336 2.28 -36.22 22.68
CA PRO B 336 1.43 -37.30 23.18
C PRO B 336 0.68 -38.00 22.04
N PHE B 337 0.94 -37.57 20.79
CA PHE B 337 0.35 -38.13 19.60
C PHE B 337 1.41 -38.82 18.74
N LEU B 338 2.49 -39.32 19.36
CA LEU B 338 3.62 -39.80 18.60
C LEU B 338 4.21 -41.06 19.22
N GLU B 339 4.45 -42.06 18.37
CA GLU B 339 5.38 -43.17 18.60
C GLU B 339 6.46 -42.67 19.56
N ASP B 340 6.53 -43.27 20.76
CA ASP B 340 7.42 -42.79 21.84
C ASP B 340 8.90 -42.99 21.47
N SER B 341 9.14 -43.82 20.45
CA SER B 341 10.46 -44.15 19.96
C SER B 341 10.94 -43.12 18.95
N LEU B 342 10.00 -42.30 18.48
CA LEU B 342 10.18 -41.41 17.34
C LEU B 342 11.07 -40.23 17.76
N VAL B 343 10.64 -39.54 18.81
CA VAL B 343 11.35 -38.44 19.42
C VAL B 343 11.92 -38.92 20.77
N LYS B 344 12.99 -39.70 20.66
CA LYS B 344 13.64 -40.36 21.78
C LYS B 344 14.46 -39.32 22.55
N VAL B 345 14.22 -39.24 23.86
CA VAL B 345 14.76 -38.18 24.71
C VAL B 345 15.28 -38.82 26.01
N GLU B 346 16.61 -39.00 26.08
CA GLU B 346 17.28 -39.92 27.02
C GLU B 346 18.67 -39.37 27.39
N ASN B 347 19.04 -39.51 28.68
CA ASN B 347 20.34 -39.06 29.18
C ASN B 347 20.61 -37.63 28.72
N ASN B 348 19.67 -36.70 28.94
CA ASN B 348 19.88 -35.29 28.62
C ASN B 348 20.33 -35.16 27.16
N MET B 349 19.53 -35.73 26.26
CA MET B 349 19.85 -35.73 24.82
C MET B 349 18.61 -36.09 24.01
N VAL B 350 18.27 -35.21 23.07
CA VAL B 350 17.27 -35.48 22.06
C VAL B 350 17.99 -36.13 20.87
N SER B 351 17.59 -37.37 20.55
CA SER B 351 18.08 -38.06 19.36
C SER B 351 17.15 -37.70 18.19
N LEU B 352 17.45 -36.54 17.61
CA LEU B 352 16.94 -36.10 16.32
C LEU B 352 18.10 -35.49 15.52
N TYR B 353 18.27 -35.91 14.27
CA TYR B 353 19.30 -35.36 13.43
C TYR B 353 19.04 -33.86 13.30
N LYS B 354 19.83 -33.05 14.01
CA LYS B 354 19.74 -31.58 13.95
C LYS B 354 18.35 -31.10 14.42
N TYR B 355 17.89 -31.68 15.54
CA TYR B 355 16.70 -31.26 16.29
C TYR B 355 15.46 -31.31 15.38
N MET B 356 15.42 -32.32 14.53
CA MET B 356 14.60 -32.29 13.36
C MET B 356 14.09 -33.70 12.97
N PHE B 357 15.01 -34.60 12.60
CA PHE B 357 14.68 -35.84 11.87
C PHE B 357 14.96 -37.08 12.69
N PRO B 358 13.94 -37.93 12.97
CA PRO B 358 14.14 -39.19 13.69
C PRO B 358 15.00 -40.11 12.83
N PRO B 359 16.22 -40.47 13.30
CA PRO B 359 17.17 -41.22 12.46
C PRO B 359 16.82 -42.67 12.11
N HIS B 360 15.96 -43.29 12.95
CA HIS B 360 15.57 -44.69 12.78
C HIS B 360 14.60 -44.85 11.60
N LEU B 361 14.09 -43.74 11.06
CA LEU B 361 13.17 -43.78 9.91
C LEU B 361 13.98 -44.15 8.67
N GLU B 362 13.32 -44.93 7.79
CA GLU B 362 13.96 -45.53 6.62
C GLU B 362 13.65 -44.71 5.37
N LYS B 363 12.43 -44.14 5.31
CA LYS B 363 12.13 -43.04 4.41
C LYS B 363 12.01 -41.79 5.29
N PRO B 364 12.71 -40.66 5.00
CA PRO B 364 12.70 -39.44 5.81
C PRO B 364 11.53 -38.49 5.53
N THR B 365 10.37 -38.87 6.06
CA THR B 365 9.08 -38.31 5.71
C THR B 365 8.45 -37.55 6.90
N LEU B 366 9.16 -37.46 8.04
CA LEU B 366 8.68 -36.69 9.19
C LEU B 366 9.84 -35.99 9.91
N ALA B 367 9.59 -34.73 10.30
CA ALA B 367 10.55 -33.91 11.08
C ALA B 367 9.82 -32.98 12.06
N CYS B 368 10.44 -32.77 13.22
CA CYS B 368 10.05 -31.73 14.16
C CYS B 368 10.68 -30.38 13.79
N ILE B 369 9.85 -29.33 13.71
CA ILE B 369 10.37 -27.99 13.52
C ILE B 369 10.06 -27.16 14.76
N GLY B 370 11.09 -26.43 15.22
CA GLY B 370 10.97 -25.50 16.32
C GLY B 370 11.30 -26.13 17.66
N LEU B 371 11.83 -27.36 17.65
CA LEU B 371 12.25 -28.03 18.87
C LEU B 371 13.72 -27.69 19.10
N ILE B 372 13.96 -26.41 19.40
CA ILE B 372 15.28 -25.86 19.44
C ILE B 372 15.24 -24.52 20.19
N GLN B 373 16.28 -24.25 20.96
CA GLN B 373 16.43 -22.95 21.60
C GLN B 373 17.77 -22.35 21.20
N PRO B 374 17.78 -21.59 20.08
CA PRO B 374 18.99 -20.93 19.62
C PRO B 374 19.28 -19.66 20.42
N LEU B 375 20.41 -19.02 20.14
CA LEU B 375 20.83 -17.85 20.87
C LEU B 375 20.42 -16.59 20.11
N GLY B 376 19.75 -16.77 18.97
CA GLY B 376 19.12 -15.69 18.25
C GLY B 376 17.65 -15.98 18.05
N SER B 377 17.03 -15.27 17.13
CA SER B 377 15.60 -15.39 16.98
C SER B 377 15.26 -16.78 16.41
N ILE B 378 14.16 -17.35 16.90
CA ILE B 378 13.71 -18.63 16.43
C ILE B 378 13.09 -18.47 15.03
N PHE B 379 12.56 -17.29 14.70
CA PHE B 379 11.71 -17.18 13.51
C PHE B 379 12.52 -17.48 12.24
N PRO B 380 13.72 -16.89 12.02
CA PRO B 380 14.56 -17.30 10.90
C PRO B 380 15.15 -18.72 10.95
N THR B 381 15.34 -19.27 12.15
CA THR B 381 15.79 -20.67 12.32
C THR B 381 14.71 -21.63 11.80
N VAL B 382 13.44 -21.46 12.21
CA VAL B 382 12.39 -22.41 11.83
C VAL B 382 12.05 -22.25 10.35
N GLU B 383 12.30 -21.07 9.79
CA GLU B 383 12.14 -20.86 8.36
C GLU B 383 13.14 -21.75 7.62
N LEU B 384 14.41 -21.74 8.05
CA LEU B 384 15.46 -22.52 7.41
C LEU B 384 15.27 -24.02 7.72
N GLN B 385 14.83 -24.31 8.95
CA GLN B 385 14.47 -25.67 9.34
C GLN B 385 13.47 -26.24 8.31
N ALA B 386 12.52 -25.41 7.84
CA ALA B 386 11.46 -25.84 6.92
C ALA B 386 11.96 -25.84 5.48
N ARG B 387 12.95 -24.99 5.15
CA ARG B 387 13.53 -24.97 3.78
C ARG B 387 14.30 -26.27 3.51
N TRP B 388 15.07 -26.72 4.50
CA TRP B 388 15.77 -28.03 4.54
C TRP B 388 14.77 -29.18 4.38
N VAL B 389 13.70 -29.12 5.18
CA VAL B 389 12.81 -30.25 5.41
C VAL B 389 11.89 -30.45 4.21
N THR B 390 11.32 -29.38 3.68
CA THR B 390 10.47 -29.51 2.49
C THR B 390 11.28 -30.19 1.39
N ARG B 391 12.55 -29.79 1.26
CA ARG B 391 13.42 -30.26 0.18
C ARG B 391 13.84 -31.70 0.42
N VAL B 392 14.03 -32.10 1.68
CA VAL B 392 14.27 -33.51 2.00
C VAL B 392 13.09 -34.36 1.51
N PHE B 393 11.88 -33.94 1.91
CA PHE B 393 10.62 -34.62 1.60
C PHE B 393 10.50 -34.89 0.10
N LYS B 394 10.83 -33.87 -0.71
CA LYS B 394 10.74 -33.96 -2.16
C LYS B 394 11.87 -34.80 -2.75
N GLY B 395 12.94 -35.00 -1.99
CA GLY B 395 14.07 -35.78 -2.44
C GLY B 395 15.17 -34.91 -3.01
N LEU B 396 14.89 -33.61 -3.19
CA LEU B 396 15.92 -32.66 -3.62
C LEU B 396 17.13 -32.71 -2.67
N CYS B 397 16.89 -33.13 -1.42
CA CYS B 397 17.91 -33.22 -0.38
C CYS B 397 17.87 -34.61 0.25
N THR B 398 19.04 -35.09 0.70
CA THR B 398 19.19 -36.41 1.31
C THR B 398 19.89 -36.30 2.66
N LEU B 399 19.38 -37.08 3.62
CA LEU B 399 20.03 -37.32 4.89
C LEU B 399 21.21 -38.25 4.65
N PRO B 400 22.19 -38.32 5.58
CA PRO B 400 23.19 -39.39 5.55
C PRO B 400 22.64 -40.71 6.11
N SER B 401 23.53 -41.67 6.38
CA SER B 401 23.14 -42.98 6.88
C SER B 401 22.62 -42.84 8.32
N GLU B 402 21.90 -43.86 8.79
CA GLU B 402 21.46 -43.90 10.18
C GLU B 402 22.68 -43.85 11.11
N SER B 403 23.72 -44.62 10.79
CA SER B 403 24.90 -44.72 11.65
C SER B 403 25.70 -43.40 11.65
N THR B 404 25.65 -42.65 10.54
CA THR B 404 26.28 -41.33 10.44
C THR B 404 25.48 -40.31 11.27
N MET B 405 24.15 -40.40 11.16
CA MET B 405 23.22 -39.48 11.83
C MET B 405 23.27 -39.67 13.34
N MET B 406 23.54 -40.90 13.80
CA MET B 406 23.67 -41.21 15.21
C MET B 406 25.03 -40.71 15.73
N ALA B 407 26.04 -40.65 14.85
CA ALA B 407 27.37 -40.21 15.23
C ALA B 407 27.39 -38.70 15.42
N ASP B 408 26.74 -37.98 14.50
CA ASP B 408 26.52 -36.53 14.60
C ASP B 408 25.83 -36.25 15.94
N ILE B 409 24.61 -36.76 16.09
CA ILE B 409 23.75 -36.46 17.23
C ILE B 409 24.57 -36.48 18.53
N ILE B 410 25.31 -37.56 18.76
CA ILE B 410 26.13 -37.68 19.96
C ILE B 410 27.15 -36.52 19.97
N LYS B 411 27.87 -36.36 18.87
CA LYS B 411 29.01 -35.45 18.83
C LYS B 411 28.55 -34.00 19.01
N ARG B 412 27.39 -33.66 18.42
CA ARG B 412 26.76 -32.36 18.59
C ARG B 412 26.48 -32.16 20.08
N ASN B 413 25.57 -32.97 20.61
CA ASN B 413 25.09 -32.87 21.98
C ASN B 413 26.25 -32.97 22.97
N GLU B 414 27.36 -33.62 22.58
CA GLU B 414 28.54 -33.70 23.46
C GLU B 414 29.22 -32.34 23.53
N LYS B 415 29.45 -31.71 22.38
CA LYS B 415 29.97 -30.34 22.34
C LYS B 415 29.01 -29.41 23.11
N ARG B 416 27.73 -29.45 22.74
CA ARG B 416 26.66 -28.69 23.38
C ARG B 416 26.84 -28.69 24.90
N ILE B 417 27.15 -29.84 25.47
CA ILE B 417 27.26 -29.99 26.93
C ILE B 417 28.43 -29.15 27.45
N ASP B 418 29.61 -29.33 26.86
CA ASP B 418 30.82 -28.63 27.32
C ASP B 418 30.75 -27.14 26.93
N LEU B 419 29.63 -26.72 26.35
CA LEU B 419 29.45 -25.36 25.85
C LEU B 419 28.33 -24.65 26.62
N PHE B 420 27.43 -25.39 27.27
CA PHE B 420 26.29 -24.80 27.96
C PHE B 420 25.96 -25.54 29.26
N GLY B 421 26.79 -26.52 29.66
CA GLY B 421 26.56 -27.31 30.88
C GLY B 421 25.50 -28.39 30.71
N GLU B 422 25.42 -29.27 31.71
CA GLU B 422 24.63 -30.50 31.66
C GLU B 422 23.21 -30.32 32.21
N SER B 423 22.73 -29.09 32.40
CA SER B 423 21.36 -28.91 32.92
C SER B 423 20.35 -29.24 31.80
N GLN B 424 19.23 -29.86 32.20
CA GLN B 424 18.16 -30.26 31.27
C GLN B 424 17.27 -29.03 30.99
N SER B 425 17.87 -27.84 31.11
CA SER B 425 17.27 -26.61 30.66
C SER B 425 18.05 -26.06 29.47
N GLN B 426 19.00 -26.86 28.96
CA GLN B 426 19.82 -26.47 27.84
C GLN B 426 19.83 -27.56 26.75
N ILE B 427 18.98 -28.58 26.89
CA ILE B 427 18.95 -29.69 25.92
C ILE B 427 19.04 -29.11 24.50
N LEU B 428 18.25 -28.05 24.25
CA LEU B 428 17.99 -27.53 22.91
C LEU B 428 18.86 -26.30 22.60
N GLN B 429 19.77 -25.94 23.51
CA GLN B 429 20.60 -24.75 23.30
C GLN B 429 21.53 -24.99 22.11
N THR B 430 21.73 -23.94 21.31
CA THR B 430 22.58 -24.02 20.14
C THR B 430 23.02 -22.62 19.72
N ASN B 431 24.29 -22.49 19.32
CA ASN B 431 24.80 -21.24 18.75
C ASN B 431 23.94 -20.91 17.52
N TYR B 432 23.80 -19.61 17.24
CA TYR B 432 22.77 -19.09 16.36
C TYR B 432 23.19 -19.21 14.89
N ILE B 433 24.22 -18.45 14.52
CA ILE B 433 24.62 -18.31 13.12
C ILE B 433 25.09 -19.69 12.63
N ASP B 434 25.97 -20.32 13.40
CA ASP B 434 26.57 -21.58 13.04
C ASP B 434 25.48 -22.52 12.52
N TYR B 435 24.36 -22.60 13.27
CA TYR B 435 23.23 -23.49 12.95
C TYR B 435 22.51 -23.01 11.69
N LEU B 436 22.24 -21.70 11.58
CA LEU B 436 21.66 -21.14 10.36
C LEU B 436 22.51 -21.61 9.17
N ASP B 437 23.83 -21.55 9.32
CA ASP B 437 24.79 -21.95 8.29
C ASP B 437 24.60 -23.44 8.00
N GLU B 438 24.64 -24.28 9.04
CA GLU B 438 24.39 -25.73 8.89
C GLU B 438 23.20 -25.94 7.94
N LEU B 439 22.07 -25.31 8.24
CA LEU B 439 20.79 -25.54 7.53
C LEU B 439 20.89 -25.01 6.09
N ALA B 440 21.55 -23.87 5.95
CA ALA B 440 21.64 -23.18 4.67
C ALA B 440 22.55 -23.93 3.71
N LEU B 441 23.61 -24.57 4.26
CA LEU B 441 24.55 -25.40 3.50
C LEU B 441 23.82 -26.54 2.81
N GLU B 442 23.09 -27.29 3.64
CA GLU B 442 22.31 -28.45 3.27
C GLU B 442 21.42 -28.16 2.04
N ILE B 443 21.02 -26.91 1.85
CA ILE B 443 20.22 -26.52 0.68
C ILE B 443 20.97 -25.52 -0.20
N GLY B 444 22.26 -25.28 0.12
CA GLY B 444 23.17 -24.36 -0.61
C GLY B 444 22.64 -22.94 -0.76
N ALA B 445 22.21 -22.34 0.36
CA ALA B 445 21.71 -20.95 0.42
C ALA B 445 22.67 -20.08 1.26
N LYS B 446 23.57 -20.75 1.99
CA LYS B 446 24.69 -20.12 2.67
C LYS B 446 25.51 -19.34 1.63
N PRO B 447 25.55 -17.99 1.69
CA PRO B 447 26.44 -17.22 0.82
C PRO B 447 27.92 -17.57 1.04
N ASP B 448 28.68 -17.67 -0.05
CA ASP B 448 30.15 -17.74 0.02
C ASP B 448 30.69 -16.33 -0.12
N LEU B 449 31.28 -15.83 0.98
CA LEU B 449 31.67 -14.44 1.10
C LEU B 449 33.01 -14.22 0.38
N LEU B 450 33.94 -15.17 0.55
CA LEU B 450 35.24 -15.15 -0.10
C LEU B 450 35.04 -14.86 -1.60
N SER B 451 34.17 -15.66 -2.24
CA SER B 451 33.83 -15.48 -3.65
C SER B 451 33.17 -14.11 -3.87
N LEU B 452 32.21 -13.86 -2.97
CA LEU B 452 31.36 -12.65 -2.94
C LEU B 452 32.17 -11.51 -2.36
N LEU B 453 33.49 -11.60 -2.47
CA LEU B 453 34.37 -10.51 -2.00
C LEU B 453 34.80 -9.76 -3.26
N LEU B 454 35.32 -10.51 -4.23
CA LEU B 454 35.76 -9.95 -5.52
C LEU B 454 34.60 -9.14 -6.10
N LYS B 455 33.43 -9.77 -6.19
CA LYS B 455 32.25 -9.02 -6.69
C LYS B 455 31.50 -8.47 -5.48
N ASP B 456 30.85 -7.32 -5.67
CA ASP B 456 30.05 -6.61 -4.64
C ASP B 456 30.78 -6.65 -3.31
N PRO B 457 31.97 -6.04 -3.18
CA PRO B 457 32.71 -6.06 -1.91
C PRO B 457 31.98 -5.26 -0.82
N LYS B 458 31.10 -4.33 -1.24
CA LYS B 458 30.15 -3.64 -0.35
C LYS B 458 29.35 -4.71 0.42
N LEU B 459 28.68 -5.59 -0.33
CA LEU B 459 27.86 -6.66 0.25
C LEU B 459 28.74 -7.58 1.10
N ALA B 460 29.82 -8.07 0.49
CA ALA B 460 30.76 -8.97 1.14
C ALA B 460 31.09 -8.48 2.55
N MET B 461 31.38 -7.18 2.66
CA MET B 461 31.72 -6.55 3.96
C MET B 461 30.51 -6.59 4.87
N LYS B 462 29.40 -6.04 4.35
CA LYS B 462 28.17 -5.84 5.08
C LYS B 462 27.71 -7.17 5.69
N LEU B 463 27.90 -8.26 4.94
CA LEU B 463 27.42 -9.59 5.31
C LEU B 463 28.29 -10.14 6.44
N TYR B 464 29.58 -9.86 6.36
CA TYR B 464 30.52 -10.45 7.29
C TYR B 464 30.56 -9.61 8.56
N PHE B 465 30.84 -8.32 8.42
CA PHE B 465 31.16 -7.44 9.55
C PHE B 465 29.89 -6.83 10.13
N GLY B 466 28.87 -6.62 9.30
CA GLY B 466 27.60 -6.07 9.71
C GLY B 466 26.69 -7.12 10.34
N PRO B 467 25.39 -6.81 10.52
CA PRO B 467 24.48 -7.70 11.24
C PRO B 467 23.99 -8.78 10.29
N CYS B 468 24.01 -10.03 10.77
CA CYS B 468 23.64 -11.20 9.99
C CYS B 468 22.12 -11.40 9.98
N ASN B 469 21.43 -10.82 9.01
CA ASN B 469 19.97 -10.85 8.93
C ASN B 469 19.50 -12.18 8.32
N SER B 470 18.19 -12.41 8.40
CA SER B 470 17.56 -13.53 7.73
C SER B 470 17.71 -13.38 6.21
N TYR B 471 17.68 -12.12 5.76
CA TYR B 471 17.76 -11.75 4.35
C TYR B 471 18.93 -12.46 3.64
N GLN B 472 20.10 -12.50 4.30
CA GLN B 472 21.33 -13.06 3.74
C GLN B 472 21.10 -14.37 2.99
N TYR B 473 20.18 -15.19 3.50
CA TYR B 473 20.03 -16.56 3.06
C TYR B 473 19.20 -16.62 1.76
N ARG B 474 18.51 -15.53 1.38
CA ARG B 474 17.77 -15.47 0.11
C ARG B 474 18.61 -14.74 -0.98
N LEU B 475 19.94 -14.85 -0.86
CA LEU B 475 20.88 -14.24 -1.80
C LEU B 475 21.27 -15.25 -2.87
N VAL B 476 21.51 -16.49 -2.46
CA VAL B 476 21.97 -17.55 -3.32
C VAL B 476 21.07 -18.79 -3.09
N GLY B 477 21.35 -19.84 -3.88
CA GLY B 477 20.68 -21.11 -3.73
C GLY B 477 19.23 -21.03 -4.19
N PRO B 478 18.36 -21.99 -3.78
CA PRO B 478 16.96 -22.01 -4.21
C PRO B 478 16.11 -20.92 -3.55
N GLY B 479 14.92 -20.69 -4.11
CA GLY B 479 13.95 -19.69 -3.66
C GLY B 479 14.63 -18.40 -3.21
N GLN B 480 14.82 -17.47 -4.14
CA GLN B 480 15.50 -16.22 -3.83
C GLN B 480 14.47 -15.09 -3.75
N TRP B 481 14.94 -13.95 -3.24
CA TRP B 481 14.22 -12.68 -3.17
C TRP B 481 15.16 -11.62 -3.75
N GLU B 482 14.65 -10.78 -4.66
CA GLU B 482 15.42 -9.66 -5.20
C GLU B 482 15.68 -8.69 -4.05
N GLY B 483 14.59 -8.28 -3.40
CA GLY B 483 14.62 -7.45 -2.21
C GLY B 483 15.34 -8.16 -1.09
N ALA B 484 16.64 -8.35 -1.29
CA ALA B 484 17.51 -9.04 -0.38
C ALA B 484 18.80 -8.23 -0.24
N ARG B 485 19.43 -7.95 -1.38
CA ARG B 485 20.44 -6.92 -1.42
C ARG B 485 19.80 -5.65 -0.83
N ASN B 486 18.60 -5.34 -1.34
CA ASN B 486 17.92 -4.10 -1.03
C ASN B 486 17.62 -4.02 0.47
N ALA B 487 16.93 -5.05 0.98
CA ALA B 487 16.53 -5.11 2.39
C ALA B 487 17.74 -4.83 3.27
N ILE B 488 18.83 -5.55 3.01
CA ILE B 488 20.04 -5.49 3.81
C ILE B 488 20.57 -4.05 3.86
N PHE B 489 20.60 -3.40 2.69
CA PHE B 489 21.22 -2.09 2.55
C PHE B 489 20.39 -1.02 3.27
N THR B 490 19.07 -1.22 3.32
CA THR B 490 18.13 -0.22 3.80
C THR B 490 17.61 -0.53 5.21
N GLN B 491 18.23 -1.47 5.95
CA GLN B 491 17.63 -1.86 7.22
C GLN B 491 17.71 -0.67 8.20
N LYS B 492 18.84 0.05 8.16
CA LYS B 492 19.04 1.17 9.07
C LYS B 492 17.81 2.11 9.02
N GLN B 493 17.28 2.31 7.83
CA GLN B 493 16.11 3.15 7.62
C GLN B 493 14.92 2.60 8.41
N ARG B 494 14.63 1.31 8.25
CA ARG B 494 13.43 0.69 8.83
C ARG B 494 13.58 0.60 10.36
N ILE B 495 14.84 0.63 10.84
CA ILE B 495 15.13 0.66 12.27
C ILE B 495 14.80 2.05 12.84
N LEU B 496 15.35 3.09 12.21
CA LEU B 496 15.24 4.44 12.73
C LEU B 496 13.82 4.96 12.53
N LYS B 497 13.08 4.38 11.58
CA LYS B 497 11.81 4.95 11.13
C LYS B 497 10.84 5.09 12.31
N PRO B 498 10.65 4.06 13.16
CA PRO B 498 9.76 4.19 14.32
C PRO B 498 10.38 4.90 15.54
N LEU B 499 11.68 5.23 15.49
CA LEU B 499 12.44 5.83 16.60
C LEU B 499 12.54 7.34 16.45
N LYS B 500 13.25 7.77 15.38
CA LYS B 500 13.53 9.15 15.07
C LYS B 500 12.21 9.80 14.66
N THR B 501 11.49 10.26 15.68
CA THR B 501 10.08 10.59 15.62
C THR B 501 9.92 12.09 15.91
N ARG B 502 11.07 12.73 16.12
CA ARG B 502 11.27 14.19 16.41
C ARG B 502 12.64 14.54 15.85
N ALA B 503 12.77 15.66 15.13
CA ALA B 503 14.01 15.97 14.44
C ALA B 503 14.34 17.46 14.57
N LEU B 504 15.63 17.77 14.71
CA LEU B 504 16.10 19.16 14.82
C LEU B 504 16.32 19.76 13.43
N LYS B 505 17.05 19.05 12.55
CA LYS B 505 17.23 19.42 11.11
C LYS B 505 18.27 20.55 11.01
N ALA B 506 19.48 20.18 10.58
CA ALA B 506 20.60 21.13 10.47
C ALA B 506 21.73 20.51 9.63
N LEU B 515 33.68 14.78 15.39
CA LEU B 515 34.61 13.70 15.05
C LEU B 515 34.63 13.48 13.52
N LEU B 516 34.48 14.59 12.79
CA LEU B 516 34.49 14.63 11.32
C LEU B 516 35.96 14.61 10.83
N LYS B 517 36.72 15.62 11.29
CA LYS B 517 38.14 15.79 10.97
C LYS B 517 39.03 15.02 11.97
N ILE B 518 38.51 14.75 13.18
CA ILE B 518 39.21 13.94 14.23
C ILE B 518 39.34 12.49 13.74
N LEU B 519 38.40 12.04 12.90
CA LEU B 519 38.41 10.73 12.25
C LEU B 519 39.36 10.77 11.03
N GLY B 520 39.20 11.81 10.20
CA GLY B 520 40.06 12.08 9.06
C GLY B 520 41.53 12.16 9.43
N LEU B 521 41.83 12.76 10.60
CA LEU B 521 43.21 13.07 11.07
C LEU B 521 43.97 11.79 11.44
N LEU B 522 43.42 11.03 12.41
CA LEU B 522 44.14 9.87 13.00
C LEU B 522 44.26 8.74 11.95
N ALA B 523 43.35 8.72 10.96
CA ALA B 523 43.38 7.78 9.82
C ALA B 523 44.47 8.16 8.83
N VAL B 524 44.56 9.46 8.52
CA VAL B 524 45.61 10.03 7.66
C VAL B 524 46.95 9.97 8.39
N VAL B 525 46.95 10.17 9.71
CA VAL B 525 48.17 10.18 10.55
C VAL B 525 48.77 8.78 10.64
N VAL B 526 47.96 7.74 10.41
CA VAL B 526 48.43 6.35 10.29
C VAL B 526 48.68 6.02 8.80
N ALA B 527 48.10 6.80 7.88
CA ALA B 527 48.51 6.80 6.48
C ALA B 527 49.85 7.52 6.30
N PHE B 528 50.30 8.25 7.33
CA PHE B 528 51.66 8.87 7.41
C PHE B 528 52.64 7.93 8.13
N PHE B 529 52.20 7.33 9.23
CA PHE B 529 52.94 6.27 9.95
C PHE B 529 53.43 5.22 8.94
N PHE B 530 52.50 4.62 8.20
CA PHE B 530 52.76 3.42 7.34
C PHE B 530 53.56 3.77 6.09
N GLN B 531 53.41 5.01 5.60
CA GLN B 531 54.28 5.58 4.56
C GLN B 531 55.44 6.33 5.24
N LEU B 532 56.13 5.68 6.20
CA LEU B 532 57.43 6.15 6.75
C LEU B 532 58.23 4.94 7.24
N ALA C 2 -33.87 -39.99 -59.56
CA ALA C 2 -32.68 -39.09 -59.57
C ALA C 2 -31.47 -39.78 -58.92
N LYS C 3 -30.29 -39.50 -59.44
CA LYS C 3 -29.04 -40.10 -59.00
C LYS C 3 -27.89 -39.13 -59.33
N LYS C 4 -27.63 -38.97 -60.63
CA LYS C 4 -26.59 -38.08 -61.12
C LYS C 4 -27.07 -36.62 -61.00
N VAL C 5 -26.45 -35.89 -60.06
CA VAL C 5 -26.80 -34.50 -59.69
C VAL C 5 -25.63 -33.56 -60.04
N ALA C 6 -25.95 -32.38 -60.55
CA ALA C 6 -24.97 -31.36 -60.87
C ALA C 6 -25.09 -30.19 -59.89
N VAL C 7 -23.94 -29.71 -59.40
CA VAL C 7 -23.90 -28.53 -58.56
C VAL C 7 -22.93 -27.53 -59.18
N ILE C 8 -23.49 -26.37 -59.56
CA ILE C 8 -22.77 -25.31 -60.22
C ILE C 8 -22.02 -24.49 -59.15
N GLY C 9 -20.70 -24.68 -59.06
CA GLY C 9 -19.87 -23.87 -58.19
C GLY C 9 -19.56 -24.56 -56.87
N ALA C 10 -18.31 -24.41 -56.42
CA ALA C 10 -17.82 -24.94 -55.15
C ALA C 10 -17.83 -23.81 -54.10
N GLY C 11 -18.90 -22.99 -54.15
CA GLY C 11 -19.17 -22.00 -53.14
C GLY C 11 -19.37 -22.66 -51.80
N VAL C 12 -19.96 -21.91 -50.87
CA VAL C 12 -20.43 -22.50 -49.62
C VAL C 12 -21.63 -23.37 -49.95
N SER C 13 -22.47 -22.81 -50.82
CA SER C 13 -23.70 -23.41 -51.25
C SER C 13 -23.41 -24.71 -52.01
N GLY C 14 -22.46 -24.67 -52.96
CA GLY C 14 -21.96 -25.89 -53.60
C GLY C 14 -21.49 -26.94 -52.59
N LEU C 15 -20.60 -26.54 -51.71
CA LEU C 15 -19.95 -27.45 -50.79
C LEU C 15 -20.95 -28.15 -49.86
N ILE C 16 -22.03 -27.47 -49.48
CA ILE C 16 -22.98 -28.04 -48.54
C ILE C 16 -23.93 -28.96 -49.30
N SER C 17 -24.39 -28.54 -50.47
CA SER C 17 -25.26 -29.37 -51.28
C SER C 17 -24.49 -30.66 -51.64
N LEU C 18 -23.27 -30.50 -52.15
CA LEU C 18 -22.37 -31.61 -52.41
C LEU C 18 -22.51 -32.63 -51.28
N LYS C 19 -22.38 -32.15 -50.05
CA LYS C 19 -22.45 -32.97 -48.86
C LYS C 19 -23.86 -33.51 -48.63
N CYS C 20 -24.87 -32.64 -48.71
CA CYS C 20 -26.26 -33.02 -48.46
C CYS C 20 -26.72 -34.11 -49.43
N CYS C 21 -26.10 -34.14 -50.62
CA CYS C 21 -26.28 -35.22 -51.60
C CYS C 21 -25.82 -36.55 -51.01
N VAL C 22 -24.52 -36.67 -50.75
CA VAL C 22 -23.98 -37.95 -50.33
C VAL C 22 -24.76 -38.44 -49.10
N ASP C 23 -25.38 -37.53 -48.36
CA ASP C 23 -26.17 -37.88 -47.18
C ASP C 23 -27.49 -38.53 -47.59
N GLU C 24 -28.05 -38.13 -48.74
CA GLU C 24 -29.28 -38.74 -49.26
C GLU C 24 -28.92 -39.80 -50.33
N GLY C 25 -27.62 -40.13 -50.40
CA GLY C 25 -27.09 -41.18 -51.27
C GLY C 25 -27.16 -40.85 -52.76
N LEU C 26 -27.28 -39.57 -53.14
CA LEU C 26 -27.15 -39.17 -54.53
C LEU C 26 -25.66 -39.15 -54.90
N GLU C 27 -25.37 -39.19 -56.20
CA GLU C 27 -24.00 -39.17 -56.67
C GLU C 27 -23.83 -37.87 -57.45
N PRO C 28 -23.15 -36.86 -56.85
CA PRO C 28 -23.04 -35.53 -57.44
C PRO C 28 -21.73 -35.23 -58.19
N THR C 29 -21.80 -34.22 -59.06
CA THR C 29 -20.64 -33.69 -59.76
C THR C 29 -20.64 -32.16 -59.62
N CYS C 30 -19.53 -31.62 -59.11
CA CYS C 30 -19.40 -30.20 -58.87
C CYS C 30 -18.54 -29.57 -59.96
N PHE C 31 -19.04 -28.46 -60.53
CA PHE C 31 -18.31 -27.69 -61.51
C PHE C 31 -17.90 -26.35 -60.90
N GLU C 32 -16.58 -26.12 -60.83
CA GLU C 32 -16.03 -24.91 -60.27
C GLU C 32 -15.29 -24.14 -61.37
N ARG C 33 -15.73 -22.90 -61.65
CA ARG C 33 -15.11 -21.98 -62.65
C ARG C 33 -13.62 -21.84 -62.35
N THR C 34 -13.28 -21.69 -61.06
CA THR C 34 -11.92 -21.35 -60.61
C THR C 34 -11.16 -22.61 -60.22
N GLU C 35 -10.05 -22.42 -59.50
CA GLU C 35 -9.06 -23.45 -59.23
C GLU C 35 -9.25 -23.99 -57.82
N ASP C 36 -10.25 -23.49 -57.08
CA ASP C 36 -10.39 -23.81 -55.66
C ASP C 36 -11.78 -23.44 -55.14
N ILE C 37 -12.06 -23.96 -53.94
CA ILE C 37 -13.32 -23.82 -53.23
C ILE C 37 -13.35 -22.50 -52.46
N GLY C 38 -14.53 -22.19 -51.92
CA GLY C 38 -14.79 -21.04 -51.05
C GLY C 38 -15.64 -20.00 -51.74
N GLY C 39 -15.47 -19.91 -53.07
CA GLY C 39 -16.02 -18.81 -53.80
C GLY C 39 -15.62 -17.52 -53.12
N LEU C 40 -16.61 -16.71 -52.73
CA LEU C 40 -16.39 -15.30 -52.32
C LEU C 40 -15.28 -15.19 -51.26
N TRP C 41 -15.28 -16.12 -50.32
CA TRP C 41 -14.48 -16.11 -49.10
C TRP C 41 -13.02 -16.52 -49.31
N ARG C 42 -12.69 -17.04 -50.50
CA ARG C 42 -11.30 -17.21 -50.87
C ARG C 42 -10.80 -15.84 -51.32
N PHE C 43 -9.94 -15.20 -50.52
CA PHE C 43 -9.45 -13.90 -50.92
C PHE C 43 -8.42 -14.07 -52.04
N LYS C 44 -8.55 -13.25 -53.08
CA LYS C 44 -7.50 -13.15 -54.06
C LYS C 44 -7.26 -11.66 -54.33
N GLU C 45 -6.05 -11.38 -54.80
CA GLU C 45 -5.47 -10.06 -54.75
C GLU C 45 -6.10 -9.25 -55.89
N ASN C 46 -6.20 -9.88 -57.05
CA ASN C 46 -6.87 -9.33 -58.25
C ASN C 46 -8.35 -9.72 -58.26
N VAL C 47 -9.17 -8.95 -58.98
CA VAL C 47 -10.61 -9.25 -59.12
C VAL C 47 -10.81 -10.13 -60.36
N GLU C 48 -10.93 -11.45 -60.15
CA GLU C 48 -11.14 -12.39 -61.27
C GLU C 48 -12.64 -12.45 -61.59
N ASP C 49 -12.93 -12.41 -62.90
CA ASP C 49 -14.28 -12.43 -63.46
C ASP C 49 -15.03 -13.69 -63.03
N GLY C 50 -16.36 -13.57 -62.96
CA GLY C 50 -17.28 -14.67 -62.63
C GLY C 50 -17.21 -15.12 -61.18
N ARG C 51 -16.30 -14.53 -60.38
CA ARG C 51 -16.24 -14.80 -58.95
C ARG C 51 -16.36 -13.48 -58.18
N ALA C 52 -17.02 -13.58 -57.02
CA ALA C 52 -17.23 -12.45 -56.15
C ALA C 52 -15.92 -12.10 -55.44
N SER C 53 -15.57 -10.80 -55.44
CA SER C 53 -14.36 -10.29 -54.77
C SER C 53 -14.66 -9.86 -53.32
N ILE C 54 -13.67 -10.01 -52.44
CA ILE C 54 -13.70 -9.34 -51.16
C ILE C 54 -12.40 -8.56 -50.98
N TYR C 55 -12.53 -7.45 -50.25
CA TYR C 55 -11.40 -6.74 -49.69
C TYR C 55 -10.72 -7.66 -48.65
N GLN C 56 -9.46 -7.37 -48.31
CA GLN C 56 -8.60 -8.39 -47.70
C GLN C 56 -8.97 -8.57 -46.22
N SER C 57 -9.66 -7.59 -45.64
CA SER C 57 -9.72 -7.45 -44.18
C SER C 57 -11.09 -7.87 -43.62
N VAL C 58 -11.95 -8.49 -44.45
CA VAL C 58 -13.35 -8.77 -44.09
C VAL C 58 -13.40 -9.76 -42.91
N ILE C 59 -14.27 -9.44 -41.97
CA ILE C 59 -14.54 -10.33 -40.81
C ILE C 59 -16.01 -10.70 -40.90
N THR C 60 -16.39 -11.89 -40.44
CA THR C 60 -17.80 -12.30 -40.58
C THR C 60 -18.68 -11.48 -39.62
N ASN C 61 -19.95 -11.27 -39.95
CA ASN C 61 -20.84 -10.54 -39.01
C ASN C 61 -21.73 -11.52 -38.27
N THR C 62 -21.32 -12.78 -38.14
CA THR C 62 -22.14 -13.78 -37.45
C THR C 62 -21.25 -14.78 -36.70
N SER C 63 -21.65 -15.11 -35.47
CA SER C 63 -20.95 -16.00 -34.54
C SER C 63 -20.67 -17.36 -35.23
N LYS C 64 -19.63 -18.06 -34.76
CA LYS C 64 -19.29 -19.40 -35.22
C LYS C 64 -20.31 -20.45 -34.76
N GLU C 65 -20.82 -20.32 -33.52
CA GLU C 65 -21.77 -21.29 -33.00
C GLU C 65 -23.19 -20.94 -33.47
N MET C 66 -23.35 -19.78 -34.09
CA MET C 66 -24.62 -19.41 -34.66
C MET C 66 -24.63 -19.58 -36.17
N SER C 67 -23.52 -20.05 -36.74
CA SER C 67 -23.43 -20.05 -38.18
C SER C 67 -22.62 -21.24 -38.71
N CYS C 68 -22.38 -22.26 -37.88
CA CYS C 68 -21.77 -23.50 -38.34
C CYS C 68 -22.86 -24.41 -38.88
N PHE C 69 -22.45 -25.43 -39.65
CA PHE C 69 -23.36 -26.43 -40.15
C PHE C 69 -23.87 -27.26 -38.97
N SER C 70 -25.16 -27.63 -39.04
CA SER C 70 -25.98 -28.24 -37.96
C SER C 70 -25.32 -29.46 -37.30
N ASP C 71 -24.35 -30.08 -37.98
CA ASP C 71 -23.71 -31.28 -37.49
C ASP C 71 -22.19 -31.16 -37.55
N PHE C 72 -21.66 -29.93 -37.58
CA PHE C 72 -20.22 -29.73 -37.68
C PHE C 72 -19.82 -28.43 -36.99
N PRO C 73 -19.82 -28.41 -35.64
CA PRO C 73 -19.39 -27.23 -34.90
C PRO C 73 -18.01 -26.82 -35.43
N MET C 74 -17.76 -25.52 -35.36
CA MET C 74 -16.48 -25.01 -35.61
C MET C 74 -15.56 -25.47 -34.49
N PRO C 75 -14.27 -25.76 -34.78
CA PRO C 75 -13.32 -26.18 -33.74
C PRO C 75 -13.44 -25.24 -32.53
N GLU C 76 -13.20 -25.75 -31.31
CA GLU C 76 -13.42 -24.91 -30.13
C GLU C 76 -12.45 -23.73 -30.14
N HIS C 77 -11.24 -23.98 -30.65
CA HIS C 77 -10.14 -23.01 -30.66
C HIS C 77 -10.31 -21.92 -31.74
N PHE C 78 -11.45 -21.89 -32.43
CA PHE C 78 -11.72 -20.83 -33.40
C PHE C 78 -12.29 -19.61 -32.69
N PRO C 79 -12.02 -18.39 -33.20
CA PRO C 79 -12.62 -17.17 -32.66
C PRO C 79 -14.11 -17.14 -33.02
N ASN C 80 -14.89 -16.28 -32.38
CA ASN C 80 -16.34 -16.32 -32.49
C ASN C 80 -16.75 -15.56 -33.75
N PHE C 81 -16.05 -14.47 -34.06
CA PHE C 81 -16.13 -13.88 -35.41
C PHE C 81 -14.78 -14.12 -36.11
N LEU C 82 -14.84 -14.19 -37.44
CA LEU C 82 -13.83 -14.88 -38.22
C LEU C 82 -13.28 -13.96 -39.30
N HIS C 83 -11.95 -13.95 -39.45
CA HIS C 83 -11.35 -13.41 -40.65
C HIS C 83 -11.72 -14.33 -41.81
N ASN C 84 -11.83 -13.74 -43.00
CA ASN C 84 -12.10 -14.51 -44.21
C ASN C 84 -11.07 -15.64 -44.33
N SER C 85 -9.79 -15.34 -44.07
CA SER C 85 -8.71 -16.33 -43.98
C SER C 85 -9.19 -17.58 -43.25
N LYS C 86 -9.77 -17.35 -42.07
CA LYS C 86 -10.05 -18.37 -41.08
C LYS C 86 -11.37 -19.09 -41.41
N LEU C 87 -12.31 -18.39 -42.05
CA LEU C 87 -13.54 -19.04 -42.40
C LEU C 87 -13.24 -20.13 -43.44
N LEU C 88 -12.55 -19.72 -44.52
CA LEU C 88 -12.03 -20.63 -45.51
C LEU C 88 -11.60 -21.91 -44.80
N GLU C 89 -10.72 -21.76 -43.81
CA GLU C 89 -10.15 -22.91 -43.12
C GLU C 89 -11.27 -23.88 -42.71
N TYR C 90 -12.34 -23.36 -42.10
CA TYR C 90 -13.45 -24.21 -41.69
C TYR C 90 -13.94 -25.00 -42.91
N PHE C 91 -14.21 -24.28 -44.00
CA PHE C 91 -14.68 -24.86 -45.25
C PHE C 91 -13.75 -25.99 -45.70
N ARG C 92 -12.44 -25.72 -45.72
CA ARG C 92 -11.47 -26.71 -46.14
C ARG C 92 -11.54 -27.93 -45.20
N ILE C 93 -11.65 -27.66 -43.90
CA ILE C 93 -11.72 -28.70 -42.86
C ILE C 93 -12.96 -29.56 -43.10
N PHE C 94 -14.03 -28.91 -43.54
CA PHE C 94 -15.30 -29.53 -43.81
C PHE C 94 -15.20 -30.50 -45.00
N ALA C 95 -14.71 -29.98 -46.13
CA ALA C 95 -14.55 -30.75 -47.36
C ALA C 95 -13.54 -31.92 -47.22
N LYS C 96 -12.62 -31.79 -46.27
CA LYS C 96 -11.70 -32.88 -45.92
C LYS C 96 -12.49 -33.95 -45.14
N LYS C 97 -13.28 -33.51 -44.15
CA LYS C 97 -13.94 -34.41 -43.22
C LYS C 97 -15.13 -35.12 -43.89
N PHE C 98 -15.61 -34.64 -45.04
CA PHE C 98 -16.73 -35.28 -45.72
C PHE C 98 -16.33 -35.74 -47.13
N ASP C 99 -15.02 -35.67 -47.42
CA ASP C 99 -14.42 -36.20 -48.64
C ASP C 99 -15.12 -35.61 -49.89
N LEU C 100 -15.50 -34.33 -49.82
CA LEU C 100 -16.34 -33.72 -50.84
C LEU C 100 -15.50 -33.26 -52.02
N LEU C 101 -14.18 -33.40 -51.91
CA LEU C 101 -13.28 -32.77 -52.84
C LEU C 101 -13.23 -33.59 -54.14
N LYS C 102 -13.46 -34.89 -54.01
CA LYS C 102 -13.40 -35.81 -55.14
C LYS C 102 -14.49 -35.51 -56.17
N TYR C 103 -15.61 -34.92 -55.75
CA TYR C 103 -16.75 -34.62 -56.67
C TYR C 103 -16.51 -33.30 -57.43
N ILE C 104 -15.43 -32.58 -57.10
CA ILE C 104 -15.20 -31.24 -57.65
C ILE C 104 -14.35 -31.36 -58.91
N GLN C 105 -14.82 -30.78 -60.01
CA GLN C 105 -13.99 -30.50 -61.17
C GLN C 105 -13.70 -29.00 -61.29
N PHE C 106 -12.45 -28.64 -61.00
CA PHE C 106 -12.01 -27.25 -61.01
C PHE C 106 -11.70 -26.81 -62.44
N GLN C 107 -11.68 -25.48 -62.63
CA GLN C 107 -11.36 -24.84 -63.90
C GLN C 107 -12.29 -25.32 -65.01
N THR C 108 -13.43 -25.93 -64.63
CA THR C 108 -14.49 -26.30 -65.56
C THR C 108 -15.70 -25.40 -65.29
N THR C 109 -15.97 -24.48 -66.21
CA THR C 109 -17.04 -23.51 -66.09
C THR C 109 -18.26 -23.97 -66.89
N VAL C 110 -19.46 -23.80 -66.31
CA VAL C 110 -20.72 -24.26 -66.86
C VAL C 110 -21.30 -23.18 -67.79
N LEU C 111 -21.38 -23.51 -69.07
CA LEU C 111 -21.73 -22.57 -70.12
C LEU C 111 -23.24 -22.56 -70.34
N SER C 112 -23.88 -23.74 -70.34
CA SER C 112 -25.33 -23.82 -70.51
C SER C 112 -25.91 -24.99 -69.72
N VAL C 113 -27.12 -24.78 -69.20
CA VAL C 113 -27.93 -25.82 -68.61
C VAL C 113 -29.26 -25.79 -69.35
N LYS C 114 -29.44 -26.82 -70.21
CA LYS C 114 -30.57 -26.95 -71.09
C LYS C 114 -31.34 -28.23 -70.72
N LYS C 115 -32.65 -28.12 -70.87
CA LYS C 115 -33.58 -29.17 -70.61
C LYS C 115 -33.52 -30.13 -71.79
N CYS C 116 -33.27 -31.43 -71.56
CA CYS C 116 -33.57 -32.48 -72.57
C CYS C 116 -35.09 -32.69 -72.56
N PRO C 117 -35.68 -33.51 -73.47
CA PRO C 117 -37.11 -33.88 -73.37
C PRO C 117 -37.60 -34.43 -72.00
N ASP C 118 -37.80 -33.49 -71.03
CA ASP C 118 -38.16 -33.68 -69.58
C ASP C 118 -39.28 -34.73 -69.47
N GLY C 123 -36.65 -36.84 -66.95
CA GLY C 123 -36.83 -35.55 -66.22
C GLY C 123 -35.54 -34.77 -65.97
N GLN C 124 -34.65 -34.74 -66.98
CA GLN C 124 -33.23 -34.48 -66.84
C GLN C 124 -32.82 -33.17 -67.52
N TRP C 125 -31.49 -32.89 -67.47
CA TRP C 125 -30.84 -31.66 -67.97
C TRP C 125 -29.52 -31.97 -68.66
N GLU C 126 -29.24 -31.22 -69.73
CA GLU C 126 -27.97 -31.27 -70.45
C GLU C 126 -27.13 -30.03 -70.10
N ILE C 127 -25.86 -30.25 -69.78
CA ILE C 127 -24.99 -29.25 -69.22
C ILE C 127 -23.66 -29.22 -70.00
N VAL C 128 -23.42 -28.10 -70.69
CA VAL C 128 -22.20 -27.86 -71.42
C VAL C 128 -21.21 -27.14 -70.50
N THR C 129 -19.96 -27.60 -70.47
CA THR C 129 -18.93 -27.04 -69.60
C THR C 129 -17.58 -26.99 -70.32
N GLU C 130 -17.02 -25.80 -70.54
CA GLU C 130 -15.70 -25.67 -71.18
C GLU C 130 -14.61 -25.87 -70.11
N SER C 131 -13.51 -26.50 -70.51
CA SER C 131 -12.35 -26.72 -69.66
C SER C 131 -11.15 -25.96 -70.26
N ASN C 132 -10.03 -26.64 -70.51
CA ASN C 132 -8.91 -26.03 -71.25
C ASN C 132 -9.31 -25.94 -72.72
N GLY C 133 -10.07 -24.91 -73.09
CA GLY C 133 -10.35 -24.59 -74.50
C GLY C 133 -11.52 -25.38 -75.08
N LYS C 134 -11.51 -26.70 -74.93
CA LYS C 134 -12.50 -27.59 -75.55
C LYS C 134 -13.51 -28.05 -74.50
N GLU C 135 -14.77 -28.15 -74.94
CA GLU C 135 -15.95 -28.07 -74.08
C GLU C 135 -16.79 -29.36 -74.20
N GLN C 136 -16.71 -30.20 -73.17
CA GLN C 136 -17.50 -31.42 -73.02
C GLN C 136 -18.96 -31.07 -72.66
N SER C 137 -19.86 -32.02 -72.91
CA SER C 137 -21.27 -31.96 -72.51
C SER C 137 -21.57 -33.16 -71.61
N ALA C 138 -22.69 -33.12 -70.90
CA ALA C 138 -23.13 -34.25 -70.06
C ALA C 138 -24.58 -34.04 -69.61
N VAL C 139 -25.12 -35.08 -68.97
CA VAL C 139 -26.56 -35.20 -68.67
C VAL C 139 -26.75 -35.56 -67.19
N PHE C 140 -27.72 -34.92 -66.56
CA PHE C 140 -27.93 -35.08 -65.13
C PHE C 140 -29.43 -35.17 -64.87
N ASP C 141 -29.76 -35.93 -63.83
CA ASP C 141 -31.13 -36.16 -63.42
C ASP C 141 -31.67 -34.87 -62.76
N ALA C 142 -30.78 -34.15 -62.05
CA ALA C 142 -31.12 -32.90 -61.33
C ALA C 142 -29.90 -31.99 -61.22
N VAL C 143 -30.15 -30.71 -60.94
CA VAL C 143 -29.10 -29.71 -60.88
C VAL C 143 -29.44 -28.62 -59.85
N MET C 144 -28.46 -28.34 -58.98
CA MET C 144 -28.52 -27.29 -57.95
C MET C 144 -27.54 -26.15 -58.30
N VAL C 145 -28.10 -24.96 -58.50
CA VAL C 145 -27.33 -23.76 -58.88
C VAL C 145 -26.78 -23.06 -57.63
N CYS C 146 -25.44 -22.89 -57.58
CA CYS C 146 -24.71 -22.30 -56.46
C CYS C 146 -23.61 -21.34 -56.95
N SER C 147 -23.91 -20.53 -57.96
CA SER C 147 -22.95 -19.64 -58.61
C SER C 147 -22.96 -18.23 -57.98
N GLY C 148 -23.71 -18.04 -56.88
CA GLY C 148 -23.74 -16.79 -56.09
C GLY C 148 -24.45 -15.64 -56.78
N HIS C 149 -24.45 -14.47 -56.16
CA HIS C 149 -25.19 -13.31 -56.70
C HIS C 149 -24.57 -11.96 -56.30
N HIS C 150 -23.36 -12.00 -55.73
CA HIS C 150 -22.58 -10.85 -55.32
C HIS C 150 -21.37 -10.71 -56.27
N ILE C 151 -21.66 -10.82 -57.56
CA ILE C 151 -20.62 -10.90 -58.55
C ILE C 151 -20.79 -9.78 -59.59
N LEU C 152 -22.04 -9.44 -59.91
CA LEU C 152 -22.36 -8.53 -61.00
C LEU C 152 -22.66 -7.15 -60.43
N PRO C 153 -21.69 -6.21 -60.41
CA PRO C 153 -21.86 -4.94 -59.72
C PRO C 153 -23.03 -4.11 -60.30
N HIS C 154 -23.75 -3.43 -59.40
CA HIS C 154 -24.76 -2.46 -59.74
C HIS C 154 -24.21 -1.06 -59.42
N ILE C 155 -24.18 -0.17 -60.44
CA ILE C 155 -23.72 1.23 -60.31
C ILE C 155 -24.70 2.13 -61.03
N PRO C 156 -25.78 2.60 -60.36
CA PRO C 156 -26.80 3.40 -61.04
C PRO C 156 -26.33 4.84 -61.27
N LEU C 157 -25.44 5.02 -62.26
CA LEU C 157 -24.84 6.30 -62.57
C LEU C 157 -25.90 7.32 -63.00
N GLN C 158 -26.97 6.82 -63.61
CA GLN C 158 -28.10 7.62 -64.11
C GLN C 158 -28.65 8.53 -62.99
N SER C 159 -28.65 8.02 -61.76
CA SER C 159 -29.24 8.70 -60.62
C SER C 159 -28.23 9.65 -59.94
N PHE C 160 -26.97 9.64 -60.41
CA PHE C 160 -25.91 10.58 -59.94
C PHE C 160 -25.49 11.52 -61.07
N PRO C 161 -26.32 12.52 -61.42
CA PRO C 161 -26.02 13.44 -62.51
C PRO C 161 -24.72 14.22 -62.32
N GLY C 162 -24.04 14.52 -63.42
CA GLY C 162 -22.80 15.25 -63.45
C GLY C 162 -21.59 14.35 -63.32
N ILE C 163 -21.85 13.06 -63.05
CA ILE C 163 -20.81 12.02 -62.96
C ILE C 163 -19.91 12.05 -64.21
N GLU C 164 -20.51 12.38 -65.36
CA GLU C 164 -19.82 12.56 -66.65
C GLU C 164 -18.72 13.61 -66.54
N ARG C 165 -19.03 14.69 -65.81
CA ARG C 165 -18.12 15.82 -65.62
C ARG C 165 -17.05 15.50 -64.57
N PHE C 166 -17.39 14.72 -63.54
CA PHE C 166 -16.46 14.46 -62.40
C PHE C 166 -15.09 14.03 -62.94
N LYS C 167 -14.08 14.89 -62.77
CA LYS C 167 -12.69 14.51 -62.94
C LYS C 167 -12.35 13.58 -61.78
N GLY C 168 -11.08 13.25 -61.56
CA GLY C 168 -10.73 12.33 -60.44
C GLY C 168 -11.34 10.95 -60.65
N GLN C 169 -11.11 10.06 -59.66
CA GLN C 169 -11.23 8.60 -59.81
C GLN C 169 -12.52 8.12 -59.14
N TYR C 170 -13.11 7.04 -59.68
CA TYR C 170 -14.23 6.38 -59.01
C TYR C 170 -14.37 4.92 -59.44
N PHE C 171 -15.00 4.12 -58.57
CA PHE C 171 -15.17 2.69 -58.77
C PHE C 171 -16.19 2.11 -57.79
N HIS C 172 -16.42 0.80 -57.94
CA HIS C 172 -17.44 0.10 -57.20
C HIS C 172 -16.74 -0.72 -56.11
N SER C 173 -17.44 -0.88 -54.98
CA SER C 173 -16.99 -1.71 -53.86
C SER C 173 -16.24 -2.95 -54.34
N ARG C 174 -16.81 -3.66 -55.33
CA ARG C 174 -16.22 -4.87 -55.93
C ARG C 174 -14.71 -4.70 -56.12
N GLN C 175 -14.34 -3.60 -56.75
CA GLN C 175 -12.98 -3.39 -57.21
C GLN C 175 -12.03 -3.11 -56.03
N TYR C 176 -12.55 -2.76 -54.85
CA TYR C 176 -11.72 -2.48 -53.69
C TYR C 176 -11.11 -3.78 -53.17
N LYS C 177 -9.90 -3.64 -52.59
CA LYS C 177 -9.12 -4.73 -52.06
C LYS C 177 -8.26 -4.25 -50.88
N HIS C 178 -7.46 -3.19 -51.12
CA HIS C 178 -6.56 -2.65 -50.12
C HIS C 178 -6.73 -1.14 -50.02
N PRO C 179 -6.46 -0.56 -48.82
CA PRO C 179 -6.54 0.88 -48.60
C PRO C 179 -5.30 1.67 -49.07
N GLU C 180 -4.14 1.03 -49.02
CA GLU C 180 -2.89 1.64 -49.48
C GLU C 180 -3.08 2.09 -50.93
N GLY C 181 -2.68 3.34 -51.20
CA GLY C 181 -2.91 4.03 -52.46
C GLY C 181 -3.76 5.27 -52.27
N PHE C 182 -4.51 5.30 -51.16
CA PHE C 182 -5.52 6.33 -50.92
C PHE C 182 -5.14 7.18 -49.72
N GLU C 183 -3.85 7.11 -49.35
CA GLU C 183 -3.25 7.95 -48.32
C GLU C 183 -3.60 9.41 -48.58
N GLY C 184 -4.14 10.06 -47.55
CA GLY C 184 -4.51 11.47 -47.53
C GLY C 184 -5.30 11.92 -48.75
N LYS C 185 -6.38 11.23 -49.12
CA LYS C 185 -7.24 11.75 -50.18
C LYS C 185 -8.62 12.07 -49.61
N ARG C 186 -9.41 12.78 -50.42
CA ARG C 186 -10.75 13.19 -50.05
C ARG C 186 -11.74 12.21 -50.71
N ILE C 187 -12.33 11.32 -49.90
CA ILE C 187 -13.02 10.13 -50.43
C ILE C 187 -14.52 10.09 -50.06
N LEU C 188 -15.35 10.04 -51.09
CA LEU C 188 -16.78 9.95 -50.97
C LEU C 188 -17.19 8.51 -51.29
N VAL C 189 -17.80 7.82 -50.33
CA VAL C 189 -18.39 6.54 -50.61
C VAL C 189 -19.91 6.67 -50.57
N ILE C 190 -20.56 6.15 -51.61
CA ILE C 190 -21.98 6.23 -51.79
C ILE C 190 -22.60 4.96 -51.20
N GLY C 191 -23.56 5.15 -50.29
CA GLY C 191 -24.34 4.08 -49.65
C GLY C 191 -23.78 3.63 -48.30
N ILE C 192 -24.65 3.04 -47.48
CA ILE C 192 -24.30 2.53 -46.15
C ILE C 192 -24.46 0.99 -46.14
N GLY C 193 -23.83 0.33 -47.13
CA GLY C 193 -23.56 -1.11 -47.06
C GLY C 193 -22.80 -1.44 -45.78
N ASN C 194 -22.92 -2.69 -45.33
CA ASN C 194 -21.99 -3.27 -44.38
C ASN C 194 -20.58 -3.06 -44.95
N SER C 195 -20.46 -3.22 -46.28
CA SER C 195 -19.23 -3.07 -47.02
C SER C 195 -18.79 -1.61 -47.06
N ALA C 196 -19.67 -0.72 -47.49
CA ALA C 196 -19.37 0.72 -47.46
C ALA C 196 -18.74 1.09 -46.12
N SER C 197 -19.34 0.64 -45.02
CA SER C 197 -18.89 0.93 -43.69
C SER C 197 -17.47 0.39 -43.47
N ASP C 198 -17.28 -0.89 -43.76
CA ASP C 198 -15.97 -1.52 -43.60
C ASP C 198 -14.95 -0.73 -44.43
N ILE C 199 -15.34 -0.35 -45.66
CA ILE C 199 -14.44 0.34 -46.56
C ILE C 199 -14.13 1.73 -45.98
N ALA C 200 -15.20 2.50 -45.73
CA ALA C 200 -15.10 3.83 -45.18
C ALA C 200 -14.11 3.80 -44.01
N VAL C 201 -14.44 3.00 -43.00
CA VAL C 201 -13.63 2.89 -41.83
C VAL C 201 -12.16 2.66 -42.25
N GLU C 202 -11.91 1.65 -43.08
CA GLU C 202 -10.54 1.25 -43.44
C GLU C 202 -9.80 2.41 -44.11
N LEU C 203 -10.42 3.03 -45.11
CA LEU C 203 -9.79 4.14 -45.82
C LEU C 203 -9.60 5.33 -44.88
N SER C 204 -10.59 5.54 -44.00
CA SER C 204 -10.72 6.72 -43.12
C SER C 204 -9.48 6.95 -42.27
N LYS C 205 -8.83 5.87 -41.84
CA LYS C 205 -7.69 5.97 -40.94
C LYS C 205 -6.60 6.90 -41.52
N LYS C 206 -6.13 6.61 -42.73
CA LYS C 206 -4.96 7.26 -43.32
C LYS C 206 -5.37 8.28 -44.39
N ALA C 207 -6.68 8.59 -44.48
CA ALA C 207 -7.21 9.48 -45.52
C ALA C 207 -7.44 10.88 -44.94
N ALA C 208 -7.41 11.87 -45.83
CA ALA C 208 -7.63 13.24 -45.46
C ALA C 208 -9.01 13.31 -44.80
N GLN C 209 -10.03 12.98 -45.60
CA GLN C 209 -11.40 12.88 -45.16
C GLN C 209 -12.08 11.73 -45.89
N VAL C 210 -13.05 11.12 -45.22
CA VAL C 210 -13.99 10.23 -45.85
C VAL C 210 -15.39 10.70 -45.49
N PHE C 211 -16.23 10.78 -46.52
CA PHE C 211 -17.64 11.02 -46.39
C PHE C 211 -18.34 9.71 -46.68
N ILE C 212 -19.65 9.67 -46.46
CA ILE C 212 -20.43 8.48 -46.70
C ILE C 212 -21.89 8.91 -46.84
N SER C 213 -22.37 8.90 -48.09
CA SER C 213 -23.69 9.37 -48.45
C SER C 213 -24.77 8.33 -48.12
N THR C 214 -25.91 8.81 -47.60
CA THR C 214 -27.18 8.08 -47.58
C THR C 214 -28.35 9.04 -47.40
N ARG C 215 -29.45 8.74 -48.09
CA ARG C 215 -30.70 9.37 -47.79
C ARG C 215 -31.27 8.74 -46.53
N HIS C 216 -31.27 7.41 -46.56
CA HIS C 216 -32.05 6.60 -45.67
C HIS C 216 -31.27 6.47 -44.35
N GLY C 217 -30.01 6.05 -44.45
CA GLY C 217 -29.10 5.95 -43.34
C GLY C 217 -29.53 4.91 -42.33
N SER C 218 -28.67 3.91 -42.10
CA SER C 218 -29.05 2.72 -41.37
C SER C 218 -28.91 2.93 -39.87
N TRP C 219 -29.43 1.95 -39.13
CA TRP C 219 -29.00 1.68 -37.78
C TRP C 219 -27.68 0.92 -37.84
N VAL C 220 -26.72 1.40 -37.04
CA VAL C 220 -25.44 0.77 -36.89
C VAL C 220 -25.44 -0.03 -35.60
N MET C 221 -24.78 -1.19 -35.65
CA MET C 221 -24.82 -2.15 -34.59
C MET C 221 -23.50 -2.90 -34.51
N SER C 222 -23.04 -3.15 -33.29
CA SER C 222 -21.79 -3.86 -33.09
C SER C 222 -22.09 -5.35 -32.93
N ARG C 223 -21.09 -6.15 -33.28
CA ARG C 223 -21.12 -7.62 -33.18
C ARG C 223 -21.15 -7.97 -31.71
N ILE C 224 -20.58 -7.09 -30.88
CA ILE C 224 -20.59 -7.24 -29.42
C ILE C 224 -22.02 -7.00 -28.93
N SER C 225 -22.49 -7.87 -28.04
CA SER C 225 -23.79 -7.67 -27.43
C SER C 225 -23.69 -7.89 -25.92
N ASP C 226 -24.85 -7.96 -25.29
CA ASP C 226 -25.01 -8.27 -23.90
C ASP C 226 -23.83 -9.12 -23.42
N ASP C 227 -23.08 -8.58 -22.45
CA ASP C 227 -22.01 -9.29 -21.73
C ASP C 227 -20.91 -9.77 -22.70
N GLY C 228 -20.83 -9.07 -23.84
CA GLY C 228 -19.83 -9.27 -24.87
C GLY C 228 -20.03 -10.54 -25.67
N TYR C 229 -21.25 -11.10 -25.60
CA TYR C 229 -21.59 -12.25 -26.40
C TYR C 229 -22.02 -11.78 -27.78
N PRO C 230 -21.73 -12.59 -28.82
CA PRO C 230 -22.04 -12.22 -30.21
C PRO C 230 -23.52 -11.88 -30.36
N TRP C 231 -23.79 -10.88 -31.18
CA TRP C 231 -25.09 -10.28 -31.29
C TRP C 231 -26.10 -11.31 -31.80
N ASP C 232 -25.66 -12.23 -32.67
CA ASP C 232 -26.62 -13.06 -33.36
C ASP C 232 -27.25 -14.02 -32.34
N MET C 233 -26.47 -14.47 -31.36
CA MET C 233 -27.00 -15.40 -30.39
C MET C 233 -27.91 -14.68 -29.41
N VAL C 234 -27.81 -13.35 -29.32
CA VAL C 234 -28.69 -12.64 -28.41
C VAL C 234 -29.97 -12.29 -29.15
N PHE C 235 -29.85 -11.98 -30.45
CA PHE C 235 -30.97 -11.45 -31.20
C PHE C 235 -31.77 -12.62 -31.80
N HIS C 236 -31.08 -13.60 -32.38
CA HIS C 236 -31.74 -14.76 -33.00
C HIS C 236 -32.03 -15.83 -31.94
N THR C 237 -33.19 -15.68 -31.29
CA THR C 237 -33.70 -16.59 -30.28
C THR C 237 -35.21 -16.73 -30.52
N ARG C 238 -35.67 -17.99 -30.63
CA ARG C 238 -37.05 -18.34 -30.96
C ARG C 238 -38.00 -17.33 -30.29
N PHE C 239 -37.96 -17.30 -28.95
CA PHE C 239 -38.85 -16.47 -28.13
C PHE C 239 -38.88 -15.04 -28.63
N SER C 240 -37.69 -14.45 -28.87
CA SER C 240 -37.59 -13.07 -29.29
C SER C 240 -38.26 -12.89 -30.67
N SER C 241 -37.97 -13.81 -31.60
CA SER C 241 -38.50 -13.73 -32.98
C SER C 241 -40.02 -13.61 -32.97
N MET C 242 -40.64 -14.40 -32.08
CA MET C 242 -42.09 -14.37 -31.84
C MET C 242 -42.54 -12.93 -31.51
N LEU C 243 -41.89 -12.33 -30.51
CA LEU C 243 -42.25 -10.99 -30.08
C LEU C 243 -42.17 -10.03 -31.27
N ARG C 244 -41.12 -10.19 -32.08
CA ARG C 244 -40.93 -9.31 -33.22
C ARG C 244 -42.08 -9.48 -34.22
N ASN C 245 -42.55 -10.73 -34.37
CA ASN C 245 -43.62 -11.07 -35.30
C ASN C 245 -44.99 -10.58 -34.77
N VAL C 246 -45.29 -10.83 -33.49
CA VAL C 246 -46.65 -10.67 -32.93
C VAL C 246 -46.89 -9.21 -32.54
N LEU C 247 -45.94 -8.59 -31.84
CA LEU C 247 -46.16 -7.29 -31.22
C LEU C 247 -46.49 -6.26 -32.30
N PRO C 248 -47.30 -5.24 -31.97
CA PRO C 248 -47.64 -4.21 -32.96
C PRO C 248 -46.33 -3.63 -33.52
N ARG C 249 -46.30 -3.36 -34.81
CA ARG C 249 -45.05 -3.07 -35.47
C ARG C 249 -44.38 -1.88 -34.78
N THR C 250 -45.16 -0.88 -34.35
CA THR C 250 -44.59 0.27 -33.65
C THR C 250 -43.92 -0.20 -32.36
N VAL C 251 -44.65 -0.89 -31.48
CA VAL C 251 -44.07 -1.42 -30.24
C VAL C 251 -42.71 -2.04 -30.54
N VAL C 252 -42.56 -2.70 -31.69
CA VAL C 252 -41.33 -3.36 -32.08
C VAL C 252 -40.30 -2.29 -32.50
N LYS C 253 -40.71 -1.37 -33.37
CA LYS C 253 -39.88 -0.24 -33.80
C LYS C 253 -39.44 0.58 -32.57
N TRP C 254 -40.39 0.89 -31.67
CA TRP C 254 -40.15 1.60 -30.39
C TRP C 254 -39.03 0.92 -29.61
N MET C 255 -38.90 -0.40 -29.79
CA MET C 255 -37.96 -1.23 -29.08
C MET C 255 -36.64 -1.26 -29.82
N MET C 256 -36.66 -1.46 -31.14
CA MET C 256 -35.44 -1.40 -31.93
C MET C 256 -34.78 -0.04 -31.64
N GLU C 257 -35.54 1.03 -31.80
CA GLU C 257 -35.01 2.38 -31.63
C GLU C 257 -34.20 2.48 -30.32
N GLN C 258 -34.79 2.01 -29.21
CA GLN C 258 -34.16 2.11 -27.90
C GLN C 258 -32.89 1.24 -27.90
N GLN C 259 -33.06 -0.05 -28.12
CA GLN C 259 -31.95 -0.99 -28.13
C GLN C 259 -30.81 -0.40 -28.98
N MET C 260 -31.11 0.03 -30.22
CA MET C 260 -30.08 0.46 -31.19
C MET C 260 -29.29 1.67 -30.67
N ASN C 261 -29.99 2.61 -30.04
CA ASN C 261 -29.41 3.88 -29.56
C ASN C 261 -28.61 3.74 -28.26
N ARG C 262 -28.77 2.62 -27.52
CA ARG C 262 -27.91 2.34 -26.34
C ARG C 262 -26.46 2.70 -26.64
N TRP C 263 -25.96 2.28 -27.80
CA TRP C 263 -24.58 2.53 -28.22
C TRP C 263 -24.33 4.04 -28.37
N PHE C 264 -25.19 4.68 -29.13
CA PHE C 264 -25.07 6.09 -29.37
C PHE C 264 -26.39 6.61 -29.97
N ASN C 265 -26.64 7.91 -29.79
CA ASN C 265 -27.80 8.56 -30.34
C ASN C 265 -27.58 8.70 -31.85
N HIS C 266 -28.41 8.02 -32.65
CA HIS C 266 -28.23 7.96 -34.09
C HIS C 266 -28.61 9.31 -34.72
N GLU C 267 -29.50 10.07 -34.08
CA GLU C 267 -29.85 11.41 -34.53
C GLU C 267 -28.57 12.28 -34.55
N ASN C 268 -27.85 12.25 -33.44
CA ASN C 268 -26.70 13.12 -33.20
C ASN C 268 -25.57 12.77 -34.17
N TYR C 269 -25.32 11.47 -34.35
CA TYR C 269 -24.23 10.98 -35.19
C TYR C 269 -24.63 11.07 -36.67
N GLY C 270 -25.93 11.22 -36.91
CA GLY C 270 -26.46 11.72 -38.17
C GLY C 270 -26.95 10.61 -39.08
N LEU C 271 -27.13 9.40 -38.56
CA LEU C 271 -27.61 8.34 -39.43
C LEU C 271 -28.96 7.79 -38.94
N GLU C 272 -29.71 8.63 -38.26
CA GLU C 272 -31.10 8.37 -37.96
C GLU C 272 -31.78 8.03 -39.29
N PRO C 273 -32.45 6.86 -39.37
CA PRO C 273 -33.29 6.50 -40.52
C PRO C 273 -34.52 7.37 -40.76
N GLN C 274 -35.09 7.28 -41.97
CA GLN C 274 -36.38 7.92 -42.29
C GLN C 274 -37.51 7.04 -41.73
N ASN C 275 -37.73 5.87 -42.34
CA ASN C 275 -38.78 4.93 -41.88
C ASN C 275 -38.12 3.90 -40.96
N LYS C 276 -38.32 4.11 -39.65
CA LYS C 276 -37.95 3.19 -38.64
C LYS C 276 -38.99 2.06 -38.61
N TYR C 277 -40.10 2.29 -39.31
CA TYR C 277 -41.15 1.30 -39.57
C TYR C 277 -40.53 -0.02 -40.03
N LEU C 278 -39.54 0.09 -40.92
CA LEU C 278 -38.95 -1.07 -41.61
C LEU C 278 -38.03 -1.85 -40.67
N MET C 279 -38.07 -3.18 -40.79
CA MET C 279 -37.13 -4.08 -40.14
C MET C 279 -35.94 -4.35 -41.08
N LYS C 280 -35.48 -3.28 -41.76
CA LYS C 280 -34.33 -3.31 -42.67
C LYS C 280 -33.09 -3.80 -41.90
N GLU C 281 -32.21 -4.54 -42.59
CA GLU C 281 -31.00 -5.07 -41.97
C GLU C 281 -30.12 -3.92 -41.48
N PRO C 282 -29.76 -3.87 -40.19
CA PRO C 282 -28.81 -2.87 -39.69
C PRO C 282 -27.38 -3.26 -40.09
N VAL C 283 -26.50 -2.26 -40.23
CA VAL C 283 -25.11 -2.51 -40.60
C VAL C 283 -24.40 -3.01 -39.34
N LEU C 284 -23.38 -3.85 -39.55
CA LEU C 284 -22.60 -4.42 -38.48
C LEU C 284 -21.14 -3.98 -38.61
N ASN C 285 -20.80 -2.97 -37.83
CA ASN C 285 -19.52 -2.40 -37.81
C ASN C 285 -19.26 -1.99 -36.38
N ASP C 286 -18.22 -2.57 -35.77
CA ASP C 286 -17.84 -2.20 -34.41
C ASP C 286 -17.06 -0.87 -34.39
N ASP C 287 -16.74 -0.31 -35.56
CA ASP C 287 -15.72 0.73 -35.70
C ASP C 287 -16.36 2.08 -36.10
N LEU C 288 -17.50 2.04 -36.76
CA LEU C 288 -18.04 3.22 -37.44
C LEU C 288 -18.34 4.35 -36.46
N PRO C 289 -19.10 4.12 -35.36
CA PRO C 289 -19.43 5.21 -34.45
C PRO C 289 -18.18 5.94 -33.94
N SER C 290 -17.18 5.17 -33.49
CA SER C 290 -15.89 5.73 -33.02
C SER C 290 -15.26 6.56 -34.13
N ARG C 291 -15.21 5.99 -35.32
CA ARG C 291 -14.50 6.61 -36.40
C ARG C 291 -15.20 7.92 -36.79
N LEU C 292 -16.50 8.05 -36.42
CA LEU C 292 -17.27 9.29 -36.61
C LEU C 292 -16.87 10.32 -35.55
N LEU C 293 -16.68 9.86 -34.30
CA LEU C 293 -16.25 10.75 -33.23
C LEU C 293 -14.88 11.35 -33.55
N TYR C 294 -13.95 10.49 -33.96
CA TYR C 294 -12.59 10.88 -34.33
C TYR C 294 -12.61 11.86 -35.52
N GLY C 295 -13.74 11.92 -36.22
CA GLY C 295 -13.96 12.81 -37.33
C GLY C 295 -13.32 12.29 -38.60
N ALA C 296 -12.97 11.00 -38.62
CA ALA C 296 -12.36 10.35 -39.78
C ALA C 296 -13.38 10.23 -40.90
N ILE C 297 -14.62 9.97 -40.50
CA ILE C 297 -15.76 9.86 -41.40
C ILE C 297 -16.79 10.93 -41.05
N LYS C 298 -17.34 11.57 -42.09
CA LYS C 298 -18.51 12.46 -41.99
C LYS C 298 -19.67 11.78 -42.74
N VAL C 299 -20.80 11.54 -42.08
CA VAL C 299 -21.94 10.99 -42.82
C VAL C 299 -22.60 12.16 -43.54
N LYS C 300 -23.32 11.87 -44.62
CA LYS C 300 -23.86 12.90 -45.46
C LYS C 300 -25.15 12.42 -46.11
N SER C 301 -25.99 13.38 -46.53
CA SER C 301 -27.22 13.09 -47.21
C SER C 301 -26.89 12.53 -48.59
N ARG C 302 -27.91 12.18 -49.40
CA ARG C 302 -27.62 11.58 -50.68
C ARG C 302 -26.94 12.66 -51.54
N VAL C 303 -26.01 12.23 -52.39
CA VAL C 303 -25.48 13.11 -53.38
C VAL C 303 -26.66 13.51 -54.28
N LYS C 304 -26.71 14.79 -54.66
CA LYS C 304 -27.71 15.26 -55.59
C LYS C 304 -27.10 15.35 -56.98
N GLU C 305 -25.91 15.96 -57.04
CA GLU C 305 -25.24 16.22 -58.29
C GLU C 305 -23.73 16.23 -58.04
N LEU C 306 -22.99 15.89 -59.09
CA LEU C 306 -21.55 16.00 -59.10
C LEU C 306 -21.10 17.11 -60.06
N THR C 307 -19.91 17.63 -59.76
CA THR C 307 -19.17 18.53 -60.60
C THR C 307 -17.83 17.85 -60.90
N GLU C 308 -16.88 18.63 -61.43
CA GLU C 308 -15.58 18.08 -61.82
C GLU C 308 -14.78 17.75 -60.56
N THR C 309 -14.88 18.60 -59.54
CA THR C 309 -14.05 18.46 -58.33
C THR C 309 -14.89 18.22 -57.08
N SER C 310 -16.21 18.46 -57.14
CA SER C 310 -17.00 18.58 -55.93
C SER C 310 -18.28 17.74 -56.02
N ALA C 311 -19.07 17.75 -54.93
CA ALA C 311 -20.35 17.08 -54.83
C ALA C 311 -21.36 18.00 -54.16
N ILE C 312 -22.51 18.19 -54.80
CA ILE C 312 -23.63 18.85 -54.15
C ILE C 312 -24.42 17.76 -53.44
N PHE C 313 -25.19 18.13 -52.43
CA PHE C 313 -25.92 17.13 -51.65
C PHE C 313 -27.38 17.55 -51.52
N GLU C 314 -28.20 16.56 -51.19
CA GLU C 314 -29.64 16.64 -51.13
C GLU C 314 -30.10 17.62 -50.02
N ASP C 315 -29.20 17.99 -49.09
CA ASP C 315 -29.55 18.97 -48.05
C ASP C 315 -28.81 20.30 -48.31
N GLY C 316 -28.40 20.53 -49.55
CA GLY C 316 -27.89 21.83 -49.98
C GLY C 316 -26.40 22.01 -49.69
N THR C 317 -25.82 21.13 -48.86
CA THR C 317 -24.41 21.24 -48.55
C THR C 317 -23.59 20.83 -49.78
N VAL C 318 -22.30 21.17 -49.72
CA VAL C 318 -21.38 20.87 -50.80
C VAL C 318 -20.06 20.41 -50.19
N GLU C 319 -19.37 19.50 -50.89
CA GLU C 319 -18.06 19.03 -50.45
C GLU C 319 -17.05 19.20 -51.59
N GLU C 320 -16.12 20.13 -51.39
CA GLU C 320 -15.17 20.54 -52.38
C GLU C 320 -14.06 19.48 -52.45
N ASP C 321 -13.35 19.44 -53.59
CA ASP C 321 -12.12 18.67 -53.81
C ASP C 321 -12.23 17.25 -53.24
N ILE C 322 -13.04 16.41 -53.93
CA ILE C 322 -13.25 15.00 -53.58
C ILE C 322 -12.54 14.15 -54.65
N ASP C 323 -11.48 13.47 -54.24
CA ASP C 323 -10.54 12.84 -55.16
C ASP C 323 -11.10 11.50 -55.65
N VAL C 324 -11.94 10.85 -54.83
CA VAL C 324 -12.32 9.47 -55.10
C VAL C 324 -13.75 9.23 -54.63
N ILE C 325 -14.60 8.77 -55.56
CA ILE C 325 -15.93 8.27 -55.26
C ILE C 325 -15.87 6.75 -55.22
N VAL C 326 -16.58 6.14 -54.27
CA VAL C 326 -16.71 4.70 -54.21
C VAL C 326 -18.19 4.36 -54.10
N PHE C 327 -18.68 3.74 -55.18
CA PHE C 327 -20.03 3.27 -55.29
C PHE C 327 -20.11 1.89 -54.63
N ALA C 328 -20.53 1.90 -53.38
CA ALA C 328 -20.94 0.70 -52.67
C ALA C 328 -22.46 0.58 -52.82
N THR C 329 -22.88 0.43 -54.06
CA THR C 329 -24.27 0.45 -54.42
C THR C 329 -24.72 -0.98 -54.75
N GLY C 330 -23.97 -1.97 -54.25
CA GLY C 330 -24.41 -3.35 -54.23
C GLY C 330 -24.31 -4.02 -55.59
N TYR C 331 -24.85 -5.24 -55.68
CA TYR C 331 -24.76 -6.06 -56.87
C TYR C 331 -26.16 -6.41 -57.37
N THR C 332 -26.23 -6.78 -58.63
CA THR C 332 -27.36 -7.46 -59.19
C THR C 332 -26.91 -8.88 -59.50
N PHE C 333 -27.72 -9.61 -60.27
CA PHE C 333 -27.42 -11.02 -60.51
C PHE C 333 -28.09 -11.50 -61.79
N SER C 334 -27.39 -12.41 -62.47
CA SER C 334 -27.87 -13.08 -63.65
C SER C 334 -27.43 -14.54 -63.57
N PHE C 335 -28.08 -15.39 -64.38
CA PHE C 335 -27.66 -16.73 -64.63
C PHE C 335 -27.39 -16.87 -66.12
N PRO C 336 -26.15 -16.61 -66.57
CA PRO C 336 -25.85 -16.48 -67.98
C PRO C 336 -25.83 -17.84 -68.69
N PHE C 337 -26.09 -18.92 -67.94
CA PHE C 337 -26.12 -20.27 -68.46
C PHE C 337 -27.54 -20.86 -68.35
N LEU C 338 -28.57 -20.02 -68.38
CA LEU C 338 -29.90 -20.49 -68.04
C LEU C 338 -30.96 -19.88 -68.95
N GLU C 339 -31.87 -20.73 -69.45
CA GLU C 339 -33.20 -20.35 -69.97
C GLU C 339 -33.64 -19.07 -69.21
N ASP C 340 -33.81 -17.98 -69.96
CA ASP C 340 -34.07 -16.64 -69.36
C ASP C 340 -35.44 -16.61 -68.66
N SER C 341 -36.30 -17.58 -68.98
CA SER C 341 -37.64 -17.69 -68.44
C SER C 341 -37.63 -18.49 -67.13
N LEU C 342 -36.49 -19.13 -66.85
CA LEU C 342 -36.34 -20.12 -65.78
C LEU C 342 -36.36 -19.42 -64.43
N VAL C 343 -35.45 -18.46 -64.27
CA VAL C 343 -35.33 -17.67 -63.06
C VAL C 343 -35.86 -16.26 -63.37
N LYS C 344 -37.20 -16.17 -63.41
CA LYS C 344 -37.95 -15.01 -63.85
C LYS C 344 -37.90 -13.96 -62.72
N VAL C 345 -37.45 -12.76 -63.06
CA VAL C 345 -37.18 -11.70 -62.08
C VAL C 345 -37.75 -10.39 -62.65
N GLU C 346 -38.92 -10.00 -62.13
CA GLU C 346 -39.83 -9.02 -62.75
C GLU C 346 -40.60 -8.25 -61.67
N ASN C 347 -40.76 -6.94 -61.87
CA ASN C 347 -41.51 -6.07 -60.96
C ASN C 347 -41.04 -6.29 -59.52
N ASN C 348 -39.72 -6.21 -59.29
CA ASN C 348 -39.17 -6.32 -57.93
C ASN C 348 -39.69 -7.60 -57.26
N MET C 349 -39.51 -8.74 -57.94
CA MET C 349 -39.97 -10.04 -57.44
C MET C 349 -39.30 -11.15 -58.23
N VAL C 350 -38.64 -12.04 -57.49
CA VAL C 350 -38.11 -13.29 -58.00
C VAL C 350 -39.22 -14.33 -57.86
N SER C 351 -39.65 -14.88 -59.00
CA SER C 351 -40.58 -15.98 -59.04
C SER C 351 -39.79 -17.29 -58.95
N LEU C 352 -39.47 -17.65 -57.70
CA LEU C 352 -38.96 -18.95 -57.31
C LEU C 352 -39.67 -19.37 -56.02
N TYR C 353 -40.23 -20.59 -56.01
CA TYR C 353 -40.87 -21.09 -54.83
C TYR C 353 -39.83 -21.14 -53.71
N LYS C 354 -39.91 -20.20 -52.78
CA LYS C 354 -39.01 -20.13 -51.61
C LYS C 354 -37.54 -19.97 -52.05
N TYR C 355 -37.33 -19.06 -53.01
CA TYR C 355 -36.01 -18.58 -53.47
C TYR C 355 -35.18 -19.75 -53.99
N MET C 356 -35.85 -20.69 -54.65
CA MET C 356 -35.33 -22.02 -54.79
C MET C 356 -35.77 -22.65 -56.13
N PHE C 357 -37.08 -22.86 -56.30
CA PHE C 357 -37.64 -23.77 -57.34
C PHE C 357 -38.43 -23.01 -58.39
N PRO C 358 -38.03 -23.07 -59.68
CA PRO C 358 -38.79 -22.43 -60.75
C PRO C 358 -40.14 -23.12 -60.88
N PRO C 359 -41.26 -22.41 -60.62
CA PRO C 359 -42.58 -23.05 -60.55
C PRO C 359 -43.17 -23.57 -61.88
N HIS C 360 -42.71 -23.02 -63.01
CA HIS C 360 -43.23 -23.38 -64.33
C HIS C 360 -42.69 -24.76 -64.76
N LEU C 361 -41.70 -25.31 -64.02
CA LEU C 361 -41.18 -26.64 -64.29
C LEU C 361 -42.23 -27.68 -63.91
N GLU C 362 -42.24 -28.77 -64.68
CA GLU C 362 -43.26 -29.79 -64.63
C GLU C 362 -42.70 -31.00 -63.86
N LYS C 363 -41.40 -31.27 -64.03
CA LYS C 363 -40.66 -32.13 -63.13
C LYS C 363 -39.78 -31.22 -62.26
N PRO C 364 -39.77 -31.35 -60.91
CA PRO C 364 -39.00 -30.48 -60.01
C PRO C 364 -37.55 -30.91 -59.76
N THR C 365 -36.72 -30.73 -60.79
CA THR C 365 -35.43 -31.36 -60.92
C THR C 365 -34.30 -30.31 -60.88
N LEU C 366 -34.64 -29.03 -60.69
CA LEU C 366 -33.64 -27.98 -60.57
C LEU C 366 -34.09 -26.91 -59.57
N ALA C 367 -33.12 -26.44 -58.77
CA ALA C 367 -33.32 -25.39 -57.76
C ALA C 367 -32.05 -24.55 -57.60
N CYS C 368 -32.25 -23.24 -57.37
CA CYS C 368 -31.19 -22.32 -56.96
C CYS C 368 -31.01 -22.38 -55.43
N ILE C 369 -29.76 -22.57 -54.99
CA ILE C 369 -29.46 -22.49 -53.56
C ILE C 369 -28.56 -21.28 -53.31
N GLY C 370 -28.94 -20.53 -52.27
CA GLY C 370 -28.15 -19.41 -51.77
C GLY C 370 -28.55 -18.08 -52.40
N LEU C 371 -29.66 -18.07 -53.15
CA LEU C 371 -30.16 -16.86 -53.76
C LEU C 371 -31.16 -16.25 -52.78
N ILE C 372 -30.61 -15.76 -51.67
CA ILE C 372 -31.37 -15.34 -50.54
C ILE C 372 -30.47 -14.51 -49.62
N GLN C 373 -31.04 -13.46 -49.02
CA GLN C 373 -30.32 -12.67 -48.05
C GLN C 373 -31.11 -12.66 -46.76
N PRO C 374 -30.86 -13.64 -45.87
CA PRO C 374 -31.55 -13.72 -44.58
C PRO C 374 -30.94 -12.74 -43.58
N LEU C 375 -31.53 -12.67 -42.39
CA LEU C 375 -31.12 -11.74 -41.38
C LEU C 375 -30.19 -12.43 -40.38
N GLY C 376 -29.91 -13.71 -40.62
CA GLY C 376 -28.91 -14.45 -39.89
C GLY C 376 -27.93 -15.06 -40.87
N SER C 377 -27.16 -16.04 -40.41
CA SER C 377 -26.12 -16.59 -41.21
C SER C 377 -26.71 -17.36 -42.39
N ILE C 378 -26.07 -17.22 -43.55
CA ILE C 378 -26.49 -17.91 -44.74
C ILE C 378 -26.12 -19.39 -44.63
N PHE C 379 -25.07 -19.72 -43.87
CA PHE C 379 -24.51 -21.07 -43.96
C PHE C 379 -25.54 -22.11 -43.48
N PRO C 380 -26.22 -21.96 -42.33
CA PRO C 380 -27.31 -22.86 -41.95
C PRO C 380 -28.57 -22.82 -42.83
N THR C 381 -28.84 -21.67 -43.47
CA THR C 381 -29.97 -21.55 -44.43
C THR C 381 -29.71 -22.42 -45.67
N VAL C 382 -28.52 -22.33 -46.27
CA VAL C 382 -28.24 -23.09 -47.52
C VAL C 382 -28.09 -24.59 -47.22
N GLU C 383 -27.73 -24.92 -45.98
CA GLU C 383 -27.68 -26.31 -45.56
C GLU C 383 -29.09 -26.88 -45.59
N LEU C 384 -30.06 -26.14 -45.03
CA LEU C 384 -31.45 -26.59 -44.98
C LEU C 384 -32.07 -26.50 -46.38
N GLN C 385 -31.70 -25.46 -47.14
CA GLN C 385 -32.10 -25.33 -48.53
C GLN C 385 -31.76 -26.63 -49.28
N ALA C 386 -30.59 -27.23 -48.97
CA ALA C 386 -30.10 -28.43 -49.67
C ALA C 386 -30.73 -29.71 -49.10
N ARG C 387 -31.11 -29.69 -47.81
CA ARG C 387 -31.79 -30.85 -47.17
C ARG C 387 -33.19 -31.04 -47.82
N TRP C 388 -33.92 -29.94 -47.99
CA TRP C 388 -35.20 -29.85 -48.70
C TRP C 388 -35.07 -30.38 -50.14
N VAL C 389 -34.05 -29.86 -50.83
CA VAL C 389 -33.94 -29.97 -52.29
C VAL C 389 -33.51 -31.38 -52.67
N THR C 390 -32.50 -31.93 -51.97
CA THR C 390 -32.08 -33.31 -52.26
C THR C 390 -33.31 -34.23 -52.16
N ARG C 391 -34.13 -34.00 -51.12
CA ARG C 391 -35.27 -34.86 -50.80
C ARG C 391 -36.40 -34.65 -51.83
N VAL C 392 -36.56 -33.42 -52.33
CA VAL C 392 -37.50 -33.18 -53.43
C VAL C 392 -37.10 -34.05 -54.63
N PHE C 393 -35.83 -33.92 -55.02
CA PHE C 393 -35.24 -34.62 -56.17
C PHE C 393 -35.54 -36.12 -56.12
N LYS C 394 -35.36 -36.72 -54.93
CA LYS C 394 -35.56 -38.15 -54.73
C LYS C 394 -37.06 -38.51 -54.69
N GLY C 395 -37.93 -37.51 -54.46
CA GLY C 395 -39.35 -37.72 -54.41
C GLY C 395 -39.85 -37.91 -52.99
N LEU C 396 -38.93 -38.04 -52.03
CA LEU C 396 -39.31 -38.09 -50.60
C LEU C 396 -40.15 -36.86 -50.23
N CYS C 397 -39.98 -35.76 -50.98
CA CYS C 397 -40.67 -34.50 -50.74
C CYS C 397 -41.31 -34.04 -52.05
N THR C 398 -42.45 -33.33 -51.93
CA THR C 398 -43.24 -32.90 -53.08
C THR C 398 -43.52 -31.40 -52.99
N LEU C 399 -43.40 -30.73 -54.15
CA LEU C 399 -43.86 -29.36 -54.31
C LEU C 399 -45.39 -29.40 -54.41
N PRO C 400 -46.09 -28.28 -54.14
CA PRO C 400 -47.51 -28.18 -54.49
C PRO C 400 -47.70 -27.88 -55.98
N SER C 401 -48.91 -27.47 -56.36
CA SER C 401 -49.24 -27.15 -57.75
C SER C 401 -48.52 -25.88 -58.18
N GLU C 402 -48.42 -25.66 -59.49
CA GLU C 402 -47.90 -24.42 -60.02
C GLU C 402 -48.73 -23.23 -59.51
N SER C 403 -50.07 -23.38 -59.52
CA SER C 403 -50.96 -22.27 -59.15
C SER C 403 -50.87 -21.98 -57.64
N THR C 404 -50.57 -23.01 -56.83
CA THR C 404 -50.35 -22.85 -55.39
C THR C 404 -49.01 -22.15 -55.14
N MET C 405 -47.99 -22.57 -55.91
CA MET C 405 -46.61 -22.07 -55.78
C MET C 405 -46.55 -20.60 -56.22
N MET C 406 -47.38 -20.20 -57.18
CA MET C 406 -47.47 -18.82 -57.63
C MET C 406 -48.21 -17.96 -56.61
N ALA C 407 -49.12 -18.57 -55.84
CA ALA C 407 -49.91 -17.85 -54.84
C ALA C 407 -49.03 -17.52 -53.63
N ASP C 408 -48.23 -18.50 -53.20
CA ASP C 408 -47.21 -18.31 -52.17
C ASP C 408 -46.29 -17.15 -52.58
N ILE C 409 -45.57 -17.35 -53.69
CA ILE C 409 -44.54 -16.44 -54.16
C ILE C 409 -45.03 -14.99 -54.03
N ILE C 410 -46.22 -14.69 -54.56
CA ILE C 410 -46.75 -13.33 -54.48
C ILE C 410 -46.91 -12.95 -53.00
N LYS C 411 -47.57 -13.82 -52.23
CA LYS C 411 -47.99 -13.48 -50.87
C LYS C 411 -46.75 -13.26 -49.99
N ARG C 412 -45.71 -14.08 -50.20
CA ARG C 412 -44.43 -13.94 -49.51
C ARG C 412 -43.87 -12.54 -49.84
N ASN C 413 -43.52 -12.35 -51.12
CA ASN C 413 -42.88 -11.15 -51.59
C ASN C 413 -43.73 -9.90 -51.29
N GLU C 414 -45.05 -10.08 -51.14
CA GLU C 414 -45.93 -8.95 -50.78
C GLU C 414 -45.69 -8.55 -49.32
N LYS C 415 -45.67 -9.54 -48.42
CA LYS C 415 -45.33 -9.27 -47.04
C LYS C 415 -43.91 -8.67 -46.97
N ARG C 416 -42.95 -9.37 -47.59
CA ARG C 416 -41.55 -8.95 -47.69
C ARG C 416 -41.47 -7.44 -47.94
N ILE C 417 -42.30 -6.93 -48.86
CA ILE C 417 -42.24 -5.53 -49.25
C ILE C 417 -42.62 -4.63 -48.07
N ASP C 418 -43.77 -4.91 -47.45
CA ASP C 418 -44.28 -4.08 -46.34
C ASP C 418 -43.43 -4.32 -45.08
N LEU C 419 -42.37 -5.12 -45.21
CA LEU C 419 -41.54 -5.50 -44.07
C LEU C 419 -40.10 -4.95 -44.25
N PHE C 420 -39.70 -4.65 -45.49
CA PHE C 420 -38.33 -4.20 -45.77
C PHE C 420 -38.30 -3.10 -46.84
N GLY C 421 -39.47 -2.64 -47.31
CA GLY C 421 -39.55 -1.61 -48.34
C GLY C 421 -39.33 -2.15 -49.75
N GLU C 422 -39.59 -1.30 -50.74
CA GLU C 422 -39.72 -1.67 -52.13
C GLU C 422 -38.40 -1.54 -52.92
N SER C 423 -37.27 -1.34 -52.23
CA SER C 423 -36.00 -1.18 -52.95
C SER C 423 -35.55 -2.53 -53.51
N GLN C 424 -34.94 -2.49 -54.70
CA GLN C 424 -34.44 -3.68 -55.39
C GLN C 424 -33.07 -4.05 -54.81
N SER C 425 -32.85 -3.68 -53.55
CA SER C 425 -31.72 -4.13 -52.77
C SER C 425 -32.22 -5.01 -51.62
N GLN C 426 -33.52 -5.33 -51.63
CA GLN C 426 -34.13 -6.15 -50.60
C GLN C 426 -34.93 -7.31 -51.20
N ILE C 427 -34.84 -7.51 -52.52
CA ILE C 427 -35.58 -8.57 -53.21
C ILE C 427 -35.52 -9.85 -52.35
N LEU C 428 -34.32 -10.19 -51.86
CA LEU C 428 -34.01 -11.48 -51.25
C LEU C 428 -34.03 -11.41 -49.72
N GLN C 429 -34.41 -10.27 -49.16
CA GLN C 429 -34.42 -10.13 -47.70
C GLN C 429 -35.50 -11.05 -47.14
N THR C 430 -35.20 -11.68 -45.99
CA THR C 430 -36.11 -12.59 -45.35
C THR C 430 -35.75 -12.76 -43.86
N ASN C 431 -36.78 -12.80 -43.02
CA ASN C 431 -36.60 -13.12 -41.60
C ASN C 431 -35.91 -14.48 -41.49
N TYR C 432 -35.11 -14.64 -40.44
CA TYR C 432 -34.09 -15.69 -40.37
C TYR C 432 -34.71 -17.01 -39.91
N ILE C 433 -35.17 -17.04 -38.66
CA ILE C 433 -35.64 -18.26 -38.01
C ILE C 433 -36.85 -18.77 -38.80
N ASP C 434 -37.82 -17.87 -39.02
CA ASP C 434 -39.07 -18.19 -39.68
C ASP C 434 -38.78 -19.08 -40.90
N TYR C 435 -37.80 -18.66 -41.72
CA TYR C 435 -37.42 -19.34 -42.96
C TYR C 435 -36.75 -20.69 -42.65
N LEU C 436 -35.82 -20.72 -41.70
CA LEU C 436 -35.22 -21.98 -41.24
C LEU C 436 -36.34 -22.97 -40.92
N ASP C 437 -37.37 -22.48 -40.21
CA ASP C 437 -38.52 -23.28 -39.82
C ASP C 437 -39.25 -23.77 -41.08
N GLU C 438 -39.58 -22.86 -41.99
CA GLU C 438 -40.20 -23.22 -43.26
C GLU C 438 -39.52 -24.45 -43.84
N LEU C 439 -38.18 -24.38 -43.97
CA LEU C 439 -37.41 -25.40 -44.68
C LEU C 439 -37.41 -26.72 -43.88
N ALA C 440 -37.32 -26.58 -42.55
CA ALA C 440 -37.23 -27.70 -41.67
C ALA C 440 -38.56 -28.46 -41.61
N LEU C 441 -39.68 -27.73 -41.70
CA LEU C 441 -41.04 -28.29 -41.70
C LEU C 441 -41.21 -29.25 -42.89
N GLU C 442 -40.90 -28.72 -44.07
CA GLU C 442 -40.97 -29.40 -45.34
C GLU C 442 -40.28 -30.77 -45.30
N ILE C 443 -39.29 -30.96 -44.43
CA ILE C 443 -38.62 -32.25 -44.26
C ILE C 443 -38.81 -32.79 -42.84
N GLY C 444 -39.67 -32.12 -42.04
CA GLY C 444 -40.03 -32.47 -40.65
C GLY C 444 -38.84 -32.62 -39.72
N ALA C 445 -37.97 -31.60 -39.70
CA ALA C 445 -36.78 -31.53 -38.81
C ALA C 445 -36.95 -30.39 -37.82
N LYS C 446 -37.92 -29.51 -38.07
CA LYS C 446 -38.37 -28.50 -37.13
C LYS C 446 -38.78 -29.17 -35.83
N PRO C 447 -38.05 -28.99 -34.71
CA PRO C 447 -38.51 -29.49 -33.42
C PRO C 447 -39.85 -28.85 -33.02
N ASP C 448 -40.70 -29.66 -32.36
CA ASP C 448 -41.95 -29.13 -31.77
C ASP C 448 -41.61 -28.83 -30.31
N LEU C 449 -41.22 -27.59 -30.01
CA LEU C 449 -40.78 -27.21 -28.65
C LEU C 449 -41.80 -27.64 -27.59
N LEU C 450 -43.07 -27.27 -27.77
CA LEU C 450 -44.14 -27.62 -26.79
C LEU C 450 -44.07 -29.12 -26.53
N SER C 451 -43.90 -29.90 -27.60
CA SER C 451 -43.88 -31.36 -27.41
C SER C 451 -42.66 -31.68 -26.54
N LEU C 452 -41.61 -30.87 -26.69
CA LEU C 452 -40.38 -31.13 -25.91
C LEU C 452 -40.53 -30.53 -24.52
N LEU C 453 -41.75 -30.15 -24.14
CA LEU C 453 -41.87 -29.62 -22.78
C LEU C 453 -41.82 -30.85 -21.88
N LEU C 454 -42.87 -31.67 -21.97
CA LEU C 454 -43.06 -32.93 -21.22
C LEU C 454 -41.74 -33.71 -21.15
N LYS C 455 -41.11 -33.99 -22.29
CA LYS C 455 -39.81 -34.69 -22.17
C LYS C 455 -38.68 -33.73 -22.52
N ASP C 456 -37.73 -33.60 -21.60
CA ASP C 456 -36.52 -32.77 -21.60
C ASP C 456 -36.91 -31.29 -21.55
N PRO C 457 -37.52 -30.81 -20.46
CA PRO C 457 -37.91 -29.40 -20.36
C PRO C 457 -36.69 -28.47 -20.31
N LYS C 458 -35.54 -29.01 -19.90
CA LYS C 458 -34.24 -28.33 -20.01
C LYS C 458 -34.03 -27.90 -21.47
N LEU C 459 -34.07 -28.88 -22.38
CA LEU C 459 -33.89 -28.62 -23.81
C LEU C 459 -34.97 -27.66 -24.31
N ALA C 460 -36.24 -28.02 -24.04
CA ALA C 460 -37.39 -27.24 -24.44
C ALA C 460 -37.17 -25.75 -24.17
N MET C 461 -36.67 -25.44 -22.96
CA MET C 461 -36.40 -24.06 -22.56
C MET C 461 -35.27 -23.49 -23.40
N LYS C 462 -34.15 -24.22 -23.40
CA LYS C 462 -32.92 -23.81 -24.00
C LYS C 462 -33.15 -23.48 -25.48
N LEU C 463 -34.01 -24.25 -26.14
CA LEU C 463 -34.30 -24.13 -27.56
C LEU C 463 -35.12 -22.88 -27.82
N TYR C 464 -36.04 -22.58 -26.90
CA TYR C 464 -36.97 -21.51 -27.09
C TYR C 464 -36.34 -20.18 -26.68
N PHE C 465 -35.86 -20.13 -25.43
CA PHE C 465 -35.43 -18.88 -24.79
C PHE C 465 -33.96 -18.59 -25.10
N GLY C 466 -33.15 -19.65 -25.27
CA GLY C 466 -31.75 -19.53 -25.61
C GLY C 466 -31.54 -19.26 -27.09
N PRO C 467 -30.28 -19.39 -27.56
CA PRO C 467 -29.93 -19.02 -28.93
C PRO C 467 -30.28 -20.16 -29.87
N CYS C 468 -30.89 -19.81 -31.00
CA CYS C 468 -31.36 -20.77 -31.98
C CYS C 468 -30.24 -21.20 -32.92
N ASN C 469 -29.52 -22.28 -32.57
CA ASN C 469 -28.37 -22.76 -33.34
C ASN C 469 -28.84 -23.59 -34.54
N SER C 470 -27.90 -23.87 -35.45
CA SER C 470 -28.13 -24.80 -36.54
C SER C 470 -28.38 -26.20 -35.99
N TYR C 471 -27.72 -26.51 -34.87
CA TYR C 471 -27.81 -27.82 -34.21
C TYR C 471 -29.26 -28.26 -34.00
N GLN C 472 -30.13 -27.33 -33.58
CA GLN C 472 -31.53 -27.59 -33.25
C GLN C 472 -32.22 -28.49 -34.30
N TYR C 473 -31.84 -28.33 -35.56
CA TYR C 473 -32.55 -28.93 -36.66
C TYR C 473 -32.13 -30.40 -36.85
N ARG C 474 -31.03 -30.82 -36.22
CA ARG C 474 -30.59 -32.24 -36.24
C ARG C 474 -31.07 -32.99 -34.99
N LEU C 475 -32.19 -32.53 -34.42
CA LEU C 475 -32.76 -33.13 -33.21
C LEU C 475 -33.82 -34.18 -33.58
N VAL C 476 -34.63 -33.86 -34.58
CA VAL C 476 -35.73 -34.70 -35.01
C VAL C 476 -35.65 -34.84 -36.54
N GLY C 477 -36.58 -35.62 -37.08
CA GLY C 477 -36.72 -35.80 -38.51
C GLY C 477 -35.55 -36.59 -39.08
N PRO C 478 -35.32 -36.52 -40.41
CA PRO C 478 -34.26 -37.28 -41.07
C PRO C 478 -32.87 -36.70 -40.79
N GLY C 479 -31.84 -37.50 -41.11
CA GLY C 479 -30.44 -37.19 -40.86
C GLY C 479 -30.25 -36.50 -39.52
N GLN C 480 -30.04 -37.27 -38.46
CA GLN C 480 -29.82 -36.69 -37.15
C GLN C 480 -28.34 -36.78 -36.80
N TRP C 481 -27.99 -36.01 -35.76
CA TRP C 481 -26.69 -36.01 -35.12
C TRP C 481 -26.97 -36.21 -33.62
N GLU C 482 -26.24 -37.14 -32.99
CA GLU C 482 -26.37 -37.34 -31.56
C GLU C 482 -25.80 -36.10 -30.88
N GLY C 483 -24.57 -35.73 -31.26
CA GLY C 483 -23.94 -34.50 -30.83
C GLY C 483 -24.73 -33.29 -31.31
N ALA C 484 -25.93 -33.16 -30.73
CA ALA C 484 -26.86 -32.11 -31.07
C ALA C 484 -27.42 -31.57 -29.76
N ARG C 485 -27.97 -32.46 -28.94
CA ARG C 485 -28.19 -32.15 -27.56
C ARG C 485 -26.87 -31.62 -27.00
N ASN C 486 -25.78 -32.37 -27.28
CA ASN C 486 -24.50 -32.12 -26.67
C ASN C 486 -23.99 -30.74 -27.08
N ALA C 487 -23.92 -30.53 -28.40
CA ALA C 487 -23.41 -29.30 -28.97
C ALA C 487 -24.11 -28.11 -28.31
N ILE C 488 -25.44 -28.16 -28.28
CA ILE C 488 -26.26 -27.06 -27.78
C ILE C 488 -25.89 -26.74 -26.33
N PHE C 489 -25.73 -27.80 -25.51
CA PHE C 489 -25.55 -27.64 -24.07
C PHE C 489 -24.16 -27.05 -23.78
N THR C 490 -23.18 -27.36 -24.65
CA THR C 490 -21.79 -27.03 -24.42
C THR C 490 -21.32 -25.84 -25.27
N GLN C 491 -22.22 -25.06 -25.86
CA GLN C 491 -21.76 -24.04 -26.80
C GLN C 491 -21.00 -22.97 -26.01
N LYS C 492 -21.49 -22.63 -24.82
CA LYS C 492 -20.87 -21.59 -24.00
C LYS C 492 -19.36 -21.86 -23.89
N GLN C 493 -19.01 -23.13 -23.72
CA GLN C 493 -17.62 -23.55 -23.61
C GLN C 493 -16.84 -23.15 -24.87
N ARG C 494 -17.36 -23.52 -26.05
CA ARG C 494 -16.64 -23.33 -27.31
C ARG C 494 -16.60 -21.84 -27.67
N ILE C 495 -17.52 -21.04 -27.11
CA ILE C 495 -17.51 -19.59 -27.23
C ILE C 495 -16.37 -19.00 -26.40
N LEU C 496 -16.33 -19.36 -25.11
CA LEU C 496 -15.38 -18.76 -24.19
C LEU C 496 -13.97 -19.27 -24.46
N LYS C 497 -13.85 -20.42 -25.11
CA LYS C 497 -12.57 -21.12 -25.21
C LYS C 497 -11.51 -20.24 -25.87
N PRO C 498 -11.82 -19.58 -27.00
CA PRO C 498 -10.86 -18.67 -27.63
C PRO C 498 -10.73 -17.28 -26.99
N LEU C 499 -11.61 -16.95 -26.01
CA LEU C 499 -11.73 -15.64 -25.38
C LEU C 499 -10.97 -15.60 -24.04
N LYS C 500 -11.49 -16.40 -23.09
CA LYS C 500 -11.02 -16.42 -21.73
C LYS C 500 -9.65 -17.09 -21.73
N THR C 501 -8.64 -16.26 -21.97
CA THR C 501 -7.31 -16.68 -22.38
C THR C 501 -6.30 -16.29 -21.29
N ARG C 502 -6.86 -15.74 -20.20
CA ARG C 502 -6.17 -15.32 -18.99
C ARG C 502 -7.19 -15.36 -17.84
N ALA C 503 -6.78 -15.97 -16.71
CA ALA C 503 -7.72 -16.36 -15.69
C ALA C 503 -7.23 -15.94 -14.29
N LEU C 504 -8.18 -15.54 -13.43
CA LEU C 504 -7.87 -14.90 -12.17
C LEU C 504 -7.64 -15.93 -11.07
N LYS C 505 -8.56 -16.89 -10.90
CA LYS C 505 -8.44 -17.96 -9.85
C LYS C 505 -8.77 -17.36 -8.47
N ALA C 506 -10.04 -17.48 -8.06
CA ALA C 506 -10.58 -16.76 -6.88
C ALA C 506 -11.99 -17.25 -6.56
N LEU C 515 -25.63 -8.98 -7.49
CA LEU C 515 -27.00 -9.45 -7.75
C LEU C 515 -27.12 -10.93 -7.35
N LEU C 516 -26.28 -11.36 -6.39
CA LEU C 516 -26.30 -12.70 -5.79
C LEU C 516 -27.43 -12.74 -4.73
N LYS C 517 -27.33 -11.83 -3.75
CA LYS C 517 -28.27 -11.69 -2.64
C LYS C 517 -29.44 -10.77 -3.03
N ILE C 518 -29.22 -9.86 -4.00
CA ILE C 518 -30.24 -8.92 -4.50
C ILE C 518 -31.30 -9.71 -5.28
N LEU C 519 -30.90 -10.86 -5.86
CA LEU C 519 -31.80 -11.76 -6.61
C LEU C 519 -32.60 -12.63 -5.62
N GLY C 520 -31.89 -13.23 -4.66
CA GLY C 520 -32.52 -14.02 -3.59
C GLY C 520 -33.56 -13.22 -2.81
N LEU C 521 -33.24 -11.95 -2.55
CA LEU C 521 -34.02 -11.03 -1.68
C LEU C 521 -35.35 -10.64 -2.32
N LEU C 522 -35.29 -10.04 -3.52
CA LEU C 522 -36.47 -9.46 -4.20
C LEU C 522 -37.46 -10.57 -4.61
N ALA C 523 -36.94 -11.79 -4.81
CA ALA C 523 -37.74 -12.98 -5.16
C ALA C 523 -38.45 -13.52 -3.91
N VAL C 524 -37.71 -13.57 -2.78
CA VAL C 524 -38.24 -13.96 -1.47
C VAL C 524 -39.20 -12.88 -0.98
N VAL C 525 -38.90 -11.60 -1.26
CA VAL C 525 -39.69 -10.45 -0.79
C VAL C 525 -41.06 -10.41 -1.49
N VAL C 526 -41.15 -11.04 -2.67
CA VAL C 526 -42.42 -11.23 -3.39
C VAL C 526 -43.01 -12.61 -3.05
N ALA C 527 -42.18 -13.51 -2.52
CA ALA C 527 -42.66 -14.73 -1.86
C ALA C 527 -43.24 -14.41 -0.48
N PHE C 528 -42.97 -13.18 0.03
CA PHE C 528 -43.57 -12.65 1.29
C PHE C 528 -44.83 -11.83 0.98
N PHE C 529 -44.76 -11.01 -0.10
CA PHE C 529 -45.93 -10.32 -0.65
C PHE C 529 -47.09 -11.32 -0.81
N PHE C 530 -46.85 -12.40 -1.57
CA PHE C 530 -47.91 -13.31 -2.06
C PHE C 530 -48.43 -14.24 -0.95
N GLN C 531 -47.64 -14.49 0.11
CA GLN C 531 -48.00 -15.53 1.09
C GLN C 531 -48.84 -14.94 2.24
N LEU C 532 -48.48 -13.75 2.72
CA LEU C 532 -49.10 -13.12 3.90
C LEU C 532 -50.50 -12.57 3.56
N GLN C 533 -51.41 -13.46 3.11
CA GLN C 533 -52.74 -13.08 2.59
C GLN C 533 -53.84 -13.84 3.36
N ALA D 2 17.48 36.32 69.28
CA ALA D 2 16.40 35.38 68.81
C ALA D 2 16.34 34.14 69.72
N LYS D 3 15.12 33.63 69.89
CA LYS D 3 14.86 32.46 70.71
C LYS D 3 13.64 31.73 70.14
N LYS D 4 12.48 32.38 70.23
CA LYS D 4 11.23 31.85 69.72
C LYS D 4 11.21 32.01 68.20
N VAL D 5 11.32 30.86 67.50
CA VAL D 5 11.43 30.76 66.03
C VAL D 5 10.20 30.03 65.47
N ALA D 6 9.71 30.50 64.32
CA ALA D 6 8.59 29.89 63.63
C ALA D 6 9.09 29.21 62.34
N VAL D 7 8.61 27.99 62.08
CA VAL D 7 8.91 27.29 60.84
C VAL D 7 7.57 26.90 60.19
N ILE D 8 7.36 27.43 58.98
CA ILE D 8 6.14 27.22 58.22
C ILE D 8 6.25 25.87 57.49
N GLY D 9 5.54 24.86 57.98
CA GLY D 9 5.43 23.58 57.26
C GLY D 9 6.38 22.53 57.80
N ALA D 10 5.89 21.29 57.89
CA ALA D 10 6.67 20.14 58.34
C ALA D 10 7.16 19.35 57.12
N GLY D 11 7.58 20.10 56.09
CA GLY D 11 8.23 19.53 54.95
C GLY D 11 9.52 18.85 55.36
N VAL D 12 10.39 18.61 54.38
CA VAL D 12 11.75 18.20 54.64
C VAL D 12 12.47 19.40 55.24
N SER D 13 12.20 20.55 54.63
CA SER D 13 12.81 21.81 54.96
C SER D 13 12.41 22.20 56.39
N GLY D 14 11.11 22.13 56.71
CA GLY D 14 10.66 22.29 58.10
C GLY D 14 11.39 21.36 59.07
N LEU D 15 11.38 20.06 58.77
CA LEU D 15 11.90 19.06 59.67
C LEU D 15 13.40 19.27 59.98
N ILE D 16 14.15 19.76 59.00
CA ILE D 16 15.60 19.89 59.18
C ILE D 16 15.87 21.19 59.94
N SER D 17 15.18 22.28 59.59
CA SER D 17 15.35 23.52 60.29
C SER D 17 14.94 23.32 61.75
N LEU D 18 13.76 22.73 61.96
CA LEU D 18 13.29 22.36 63.28
C LEU D 18 14.48 21.80 64.08
N LYS D 19 15.17 20.83 63.47
CA LYS D 19 16.31 20.18 64.09
C LYS D 19 17.49 21.13 64.23
N CYS D 20 17.84 21.85 63.16
CA CYS D 20 18.98 22.77 63.15
C CYS D 20 18.83 23.86 64.22
N CYS D 21 17.58 24.19 64.56
CA CYS D 21 17.26 25.07 65.68
C CYS D 21 17.74 24.46 67.00
N VAL D 22 17.15 23.34 67.38
CA VAL D 22 17.45 22.77 68.69
C VAL D 22 18.97 22.57 68.81
N ASP D 23 19.67 22.48 67.67
CA ASP D 23 21.11 22.30 67.67
C ASP D 23 21.82 23.62 68.03
N GLU D 24 21.20 24.75 67.68
CA GLU D 24 21.75 26.07 68.04
C GLU D 24 21.03 26.60 69.29
N GLY D 25 20.23 25.71 69.93
CA GLY D 25 19.56 25.99 71.20
C GLY D 25 18.43 27.01 71.07
N LEU D 26 17.89 27.22 69.86
CA LEU D 26 16.69 28.03 69.70
C LEU D 26 15.49 27.16 70.10
N GLU D 27 14.35 27.80 70.36
CA GLU D 27 13.14 27.08 70.75
C GLU D 27 12.12 27.36 69.64
N PRO D 28 11.89 26.36 68.75
CA PRO D 28 11.04 26.54 67.58
C PRO D 28 9.59 26.04 67.71
N THR D 29 8.72 26.58 66.85
CA THR D 29 7.35 26.14 66.72
C THR D 29 7.03 25.89 65.25
N CYS D 30 6.60 24.68 64.93
CA CYS D 30 6.31 24.28 63.56
C CYS D 30 4.80 24.29 63.30
N PHE D 31 4.40 24.93 62.21
CA PHE D 31 3.02 24.98 61.79
C PHE D 31 2.86 24.14 60.52
N GLU D 32 2.02 23.09 60.59
CA GLU D 32 1.77 22.19 59.49
C GLU D 32 0.29 22.28 59.10
N ARG D 33 0.01 22.66 57.84
CA ARG D 33 -1.36 22.77 57.28
C ARG D 33 -2.08 21.43 57.45
N THR D 34 -1.36 20.32 57.22
CA THR D 34 -1.94 18.97 57.17
C THR D 34 -1.78 18.26 58.52
N GLU D 35 -1.97 16.94 58.52
CA GLU D 35 -2.11 16.13 59.71
C GLU D 35 -0.80 15.37 59.98
N ASP D 36 0.22 15.59 59.15
CA ASP D 36 1.45 14.79 59.22
C ASP D 36 2.59 15.46 58.44
N ILE D 37 3.78 14.93 58.71
CA ILE D 37 5.06 15.39 58.18
C ILE D 37 5.29 14.81 56.78
N GLY D 38 6.34 15.33 56.13
CA GLY D 38 6.85 14.84 54.85
C GLY D 38 6.60 15.84 53.73
N GLY D 39 5.48 16.57 53.87
CA GLY D 39 5.00 17.37 52.78
C GLY D 39 4.91 16.49 51.54
N LEU D 40 5.62 16.89 50.48
CA LEU D 40 5.42 16.33 49.11
C LEU D 40 5.46 14.79 49.13
N TRP D 41 6.42 14.26 49.90
CA TRP D 41 6.82 12.86 49.90
C TRP D 41 5.86 11.95 50.67
N ARG D 42 4.92 12.53 51.44
CA ARG D 42 3.84 11.73 52.00
C ARG D 42 2.83 11.53 50.87
N PHE D 43 2.73 10.30 50.36
CA PHE D 43 1.77 10.04 49.33
C PHE D 43 0.36 10.01 49.93
N LYS D 44 -0.57 10.70 49.28
CA LYS D 44 -1.96 10.56 49.59
C LYS D 44 -2.72 10.42 48.27
N GLU D 45 -3.89 9.79 48.39
CA GLU D 45 -4.59 9.21 47.28
C GLU D 45 -5.26 10.36 46.51
N ASN D 46 -5.87 11.29 47.26
CA ASN D 46 -6.49 12.51 46.75
C ASN D 46 -5.45 13.64 46.71
N VAL D 47 -5.68 14.65 45.86
CA VAL D 47 -4.83 15.85 45.83
C VAL D 47 -5.44 16.87 46.79
N GLU D 48 -4.88 16.96 48.00
CA GLU D 48 -5.32 17.95 48.99
C GLU D 48 -4.61 19.28 48.68
N ASP D 49 -5.39 20.37 48.71
CA ASP D 49 -4.90 21.71 48.32
C ASP D 49 -3.87 22.19 49.33
N GLY D 50 -2.99 23.09 48.88
CA GLY D 50 -1.93 23.67 49.71
C GLY D 50 -0.79 22.71 50.01
N ARG D 51 -0.91 21.44 49.57
CA ARG D 51 0.19 20.47 49.64
C ARG D 51 0.48 19.94 48.24
N ALA D 52 1.76 19.66 48.00
CA ALA D 52 2.23 19.16 46.73
C ALA D 52 1.85 17.69 46.62
N SER D 53 1.29 17.30 45.46
CA SER D 53 0.91 15.88 45.20
C SER D 53 2.05 15.13 44.48
N ILE D 54 2.15 13.83 44.76
CA ILE D 54 2.94 12.95 43.92
C ILE D 54 2.08 11.77 43.47
N TYR D 55 2.39 11.27 42.28
CA TYR D 55 1.94 9.98 41.81
C TYR D 55 2.50 8.89 42.72
N GLN D 56 1.89 7.71 42.72
CA GLN D 56 2.10 6.77 43.82
C GLN D 56 3.46 6.07 43.68
N SER D 57 4.06 6.11 42.49
CA SER D 57 5.15 5.22 42.13
C SER D 57 6.52 5.92 42.09
N VAL D 58 6.60 7.14 42.62
CA VAL D 58 7.80 8.00 42.48
C VAL D 58 8.97 7.38 43.25
N ILE D 59 10.13 7.39 42.61
CA ILE D 59 11.39 6.93 43.24
C ILE D 59 12.36 8.12 43.22
N THR D 60 13.28 8.19 44.17
CA THR D 60 14.23 9.32 44.27
C THR D 60 15.22 9.31 43.11
N ASN D 61 15.77 10.44 42.67
CA ASN D 61 16.76 10.48 41.57
C ASN D 61 18.17 10.61 42.14
N THR D 62 18.29 10.57 43.46
CA THR D 62 19.63 10.64 44.09
C THR D 62 19.76 9.51 45.10
N SER D 63 21.01 9.07 45.31
CA SER D 63 21.49 8.01 46.20
C SER D 63 21.17 8.37 47.66
N LYS D 64 21.07 7.35 48.53
CA LYS D 64 20.86 7.54 49.97
C LYS D 64 22.11 8.10 50.66
N GLU D 65 23.30 7.66 50.24
CA GLU D 65 24.54 8.11 50.86
C GLU D 65 24.97 9.44 50.24
N MET D 66 24.30 9.87 49.16
CA MET D 66 24.57 11.14 48.56
C MET D 66 23.50 12.16 48.91
N SER D 67 22.53 11.77 49.74
CA SER D 67 21.43 12.65 49.98
C SER D 67 20.86 12.51 51.40
N CYS D 68 21.62 11.88 52.32
CA CYS D 68 21.20 11.83 53.73
C CYS D 68 21.70 13.09 54.43
N PHE D 69 21.16 13.38 55.61
CA PHE D 69 21.62 14.49 56.42
C PHE D 69 23.03 14.16 56.93
N SER D 70 23.88 15.20 56.97
CA SER D 70 25.34 15.16 57.21
C SER D 70 25.75 14.33 58.44
N ASP D 71 24.81 14.11 59.37
CA ASP D 71 25.09 13.44 60.61
C ASP D 71 24.05 12.34 60.87
N PHE D 72 23.39 11.85 59.82
CA PHE D 72 22.38 10.80 59.99
C PHE D 72 22.29 9.95 58.74
N PRO D 73 23.28 9.05 58.51
CA PRO D 73 23.21 8.12 57.39
C PRO D 73 21.86 7.41 57.42
N MET D 74 21.39 7.06 56.22
CA MET D 74 20.25 6.22 56.09
C MET D 74 20.65 4.84 56.58
N PRO D 75 19.73 4.10 57.24
CA PRO D 75 20.02 2.75 57.74
C PRO D 75 20.73 1.94 56.65
N GLU D 76 21.61 1.01 57.02
CA GLU D 76 22.42 0.31 56.01
C GLU D 76 21.51 -0.51 55.10
N HIS D 77 20.42 -1.06 55.69
CA HIS D 77 19.50 -1.98 55.02
C HIS D 77 18.53 -1.23 54.09
N PHE D 78 18.71 0.08 53.88
CA PHE D 78 17.89 0.81 52.94
C PHE D 78 18.45 0.66 51.52
N PRO D 79 17.58 0.66 50.49
CA PRO D 79 18.03 0.64 49.10
C PRO D 79 18.66 2.00 48.76
N ASN D 80 19.38 2.08 47.64
CA ASN D 80 20.22 3.22 47.35
C ASN D 80 19.36 4.30 46.71
N PHE D 81 18.39 3.90 45.86
CA PHE D 81 17.30 4.80 45.47
C PHE D 81 16.01 4.30 46.12
N LEU D 82 15.09 5.24 46.37
CA LEU D 82 14.07 5.05 47.39
C LEU D 82 12.69 5.29 46.80
N HIS D 83 11.75 4.39 47.11
CA HIS D 83 10.35 4.69 46.93
C HIS D 83 9.97 5.83 47.88
N ASN D 84 9.00 6.64 47.45
CA ASN D 84 8.48 7.71 48.28
C ASN D 84 8.05 7.14 49.65
N SER D 85 7.38 5.98 49.64
CA SER D 85 7.02 5.23 50.84
C SER D 85 8.20 5.22 51.83
N LYS D 86 9.36 4.84 51.29
CA LYS D 86 10.54 4.49 52.06
C LYS D 86 11.30 5.75 52.48
N LEU D 87 11.25 6.80 51.66
CA LEU D 87 11.94 8.01 52.05
C LEU D 87 11.26 8.60 53.28
N LEU D 88 9.94 8.77 53.20
CA LEU D 88 9.12 9.13 54.34
C LEU D 88 9.70 8.45 55.57
N GLU D 89 9.83 7.12 55.50
CA GLU D 89 10.29 6.34 56.65
C GLU D 89 11.54 7.00 57.25
N TYR D 90 12.52 7.35 56.42
CA TYR D 90 13.74 7.98 56.90
C TYR D 90 13.36 9.22 57.71
N PHE D 91 12.55 10.07 57.11
CA PHE D 91 12.07 11.28 57.73
C PHE D 91 11.44 11.00 59.10
N ARG D 92 10.55 10.00 59.16
CA ARG D 92 9.90 9.61 60.41
C ARG D 92 10.94 9.16 61.43
N ILE D 93 11.91 8.36 60.96
CA ILE D 93 13.00 7.82 61.77
C ILE D 93 13.81 8.98 62.35
N PHE D 94 13.97 10.02 61.54
CA PHE D 94 14.72 11.20 61.87
C PHE D 94 14.03 12.00 62.99
N ALA D 95 12.76 12.32 62.77
CA ALA D 95 11.93 13.09 63.71
C ALA D 95 11.73 12.37 65.04
N LYS D 96 11.81 11.03 65.02
CA LYS D 96 11.79 10.23 66.24
C LYS D 96 13.13 10.40 66.97
N LYS D 97 14.22 10.29 66.22
CA LYS D 97 15.56 10.26 66.81
C LYS D 97 15.99 11.64 67.31
N PHE D 98 15.33 12.72 66.88
CA PHE D 98 15.70 14.07 67.31
C PHE D 98 14.54 14.75 68.03
N ASP D 99 13.48 13.97 68.32
CA ASP D 99 12.35 14.40 69.14
C ASP D 99 11.72 15.68 68.58
N LEU D 100 11.67 15.79 67.24
CA LEU D 100 11.28 17.04 66.61
C LEU D 100 9.75 17.13 66.51
N LEU D 101 9.06 16.08 66.96
CA LEU D 101 7.64 15.96 66.68
C LEU D 101 6.85 16.85 67.64
N LYS D 102 7.41 17.06 68.84
CA LYS D 102 6.76 17.85 69.88
C LYS D 102 6.60 19.32 69.45
N TYR D 103 7.47 19.83 68.56
CA TYR D 103 7.43 21.24 68.13
C TYR D 103 6.38 21.45 67.03
N ILE D 104 5.78 20.36 66.55
CA ILE D 104 4.89 20.42 65.39
C ILE D 104 3.46 20.61 65.90
N GLN D 105 2.78 21.63 65.37
CA GLN D 105 1.33 21.77 65.50
C GLN D 105 0.68 21.48 64.14
N PHE D 106 0.02 20.32 64.06
CA PHE D 106 -0.62 19.88 62.84
C PHE D 106 -1.99 20.55 62.69
N GLN D 107 -2.50 20.54 61.46
CA GLN D 107 -3.80 21.09 61.09
C GLN D 107 -3.92 22.56 61.50
N THR D 108 -2.77 23.21 61.75
CA THR D 108 -2.70 24.64 61.99
C THR D 108 -1.98 25.29 60.78
N THR D 109 -2.75 26.04 59.99
CA THR D 109 -2.25 26.69 58.78
C THR D 109 -1.95 28.17 59.06
N VAL D 110 -0.83 28.66 58.51
CA VAL D 110 -0.34 30.02 58.75
C VAL D 110 -0.94 30.96 57.70
N LEU D 111 -1.74 31.91 58.18
CA LEU D 111 -2.54 32.77 57.32
C LEU D 111 -1.75 34.02 56.95
N SER D 112 -1.02 34.60 57.91
CA SER D 112 -0.25 35.82 57.67
C SER D 112 0.98 35.87 58.56
N VAL D 113 2.05 36.43 57.99
CA VAL D 113 3.27 36.74 58.69
C VAL D 113 3.55 38.21 58.43
N LYS D 114 3.32 39.02 59.47
CA LYS D 114 3.48 40.46 59.42
C LYS D 114 4.59 40.89 60.38
N LYS D 115 5.30 41.94 59.94
CA LYS D 115 6.36 42.54 60.69
C LYS D 115 5.75 43.40 61.79
N CYS D 116 6.12 43.18 63.06
CA CYS D 116 5.91 44.21 64.12
C CYS D 116 6.96 45.30 63.92
N PRO D 117 6.90 46.46 64.61
CA PRO D 117 7.96 47.48 64.46
C PRO D 117 9.43 47.03 64.68
N ASP D 118 9.98 46.33 63.66
CA ASP D 118 11.31 45.61 63.61
C ASP D 118 12.39 46.48 64.25
N GLY D 123 13.14 42.92 66.87
CA GLY D 123 13.29 42.60 65.44
C GLY D 123 12.45 41.40 65.00
N GLN D 124 11.16 41.45 65.31
CA GLN D 124 10.27 40.25 65.39
C GLN D 124 9.17 40.29 64.34
N TRP D 125 8.30 39.26 64.39
CA TRP D 125 7.18 39.02 63.42
C TRP D 125 5.92 38.51 64.14
N GLU D 126 4.77 38.97 63.64
CA GLU D 126 3.45 38.54 64.13
C GLU D 126 2.80 37.58 63.12
N ILE D 127 2.30 36.45 63.64
CA ILE D 127 1.91 35.32 62.83
C ILE D 127 0.52 34.83 63.24
N VAL D 128 -0.43 34.97 62.32
CA VAL D 128 -1.79 34.49 62.51
C VAL D 128 -1.90 33.10 61.91
N THR D 129 -2.50 32.17 62.66
CA THR D 129 -2.65 30.78 62.22
C THR D 129 -4.01 30.23 62.63
N GLU D 130 -4.84 29.86 61.65
CA GLU D 130 -6.16 29.28 61.95
C GLU D 130 -6.01 27.79 62.26
N SER D 131 -6.81 27.29 63.20
CA SER D 131 -6.86 25.88 63.59
C SER D 131 -8.25 25.34 63.25
N ASN D 132 -8.94 24.73 64.22
CA ASN D 132 -10.34 24.35 64.02
C ASN D 132 -11.19 25.62 64.09
N GLY D 133 -11.29 26.34 62.96
CA GLY D 133 -12.24 27.44 62.80
C GLY D 133 -11.73 28.77 63.33
N LYS D 134 -11.26 28.79 64.59
CA LYS D 134 -10.84 30.03 65.26
C LYS D 134 -9.30 30.11 65.27
N GLU D 135 -8.81 31.34 65.09
CA GLU D 135 -7.46 31.64 64.62
C GLU D 135 -6.68 32.46 65.65
N GLN D 136 -5.76 31.79 66.36
CA GLN D 136 -4.86 32.46 67.32
C GLN D 136 -3.75 33.22 66.57
N SER D 137 -3.17 34.21 67.26
CA SER D 137 -2.05 35.01 66.81
C SER D 137 -0.89 34.83 67.79
N ALA D 138 0.33 35.19 67.37
CA ALA D 138 1.51 35.10 68.23
C ALA D 138 2.68 35.85 67.59
N VAL D 139 3.80 35.90 68.33
CA VAL D 139 4.97 36.70 67.99
C VAL D 139 6.22 35.84 68.09
N PHE D 140 7.12 36.03 67.12
CA PHE D 140 8.32 35.24 67.04
C PHE D 140 9.48 36.17 66.69
N ASP D 141 10.65 35.81 67.22
CA ASP D 141 11.86 36.58 67.05
C ASP D 141 12.38 36.41 65.62
N ALA D 142 12.15 35.22 65.04
CA ALA D 142 12.54 34.88 63.65
C ALA D 142 11.58 33.84 63.06
N VAL D 143 11.62 33.70 61.74
CA VAL D 143 10.73 32.78 61.03
C VAL D 143 11.43 32.25 59.77
N MET D 144 11.38 30.91 59.63
CA MET D 144 11.90 30.16 58.47
C MET D 144 10.73 29.58 57.66
N VAL D 145 10.62 30.02 56.40
CA VAL D 145 9.56 29.60 55.49
C VAL D 145 9.96 28.29 54.77
N CYS D 146 9.11 27.26 54.92
CA CYS D 146 9.34 25.91 54.38
C CYS D 146 8.06 25.32 53.78
N SER D 147 7.30 26.14 53.05
CA SER D 147 5.97 25.77 52.54
C SER D 147 6.03 25.23 51.09
N GLY D 148 7.25 25.03 50.57
CA GLY D 148 7.49 24.36 49.26
C GLY D 148 7.14 25.22 48.06
N HIS D 149 7.30 24.68 46.85
CA HIS D 149 7.05 25.47 45.64
C HIS D 149 6.61 24.62 44.44
N HIS D 150 6.32 23.33 44.70
CA HIS D 150 5.82 22.39 43.69
C HIS D 150 4.34 22.07 44.03
N ILE D 151 3.59 23.15 44.28
CA ILE D 151 2.23 23.04 44.76
C ILE D 151 1.28 23.77 43.79
N LEU D 152 1.73 24.88 43.20
CA LEU D 152 0.88 25.77 42.42
C LEU D 152 1.08 25.50 40.93
N PRO D 153 0.22 24.69 40.27
CA PRO D 153 0.50 24.23 38.91
C PRO D 153 0.56 25.38 37.90
N HIS D 154 1.47 25.26 36.93
CA HIS D 154 1.56 26.14 35.77
C HIS D 154 1.06 25.38 34.54
N ILE D 155 0.04 25.92 33.85
CA ILE D 155 -0.54 25.34 32.62
C ILE D 155 -0.70 26.46 31.59
N PRO D 156 0.32 26.73 30.73
CA PRO D 156 0.26 27.85 29.81
C PRO D 156 -0.63 27.52 28.59
N LEU D 157 -1.94 27.49 28.81
CA LEU D 157 -2.91 27.11 27.80
C LEU D 157 -2.85 28.08 26.61
N GLN D 158 -2.51 29.35 26.90
CA GLN D 158 -2.42 30.43 25.91
C GLN D 158 -1.55 30.00 24.73
N SER D 159 -0.48 29.24 25.02
CA SER D 159 0.52 28.88 24.04
C SER D 159 0.16 27.58 23.31
N PHE D 160 -0.94 26.94 23.73
CA PHE D 160 -1.50 25.75 23.05
C PHE D 160 -2.87 26.08 22.45
N PRO D 161 -2.91 26.83 21.32
CA PRO D 161 -4.18 27.24 20.72
C PRO D 161 -5.06 26.07 20.29
N GLY D 162 -6.37 26.26 20.40
CA GLY D 162 -7.35 25.26 20.03
C GLY D 162 -7.69 24.33 21.17
N ILE D 163 -6.97 24.47 22.28
CA ILE D 163 -7.21 23.71 23.52
C ILE D 163 -8.68 23.82 23.94
N GLU D 164 -9.27 25.00 23.69
CA GLU D 164 -10.69 25.30 23.93
C GLU D 164 -11.58 24.32 23.14
N ARG D 165 -11.17 24.03 21.90
CA ARG D 165 -11.88 23.14 20.98
C ARG D 165 -11.68 21.66 21.34
N PHE D 166 -10.49 21.30 21.86
CA PHE D 166 -10.15 19.90 22.16
C PHE D 166 -11.28 19.26 22.99
N LYS D 167 -11.99 18.31 22.39
CA LYS D 167 -12.86 17.40 23.11
C LYS D 167 -11.93 16.47 23.92
N GLY D 168 -12.46 15.40 24.50
CA GLY D 168 -11.66 14.53 25.37
C GLY D 168 -11.05 15.26 26.55
N GLN D 169 -10.20 14.54 27.31
CA GLN D 169 -9.82 14.86 28.70
C GLN D 169 -8.42 15.49 28.73
N TYR D 170 -8.18 16.38 29.69
CA TYR D 170 -6.81 16.85 29.96
C TYR D 170 -6.66 17.37 31.39
N PHE D 171 -5.41 17.36 31.87
CA PHE D 171 -5.07 17.78 33.22
C PHE D 171 -3.55 17.97 33.38
N HIS D 172 -3.15 18.40 34.58
CA HIS D 172 -1.79 18.74 34.89
C HIS D 172 -1.19 17.60 35.70
N SER D 173 0.12 17.40 35.51
CA SER D 173 0.91 16.41 36.27
C SER D 173 0.42 16.30 37.71
N ARG D 174 0.22 17.45 38.39
CA ARG D 174 -0.26 17.50 39.77
C ARG D 174 -1.36 16.46 40.00
N GLN D 175 -2.36 16.49 39.13
CA GLN D 175 -3.59 15.75 39.32
C GLN D 175 -3.38 14.24 39.13
N TYR D 176 -2.28 13.85 38.47
CA TYR D 176 -2.00 12.43 38.25
C TYR D 176 -1.64 11.74 39.57
N LYS D 177 -1.97 10.46 39.65
CA LYS D 177 -1.79 9.62 40.82
C LYS D 177 -1.56 8.16 40.38
N HIS D 178 -2.49 7.62 39.59
CA HIS D 178 -2.45 6.23 39.15
C HIS D 178 -2.69 6.13 37.65
N PRO D 179 -2.12 5.10 36.99
CA PRO D 179 -2.29 4.88 35.55
C PRO D 179 -3.60 4.17 35.16
N GLU D 180 -4.11 3.32 36.06
CA GLU D 180 -5.36 2.62 35.84
C GLU D 180 -6.46 3.66 35.57
N GLY D 181 -7.24 3.41 34.51
CA GLY D 181 -8.24 4.33 33.98
C GLY D 181 -7.92 4.74 32.55
N PHE D 182 -6.66 4.58 32.15
CA PHE D 182 -6.15 5.09 30.89
C PHE D 182 -5.73 3.93 29.99
N GLU D 183 -6.23 2.74 30.31
CA GLU D 183 -5.96 1.54 29.55
C GLU D 183 -6.37 1.78 28.08
N GLY D 184 -5.46 1.45 27.17
CA GLY D 184 -5.62 1.57 25.73
C GLY D 184 -6.16 2.91 25.27
N LYS D 185 -5.60 4.04 25.73
CA LYS D 185 -6.00 5.33 25.17
C LYS D 185 -4.83 5.97 24.46
N ARG D 186 -5.12 7.01 23.68
CA ARG D 186 -4.13 7.73 22.90
C ARG D 186 -3.74 9.00 23.67
N ILE D 187 -2.54 9.02 24.26
CA ILE D 187 -2.21 9.99 25.34
C ILE D 187 -1.00 10.85 24.98
N LEU D 188 -1.23 12.17 24.97
CA LEU D 188 -0.25 13.16 24.68
C LEU D 188 0.15 13.82 26.00
N VAL D 189 1.42 13.72 26.39
CA VAL D 189 1.90 14.47 27.54
C VAL D 189 2.83 15.57 27.02
N ILE D 190 2.60 16.78 27.55
CA ILE D 190 3.33 17.94 27.16
C ILE D 190 4.49 18.12 28.12
N GLY D 191 5.71 18.22 27.56
CA GLY D 191 6.93 18.54 28.31
C GLY D 191 7.75 17.30 28.62
N ILE D 192 9.05 17.51 28.87
CA ILE D 192 9.98 16.45 29.25
C ILE D 192 10.50 16.71 30.67
N GLY D 193 9.55 16.94 31.60
CA GLY D 193 9.81 16.82 33.03
C GLY D 193 10.37 15.44 33.35
N ASN D 194 11.10 15.37 34.48
CA ASN D 194 11.39 14.10 35.10
C ASN D 194 10.05 13.38 35.33
N SER D 195 9.05 14.18 35.69
CA SER D 195 7.70 13.73 35.96
C SER D 195 7.02 13.27 34.68
N ALA D 196 7.01 14.14 33.66
CA ALA D 196 6.44 13.76 32.37
C ALA D 196 6.92 12.37 31.96
N SER D 197 8.23 12.14 32.08
CA SER D 197 8.86 10.89 31.69
C SER D 197 8.31 9.75 32.54
N ASP D 198 8.35 9.92 33.86
CA ASP D 198 7.84 8.89 34.77
C ASP D 198 6.38 8.60 34.41
N ILE D 199 5.60 9.66 34.13
CA ILE D 199 4.17 9.50 33.83
C ILE D 199 4.03 8.77 32.48
N ALA D 200 4.66 9.34 31.45
CA ALA D 200 4.64 8.78 30.11
C ALA D 200 4.92 7.28 30.20
N VAL D 201 6.09 6.94 30.74
CA VAL D 201 6.48 5.58 30.87
C VAL D 201 5.34 4.78 31.51
N GLU D 202 4.85 5.22 32.68
CA GLU D 202 3.86 4.46 33.45
C GLU D 202 2.59 4.23 32.63
N LEU D 203 2.04 5.30 32.03
CA LEU D 203 0.83 5.18 31.21
C LEU D 203 1.09 4.30 29.98
N SER D 204 2.29 4.47 29.40
CA SER D 204 2.69 3.89 28.11
C SER D 204 2.50 2.37 28.06
N LYS D 205 2.72 1.69 29.19
CA LYS D 205 2.69 0.24 29.24
C LYS D 205 1.35 -0.29 28.72
N LYS D 206 0.25 0.14 29.32
CA LYS D 206 -1.08 -0.43 29.03
C LYS D 206 -1.90 0.51 28.14
N ALA D 207 -1.27 1.54 27.55
CA ALA D 207 -1.94 2.52 26.69
C ALA D 207 -1.73 2.16 25.21
N ALA D 208 -2.69 2.61 24.39
CA ALA D 208 -2.66 2.41 22.98
C ALA D 208 -1.34 2.99 22.47
N GLN D 209 -1.20 4.31 22.64
CA GLN D 209 0.00 5.03 22.34
C GLN D 209 0.18 6.14 23.38
N VAL D 210 1.44 6.48 23.63
CA VAL D 210 1.78 7.67 24.34
C VAL D 210 2.78 8.46 23.50
N PHE D 211 2.49 9.76 23.36
CA PHE D 211 3.38 10.71 22.76
C PHE D 211 3.92 11.57 23.89
N ILE D 212 4.89 12.43 23.58
CA ILE D 212 5.50 13.28 24.56
C ILE D 212 6.17 14.43 23.82
N SER D 213 5.55 15.62 23.91
CA SER D 213 5.96 16.80 23.14
C SER D 213 7.14 17.50 23.82
N THR D 214 8.10 17.95 23.02
CA THR D 214 9.10 18.95 23.40
C THR D 214 9.68 19.62 22.15
N ARG D 215 9.93 20.93 22.27
CA ARG D 215 10.75 21.62 21.35
C ARG D 215 12.20 21.27 21.66
N HIS D 216 12.53 21.41 22.94
CA HIS D 216 13.90 21.46 23.39
C HIS D 216 14.43 20.04 23.50
N GLY D 217 13.70 19.20 24.24
CA GLY D 217 13.99 17.78 24.37
C GLY D 217 15.30 17.51 25.10
N SER D 218 15.21 16.83 26.24
CA SER D 218 16.31 16.73 27.18
C SER D 218 17.31 15.64 26.81
N TRP D 219 18.45 15.64 27.50
CA TRP D 219 19.25 14.46 27.67
C TRP D 219 18.59 13.58 28.74
N VAL D 220 18.45 12.29 28.43
CA VAL D 220 17.97 11.29 29.33
C VAL D 220 19.16 10.53 29.90
N MET D 221 19.03 10.18 31.19
CA MET D 221 20.11 9.61 31.94
C MET D 221 19.56 8.65 32.99
N SER D 222 20.23 7.50 33.17
CA SER D 222 19.81 6.50 34.13
C SER D 222 20.51 6.77 35.46
N ARG D 223 19.85 6.34 36.53
CA ARG D 223 20.35 6.44 37.92
C ARG D 223 21.53 5.50 38.03
N ILE D 224 21.55 4.45 37.22
CA ILE D 224 22.68 3.51 37.16
C ILE D 224 23.87 4.23 36.51
N SER D 225 25.06 4.09 37.10
CA SER D 225 26.25 4.63 36.51
C SER D 225 27.37 3.59 36.52
N ASP D 226 28.57 4.08 36.19
CA ASP D 226 29.79 3.35 36.28
C ASP D 226 29.65 2.22 37.31
N ASP D 227 29.80 0.97 36.83
CA ASP D 227 29.91 -0.23 37.69
C ASP D 227 28.65 -0.38 38.55
N GLY D 228 27.55 0.22 38.07
CA GLY D 228 26.22 0.11 38.67
C GLY D 228 26.09 0.91 39.95
N TYR D 229 27.00 1.85 40.16
CA TYR D 229 26.91 2.74 41.30
C TYR D 229 26.00 3.90 40.93
N PRO D 230 25.26 4.45 41.93
CA PRO D 230 24.35 5.56 41.70
C PRO D 230 25.06 6.74 41.02
N TRP D 231 24.34 7.39 40.10
CA TRP D 231 24.93 8.37 39.23
C TRP D 231 25.47 9.55 40.04
N ASP D 232 24.80 9.89 41.14
CA ASP D 232 25.12 11.14 41.80
C ASP D 232 26.51 11.01 42.45
N MET D 233 26.84 9.81 42.93
CA MET D 233 28.13 9.61 43.57
C MET D 233 29.23 9.53 42.52
N VAL D 234 28.89 9.30 41.26
CA VAL D 234 29.91 9.28 40.24
C VAL D 234 30.11 10.69 39.73
N PHE D 235 29.03 11.46 39.63
CA PHE D 235 29.05 12.74 38.95
C PHE D 235 29.42 13.84 39.95
N HIS D 236 28.81 13.82 41.14
CA HIS D 236 29.06 14.84 42.16
C HIS D 236 30.29 14.45 42.99
N THR D 237 31.45 14.88 42.49
CA THR D 237 32.74 14.69 43.10
C THR D 237 33.55 15.98 42.91
N ARG D 238 34.07 16.52 44.03
CA ARG D 238 34.79 17.80 44.05
C ARG D 238 35.61 17.96 42.77
N PHE D 239 36.58 17.03 42.58
CA PHE D 239 37.53 17.06 41.47
C PHE D 239 36.80 17.27 40.14
N SER D 240 35.74 16.49 39.90
CA SER D 240 35.00 16.57 38.66
C SER D 240 34.36 17.95 38.50
N SER D 241 33.72 18.44 39.57
CA SER D 241 33.01 19.74 39.57
C SER D 241 33.94 20.85 39.08
N MET D 242 35.19 20.80 39.57
CA MET D 242 36.25 21.70 39.15
C MET D 242 36.42 21.68 37.63
N LEU D 243 36.59 20.49 37.06
CA LEU D 243 36.77 20.35 35.63
C LEU D 243 35.58 20.97 34.89
N ARG D 244 34.38 20.77 35.42
CA ARG D 244 33.17 21.30 34.79
C ARG D 244 33.21 22.83 34.81
N ASN D 245 33.73 23.38 35.91
CA ASN D 245 33.83 24.84 36.11
C ASN D 245 34.93 25.45 35.22
N VAL D 246 36.12 24.84 35.19
CA VAL D 246 37.32 25.46 34.62
C VAL D 246 37.34 25.25 33.10
N LEU D 247 37.11 24.00 32.65
CA LEU D 247 37.34 23.63 31.26
C LEU D 247 36.45 24.49 30.37
N PRO D 248 36.89 24.79 29.13
CA PRO D 248 36.09 25.60 28.22
C PRO D 248 34.71 24.94 28.09
N ARG D 249 33.67 25.76 28.04
CA ARG D 249 32.31 25.26 28.13
C ARG D 249 32.11 24.17 27.07
N THR D 250 32.63 24.38 25.86
CA THR D 250 32.48 23.39 24.80
C THR D 250 33.14 22.07 25.23
N VAL D 251 34.44 22.12 25.58
CA VAL D 251 35.14 20.93 26.06
C VAL D 251 34.25 20.14 27.02
N VAL D 252 33.48 20.86 27.86
CA VAL D 252 32.60 20.23 28.84
C VAL D 252 31.37 19.66 28.12
N LYS D 253 30.73 20.45 27.26
CA LYS D 253 29.61 20.02 26.44
C LYS D 253 30.02 18.81 25.58
N TRP D 254 31.20 18.91 24.92
CA TRP D 254 31.80 17.82 24.10
C TRP D 254 31.85 16.53 24.92
N MET D 255 32.00 16.67 26.24
CA MET D 255 32.16 15.54 27.14
C MET D 255 30.78 15.04 27.59
N MET D 256 29.89 15.96 27.98
CA MET D 256 28.53 15.56 28.34
C MET D 256 27.94 14.80 27.17
N GLU D 257 28.01 15.39 25.98
CA GLU D 257 27.43 14.79 24.78
C GLU D 257 27.85 13.31 24.67
N GLN D 258 29.16 13.04 24.80
CA GLN D 258 29.68 11.69 24.63
C GLN D 258 29.13 10.81 25.77
N GLN D 259 29.45 11.17 27.01
CA GLN D 259 29.00 10.43 28.18
C GLN D 259 27.50 10.13 28.06
N MET D 260 26.67 11.13 27.74
CA MET D 260 25.19 10.98 27.72
C MET D 260 24.75 9.94 26.69
N ASN D 261 25.39 9.96 25.51
CA ASN D 261 25.03 9.12 24.37
C ASN D 261 25.55 7.67 24.51
N ARG D 262 26.38 7.43 25.53
CA ARG D 262 26.91 6.07 25.84
C ARG D 262 25.75 5.08 25.90
N TRP D 263 24.65 5.51 26.51
CA TRP D 263 23.42 4.75 26.69
C TRP D 263 22.74 4.52 25.34
N PHE D 264 22.53 5.61 24.61
CA PHE D 264 21.90 5.54 23.33
C PHE D 264 22.12 6.86 22.58
N ASN D 265 22.06 6.80 21.25
CA ASN D 265 22.20 7.97 20.43
C ASN D 265 20.90 8.77 20.55
N HIS D 266 21.00 9.99 21.10
CA HIS D 266 19.83 10.81 21.38
C HIS D 266 19.24 11.36 20.09
N GLU D 267 20.07 11.53 19.06
CA GLU D 267 19.61 11.96 17.73
C GLU D 267 18.60 10.92 17.21
N ASN D 268 18.98 9.65 17.28
CA ASN D 268 18.23 8.55 16.70
C ASN D 268 16.89 8.37 17.42
N TYR D 269 16.93 8.45 18.76
CA TYR D 269 15.75 8.25 19.60
C TYR D 269 14.87 9.50 19.59
N GLY D 270 15.46 10.62 19.14
CA GLY D 270 14.73 11.79 18.71
C GLY D 270 14.64 12.87 19.78
N LEU D 271 15.45 12.79 20.83
CA LEU D 271 15.36 13.83 21.85
C LEU D 271 16.69 14.58 21.99
N GLU D 272 17.47 14.60 20.90
CA GLU D 272 18.60 15.47 20.82
C GLU D 272 18.14 16.88 21.15
N PRO D 273 18.78 17.56 22.15
CA PRO D 273 18.53 18.96 22.44
C PRO D 273 18.90 19.99 21.36
N GLN D 274 18.37 21.20 21.50
CA GLN D 274 18.72 22.36 20.70
C GLN D 274 20.12 22.88 21.13
N ASN D 275 20.17 23.52 22.30
CA ASN D 275 21.41 24.10 22.83
C ASN D 275 22.04 23.09 23.80
N LYS D 276 23.06 22.41 23.32
CA LYS D 276 23.88 21.54 24.14
C LYS D 276 24.84 22.41 24.95
N TYR D 277 24.92 23.68 24.55
CA TYR D 277 25.60 24.78 25.25
C TYR D 277 25.25 24.71 26.75
N LEU D 278 23.96 24.53 27.06
CA LEU D 278 23.42 24.68 28.40
C LEU D 278 23.78 23.44 29.24
N MET D 279 24.07 23.67 30.52
CA MET D 279 24.19 22.61 31.52
C MET D 279 22.82 22.38 32.20
N LYS D 280 21.76 22.41 31.39
CA LYS D 280 20.37 22.20 31.81
C LYS D 280 20.25 20.81 32.46
N GLU D 281 19.39 20.69 33.46
CA GLU D 281 19.21 19.43 34.19
C GLU D 281 18.72 18.34 33.23
N PRO D 282 19.44 17.21 33.10
CA PRO D 282 18.96 16.07 32.33
C PRO D 282 17.88 15.30 33.14
N VAL D 283 16.96 14.63 32.42
CA VAL D 283 15.93 13.84 33.08
C VAL D 283 16.58 12.55 33.54
N LEU D 284 16.02 12.01 34.64
CA LEU D 284 16.49 10.77 35.21
C LEU D 284 15.36 9.74 35.18
N ASN D 285 15.46 8.88 34.17
CA ASN D 285 14.52 7.84 33.93
C ASN D 285 15.30 6.64 33.41
N ASP D 286 15.26 5.52 34.14
CA ASP D 286 15.92 4.31 33.71
C ASP D 286 15.09 3.58 32.64
N ASP D 287 13.88 4.04 32.36
CA ASP D 287 12.87 3.25 31.64
C ASP D 287 12.60 3.85 30.24
N LEU D 288 12.82 5.17 30.09
CA LEU D 288 12.35 5.89 28.93
C LEU D 288 12.94 5.34 27.64
N PRO D 289 14.29 5.22 27.50
CA PRO D 289 14.87 4.78 26.25
C PRO D 289 14.27 3.44 25.80
N SER D 290 14.21 2.46 26.71
CA SER D 290 13.60 1.14 26.42
C SER D 290 12.17 1.31 25.92
N ARG D 291 11.40 2.12 26.67
CA ARG D 291 10.01 2.21 26.38
C ARG D 291 9.81 2.89 25.00
N LEU D 292 10.84 3.61 24.53
CA LEU D 292 10.84 4.18 23.16
C LEU D 292 11.14 3.09 22.13
N LEU D 293 12.07 2.19 22.45
CA LEU D 293 12.38 1.08 21.55
C LEU D 293 11.15 0.20 21.34
N TYR D 294 10.47 -0.15 22.46
CA TYR D 294 9.27 -0.97 22.46
C TYR D 294 8.15 -0.27 21.68
N GLY D 295 8.32 1.02 21.45
CA GLY D 295 7.37 1.80 20.68
C GLY D 295 6.18 2.23 21.51
N ALA D 296 6.29 2.11 22.85
CA ALA D 296 5.21 2.49 23.78
C ALA D 296 5.06 4.01 23.78
N ILE D 297 6.21 4.70 23.65
CA ILE D 297 6.26 6.14 23.61
C ILE D 297 6.87 6.59 22.27
N LYS D 298 6.26 7.63 21.68
CA LYS D 298 6.81 8.36 20.53
C LYS D 298 7.12 9.78 21.01
N VAL D 299 8.37 10.25 20.89
CA VAL D 299 8.66 11.64 21.24
C VAL D 299 8.24 12.47 20.05
N LYS D 300 7.94 13.75 20.31
CA LYS D 300 7.40 14.58 19.29
C LYS D 300 7.82 16.03 19.53
N SER D 301 7.81 16.82 18.45
CA SER D 301 8.11 18.23 18.50
C SER D 301 7.01 18.93 19.30
N ARG D 302 7.12 20.25 19.49
CA ARG D 302 6.13 20.93 20.29
C ARG D 302 4.80 20.87 19.55
N VAL D 303 3.71 20.78 20.31
CA VAL D 303 2.40 20.96 19.74
C VAL D 303 2.35 22.38 19.18
N LYS D 304 1.75 22.55 18.00
CA LYS D 304 1.52 23.86 17.42
C LYS D 304 0.07 24.29 17.69
N GLU D 305 -0.86 23.38 17.45
CA GLU D 305 -2.27 23.66 17.59
C GLU D 305 -3.01 22.36 17.93
N LEU D 306 -4.15 22.52 18.63
CA LEU D 306 -5.05 21.44 18.91
C LEU D 306 -6.35 21.62 18.13
N THR D 307 -7.00 20.49 17.85
CA THR D 307 -8.33 20.39 17.32
C THR D 307 -9.18 19.64 18.35
N GLU D 308 -10.36 19.18 17.94
CA GLU D 308 -11.25 18.48 18.86
C GLU D 308 -10.69 17.10 19.18
N THR D 309 -10.10 16.43 18.17
CA THR D 309 -9.67 15.04 18.31
C THR D 309 -8.18 14.89 18.08
N SER D 310 -7.51 15.91 17.53
CA SER D 310 -6.16 15.72 17.03
C SER D 310 -5.23 16.83 17.54
N ALA D 311 -3.95 16.70 17.17
CA ALA D 311 -2.90 17.66 17.49
C ALA D 311 -2.03 17.88 16.25
N ILE D 312 -1.87 19.15 15.89
CA ILE D 312 -0.90 19.51 14.88
C ILE D 312 0.42 19.71 15.63
N PHE D 313 1.55 19.61 14.92
CA PHE D 313 2.84 19.72 15.56
C PHE D 313 3.71 20.70 14.78
N GLU D 314 4.74 21.19 15.45
CA GLU D 314 5.65 22.24 15.00
C GLU D 314 6.46 21.78 13.78
N ASP D 315 6.48 20.46 13.49
CA ASP D 315 7.19 19.93 12.34
C ASP D 315 6.17 19.42 11.29
N GLY D 316 4.93 19.91 11.38
CA GLY D 316 3.92 19.69 10.36
C GLY D 316 3.18 18.37 10.51
N THR D 317 3.69 17.47 11.35
CA THR D 317 3.04 16.18 11.55
C THR D 317 1.76 16.39 12.36
N VAL D 318 0.93 15.36 12.37
CA VAL D 318 -0.34 15.39 13.02
C VAL D 318 -0.57 14.05 13.70
N GLU D 319 -1.26 14.08 14.85
CA GLU D 319 -1.59 12.86 15.56
C GLU D 319 -3.10 12.82 15.80
N GLU D 320 -3.75 11.90 15.10
CA GLU D 320 -5.18 11.77 15.09
C GLU D 320 -5.61 11.10 16.39
N ASP D 321 -6.87 11.33 16.78
CA ASP D 321 -7.58 10.64 17.89
C ASP D 321 -6.69 10.51 19.12
N ILE D 322 -6.46 11.63 19.80
CA ILE D 322 -5.71 11.70 21.06
C ILE D 322 -6.69 11.98 22.20
N ASP D 323 -6.89 10.98 23.07
CA ASP D 323 -7.98 10.97 24.03
C ASP D 323 -7.64 11.83 25.24
N VAL D 324 -6.35 12.01 25.54
CA VAL D 324 -5.93 12.60 26.81
C VAL D 324 -4.64 13.41 26.60
N ILE D 325 -4.68 14.69 26.98
CA ILE D 325 -3.49 15.51 27.14
C ILE D 325 -3.10 15.54 28.61
N VAL D 326 -1.79 15.48 28.89
CA VAL D 326 -1.30 15.72 30.23
C VAL D 326 -0.21 16.80 30.18
N PHE D 327 -0.55 17.93 30.79
CA PHE D 327 0.33 19.06 30.93
C PHE D 327 1.25 18.83 32.13
N ALA D 328 2.44 18.32 31.84
CA ALA D 328 3.53 18.27 32.78
C ALA D 328 4.40 19.50 32.57
N THR D 329 3.79 20.66 32.78
CA THR D 329 4.38 21.92 32.41
C THR D 329 4.82 22.64 33.68
N GLY D 330 5.02 21.88 34.76
CA GLY D 330 5.69 22.35 35.95
C GLY D 330 4.80 23.24 36.79
N TYR D 331 5.40 23.82 37.84
CA TYR D 331 4.69 24.61 38.81
C TYR D 331 5.28 26.02 38.87
N THR D 332 4.49 26.93 39.40
CA THR D 332 4.98 28.21 39.86
C THR D 332 4.87 28.20 41.39
N PHE D 333 4.97 29.37 42.02
CA PHE D 333 4.96 29.47 43.48
C PHE D 333 4.57 30.87 43.94
N SER D 334 3.87 30.92 45.08
CA SER D 334 3.52 32.15 45.76
C SER D 334 3.66 31.93 47.26
N PHE D 335 3.72 33.02 48.02
CA PHE D 335 3.62 32.99 49.46
C PHE D 335 2.43 33.86 49.86
N PRO D 336 1.23 33.26 49.94
CA PRO D 336 0.00 34.05 50.09
C PRO D 336 -0.16 34.59 51.52
N PHE D 337 0.83 34.31 52.39
CA PHE D 337 0.82 34.78 53.77
C PHE D 337 1.97 35.77 54.00
N LEU D 338 2.40 36.47 52.95
CA LEU D 338 3.62 37.27 53.04
C LEU D 338 3.45 38.61 52.33
N GLU D 339 3.87 39.67 53.03
CA GLU D 339 4.20 40.99 52.46
C GLU D 339 4.66 40.75 51.00
N ASP D 340 3.91 41.33 50.04
CA ASP D 340 4.13 41.11 48.61
C ASP D 340 5.48 41.70 48.15
N SER D 341 6.06 42.56 48.97
CA SER D 341 7.35 43.20 48.67
C SER D 341 8.51 42.31 49.15
N LEU D 342 8.18 41.31 49.98
CA LEU D 342 9.15 40.58 50.79
C LEU D 342 9.94 39.61 49.89
N VAL D 343 9.21 38.76 49.18
CA VAL D 343 9.78 37.78 48.27
C VAL D 343 9.53 38.25 46.84
N LYS D 344 10.34 39.24 46.44
CA LYS D 344 10.19 39.99 45.22
C LYS D 344 10.71 39.13 44.07
N VAL D 345 9.86 38.97 43.05
CA VAL D 345 10.07 38.05 41.95
C VAL D 345 9.74 38.77 40.64
N GLU D 346 10.79 39.21 39.94
CA GLU D 346 10.70 40.20 38.87
C GLU D 346 11.74 39.92 37.77
N ASN D 347 11.33 40.02 36.51
CA ASN D 347 12.21 39.85 35.36
C ASN D 347 13.06 38.60 35.52
N ASN D 348 12.40 37.45 35.72
CA ASN D 348 13.09 36.16 35.72
C ASN D 348 14.21 36.21 36.77
N MET D 349 13.87 36.61 38.00
CA MET D 349 14.84 36.72 39.08
C MET D 349 14.11 36.85 40.42
N VAL D 350 14.46 35.94 41.33
CA VAL D 350 14.06 36.01 42.72
C VAL D 350 15.14 36.81 43.44
N SER D 351 14.74 37.96 44.02
CA SER D 351 15.63 38.76 44.83
C SER D 351 15.52 38.26 46.28
N LEU D 352 16.32 37.22 46.53
CA LEU D 352 16.67 36.73 47.85
C LEU D 352 18.18 36.44 47.89
N TYR D 353 18.87 36.97 48.89
CA TYR D 353 20.27 36.70 49.04
C TYR D 353 20.45 35.18 49.20
N LYS D 354 20.93 34.53 48.14
CA LYS D 354 21.19 33.09 48.12
C LYS D 354 19.91 32.29 48.41
N TYR D 355 18.82 32.68 47.72
CA TYR D 355 17.55 31.96 47.65
C TYR D 355 16.97 31.78 49.06
N MET D 356 17.16 32.81 49.90
CA MET D 356 17.09 32.64 51.32
C MET D 356 16.56 33.90 52.02
N PHE D 357 17.30 35.02 51.91
CA PHE D 357 17.12 36.19 52.77
C PHE D 357 16.63 37.41 51.99
N PRO D 358 15.45 37.97 52.31
CA PRO D 358 14.98 39.20 51.66
C PRO D 358 15.91 40.35 52.02
N PRO D 359 16.62 40.94 51.03
CA PRO D 359 17.67 41.93 51.33
C PRO D 359 17.22 43.30 51.88
N HIS D 360 15.97 43.67 51.61
CA HIS D 360 15.42 44.96 52.01
C HIS D 360 15.14 44.98 53.53
N LEU D 361 15.20 43.81 54.19
CA LEU D 361 15.02 43.74 55.65
C LEU D 361 16.23 44.36 56.33
N GLU D 362 15.98 44.97 57.49
CA GLU D 362 16.95 45.77 58.23
C GLU D 362 17.49 44.94 59.40
N LYS D 363 16.61 44.11 60.00
CA LYS D 363 17.02 43.05 60.89
C LYS D 363 16.85 41.73 60.12
N PRO D 364 17.86 40.82 60.11
CA PRO D 364 17.83 39.61 59.29
C PRO D 364 17.19 38.38 59.96
N THR D 365 15.87 38.45 60.11
CA THR D 365 15.12 37.64 61.06
C THR D 365 14.16 36.67 60.32
N LEU D 366 14.18 36.68 58.98
CA LEU D 366 13.36 35.75 58.20
C LEU D 366 14.10 35.31 56.93
N ALA D 367 13.96 34.01 56.63
CA ALA D 367 14.55 33.38 55.45
C ALA D 367 13.67 32.25 54.93
N CYS D 368 13.61 32.14 53.59
CA CYS D 368 13.06 30.99 52.87
C CYS D 368 14.08 29.86 52.79
N ILE D 369 13.67 28.66 53.20
CA ILE D 369 14.49 27.49 53.00
C ILE D 369 13.78 26.55 52.01
N GLY D 370 14.56 26.06 51.04
CA GLY D 370 14.15 25.06 50.10
C GLY D 370 13.58 25.65 48.82
N LEU D 371 13.73 26.97 48.64
CA LEU D 371 13.29 27.65 47.45
C LEU D 371 14.48 27.68 46.49
N ILE D 372 14.83 26.50 46.00
CA ILE D 372 16.03 26.28 45.24
C ILE D 372 15.91 24.94 44.50
N GLN D 373 16.45 24.88 43.28
CA GLN D 373 16.49 23.62 42.55
C GLN D 373 17.94 23.34 42.16
N PRO D 374 18.69 22.67 43.04
CA PRO D 374 20.09 22.33 42.77
C PRO D 374 20.20 21.11 41.85
N LEU D 375 21.42 20.78 41.46
CA LEU D 375 21.65 19.68 40.53
C LEU D 375 22.03 18.41 41.31
N GLY D 376 22.00 18.49 42.63
CA GLY D 376 22.11 17.33 43.49
C GLY D 376 20.94 17.30 44.45
N SER D 377 21.06 16.50 45.51
CA SER D 377 19.94 16.32 46.40
C SER D 377 19.64 17.63 47.16
N ILE D 378 18.35 17.88 47.36
CA ILE D 378 17.92 19.04 48.09
C ILE D 378 18.17 18.84 49.58
N PHE D 379 18.17 17.60 50.05
CA PHE D 379 18.12 17.35 51.50
C PHE D 379 19.38 17.90 52.19
N PRO D 380 20.62 17.63 51.72
CA PRO D 380 21.81 18.29 52.27
C PRO D 380 21.93 19.80 52.04
N THR D 381 21.32 20.32 50.96
CA THR D 381 21.28 21.76 50.68
C THR D 381 20.44 22.47 51.74
N VAL D 382 19.22 21.98 52.03
CA VAL D 382 18.33 22.67 52.99
C VAL D 382 18.84 22.50 54.42
N GLU D 383 19.62 21.44 54.66
CA GLU D 383 20.27 21.25 55.96
C GLU D 383 21.27 22.39 56.15
N LEU D 384 22.10 22.67 55.12
CA LEU D 384 23.12 23.71 55.21
C LEU D 384 22.45 25.09 55.18
N GLN D 385 21.39 25.21 54.38
CA GLN D 385 20.57 26.42 54.33
C GLN D 385 20.15 26.77 55.77
N ALA D 386 19.80 25.76 56.58
CA ALA D 386 19.29 25.96 57.94
C ALA D 386 20.43 26.18 58.94
N ARG D 387 21.63 25.61 58.65
CA ARG D 387 22.81 25.80 59.50
C ARG D 387 23.26 27.27 59.45
N TRP D 388 23.31 27.84 58.25
CA TRP D 388 23.56 29.26 57.95
C TRP D 388 22.55 30.16 58.68
N VAL D 389 21.27 29.82 58.54
CA VAL D 389 20.16 30.70 58.87
C VAL D 389 19.98 30.74 60.39
N THR D 390 20.02 29.59 61.06
CA THR D 390 19.90 29.59 62.51
C THR D 390 21.00 30.49 63.10
N ARG D 391 22.20 30.41 62.53
CA ARG D 391 23.37 31.11 63.04
C ARG D 391 23.27 32.61 62.73
N VAL D 392 22.68 32.97 61.58
CA VAL D 392 22.38 34.37 61.29
C VAL D 392 21.47 34.94 62.37
N PHE D 393 20.35 34.24 62.61
CA PHE D 393 19.32 34.61 63.58
C PHE D 393 19.93 34.93 64.95
N LYS D 394 20.86 34.07 65.40
CA LYS D 394 21.51 34.23 66.69
C LYS D 394 22.55 35.35 66.67
N GLY D 395 23.00 35.77 65.48
CA GLY D 395 23.96 36.85 65.33
C GLY D 395 25.36 36.30 65.16
N LEU D 396 25.56 34.99 65.40
CA LEU D 396 26.86 34.36 65.16
C LEU D 396 27.34 34.62 63.73
N CYS D 397 26.39 34.88 62.81
CA CYS D 397 26.67 35.12 61.41
C CYS D 397 25.98 36.41 60.99
N THR D 398 26.60 37.11 60.04
CA THR D 398 26.12 38.41 59.57
C THR D 398 26.01 38.41 58.05
N LEU D 399 24.91 39.01 57.58
CA LEU D 399 24.72 39.34 56.19
C LEU D 399 25.61 40.52 55.86
N PRO D 400 25.97 40.73 54.57
CA PRO D 400 26.59 41.99 54.15
C PRO D 400 25.55 43.12 54.02
N SER D 401 25.95 44.22 53.37
CA SER D 401 25.07 45.37 53.19
C SER D 401 23.95 45.01 52.22
N GLU D 402 22.87 45.80 52.23
CA GLU D 402 21.80 45.63 51.28
C GLU D 402 22.35 45.78 49.85
N SER D 403 23.20 46.79 49.64
CA SER D 403 23.72 47.09 48.30
C SER D 403 24.68 45.99 47.83
N THR D 404 25.38 45.34 48.78
CA THR D 404 26.26 44.20 48.47
C THR D 404 25.42 42.96 48.12
N MET D 405 24.33 42.77 48.88
CA MET D 405 23.45 41.61 48.73
C MET D 405 22.68 41.70 47.41
N MET D 406 22.39 42.92 46.96
CA MET D 406 21.73 43.14 45.69
C MET D 406 22.71 42.94 44.53
N ALA D 407 24.00 43.17 44.77
CA ALA D 407 25.03 43.03 43.74
C ALA D 407 25.29 41.55 43.48
N ASP D 408 25.39 40.76 44.56
CA ASP D 408 25.46 39.30 44.48
C ASP D 408 24.28 38.78 43.65
N ILE D 409 23.07 39.00 44.17
CA ILE D 409 21.83 38.46 43.60
C ILE D 409 21.86 38.61 42.06
N ILE D 410 22.13 39.82 41.58
CA ILE D 410 22.19 40.06 40.14
C ILE D 410 23.28 39.17 39.53
N LYS D 411 24.49 39.22 40.11
CA LYS D 411 25.67 38.59 39.49
C LYS D 411 25.46 37.07 39.43
N ARG D 412 24.89 36.51 40.50
CA ARG D 412 24.54 35.09 40.56
C ARG D 412 23.58 34.77 39.41
N ASN D 413 22.38 35.34 39.50
CA ASN D 413 21.30 35.08 38.57
C ASN D 413 21.72 35.41 37.13
N GLU D 414 22.70 36.31 36.95
CA GLU D 414 23.21 36.62 35.61
C GLU D 414 24.04 35.46 35.07
N LYS D 415 24.94 34.93 35.88
CA LYS D 415 25.68 33.73 35.51
C LYS D 415 24.69 32.58 35.27
N ARG D 416 23.82 32.34 36.26
CA ARG D 416 22.75 31.32 36.20
C ARG D 416 22.12 31.30 34.80
N ILE D 417 21.82 32.48 34.25
CA ILE D 417 21.11 32.58 32.98
C ILE D 417 21.97 32.00 31.85
N ASP D 418 23.22 32.48 31.75
CA ASP D 418 24.13 32.07 30.67
C ASP D 418 24.62 30.63 30.91
N LEU D 419 24.08 29.98 31.97
CA LEU D 419 24.50 28.64 32.36
C LEU D 419 23.34 27.63 32.22
N PHE D 420 22.10 28.13 32.20
CA PHE D 420 20.93 27.25 32.15
C PHE D 420 19.82 27.81 31.25
N GLY D 421 20.07 28.95 30.59
CA GLY D 421 19.08 29.60 29.73
C GLY D 421 18.06 30.40 30.51
N GLU D 422 17.28 31.19 29.78
CA GLU D 422 16.49 32.32 30.32
C GLU D 422 15.05 31.89 30.58
N SER D 423 14.74 30.59 30.55
CA SER D 423 13.37 30.12 30.79
C SER D 423 13.06 30.27 32.29
N GLN D 424 11.80 30.62 32.57
CA GLN D 424 11.32 30.80 33.95
C GLN D 424 10.95 29.42 34.53
N SER D 425 11.63 28.39 34.03
CA SER D 425 11.61 27.07 34.61
C SER D 425 12.99 26.74 35.17
N GLN D 426 13.89 27.73 35.19
CA GLN D 426 15.25 27.55 35.69
C GLN D 426 15.61 28.63 36.72
N ILE D 427 14.63 29.44 37.12
CA ILE D 427 14.87 30.53 38.08
C ILE D 427 15.80 30.03 39.19
N LEU D 428 15.50 28.84 39.73
CA LEU D 428 16.12 28.34 40.96
C LEU D 428 17.24 27.35 40.67
N GLN D 429 17.58 27.14 39.39
CA GLN D 429 18.63 26.17 39.05
C GLN D 429 19.97 26.67 39.60
N THR D 430 20.79 25.75 40.10
CA THR D 430 22.07 26.10 40.70
C THR D 430 23.00 24.88 40.75
N ASN D 431 24.29 25.09 40.43
CA ASN D 431 25.30 24.05 40.61
C ASN D 431 25.28 23.58 42.07
N TYR D 432 25.61 22.31 42.27
CA TYR D 432 25.32 21.58 43.49
C TYR D 432 26.39 21.86 44.55
N ILE D 433 27.61 21.40 44.30
CA ILE D 433 28.69 21.43 45.28
C ILE D 433 29.01 22.90 45.60
N ASP D 434 29.20 23.69 44.54
CA ASP D 434 29.56 25.09 44.63
C ASP D 434 28.71 25.75 45.72
N TYR D 435 27.39 25.50 45.66
CA TYR D 435 26.41 26.09 46.57
C TYR D 435 26.58 25.53 47.99
N LEU D 436 26.72 24.21 48.12
CA LEU D 436 27.00 23.59 49.42
C LEU D 436 28.19 24.31 50.06
N ASP D 437 29.22 24.56 49.23
CA ASP D 437 30.46 25.22 49.66
C ASP D 437 30.10 26.63 50.15
N GLU D 438 29.40 27.40 49.31
CA GLU D 438 28.96 28.73 49.68
C GLU D 438 28.43 28.72 51.11
N LEU D 439 27.48 27.82 51.39
CA LEU D 439 26.75 27.83 52.66
C LEU D 439 27.66 27.41 53.80
N ALA D 440 28.55 26.44 53.51
CA ALA D 440 29.44 25.88 54.51
C ALA D 440 30.51 26.90 54.91
N LEU D 441 30.96 27.72 53.94
CA LEU D 441 31.96 28.78 54.15
C LEU D 441 31.45 29.79 55.18
N GLU D 442 30.25 30.30 54.90
CA GLU D 442 29.52 31.26 55.69
C GLU D 442 29.49 30.86 57.17
N ILE D 443 29.57 29.56 57.48
CA ILE D 443 29.61 29.09 58.88
C ILE D 443 30.93 28.35 59.16
N GLY D 444 31.87 28.40 58.20
CA GLY D 444 33.21 27.76 58.26
C GLY D 444 33.18 26.27 58.56
N ALA D 445 32.37 25.52 57.80
CA ALA D 445 32.28 24.05 57.88
C ALA D 445 32.83 23.40 56.59
N LYS D 446 33.02 24.21 55.56
CA LYS D 446 33.70 23.82 54.34
C LYS D 446 35.11 23.33 54.72
N PRO D 447 35.43 22.03 54.55
CA PRO D 447 36.80 21.56 54.78
C PRO D 447 37.80 22.24 53.82
N ASP D 448 38.97 22.59 54.37
CA ASP D 448 40.11 22.99 53.56
C ASP D 448 40.95 21.75 53.29
N LEU D 449 40.99 21.33 52.02
CA LEU D 449 41.56 20.06 51.63
C LEU D 449 43.09 20.20 51.53
N LEU D 450 43.52 21.33 50.99
CA LEU D 450 44.98 21.59 50.87
C LEU D 450 45.59 21.50 52.26
N SER D 451 44.82 21.93 53.25
CA SER D 451 45.27 21.94 54.67
C SER D 451 45.04 20.55 55.24
N LEU D 452 44.06 19.85 54.66
CA LEU D 452 43.71 18.47 55.09
C LEU D 452 44.36 17.49 54.12
N LEU D 453 45.45 17.88 53.48
CA LEU D 453 46.17 16.97 52.57
C LEU D 453 47.40 16.55 53.36
N LEU D 454 48.02 17.53 54.02
CA LEU D 454 49.24 17.34 54.85
C LEU D 454 48.91 16.39 55.99
N LYS D 455 47.72 16.49 56.57
CA LYS D 455 47.30 15.49 57.59
C LYS D 455 46.16 14.67 56.96
N ASP D 456 46.07 13.40 57.33
CA ASP D 456 45.05 12.46 56.81
C ASP D 456 44.95 12.59 55.31
N PRO D 457 46.02 12.28 54.53
CA PRO D 457 45.97 12.40 53.08
C PRO D 457 45.00 11.38 52.46
N LYS D 458 44.72 10.30 53.20
CA LYS D 458 43.65 9.35 52.86
C LYS D 458 42.34 10.13 52.71
N LEU D 459 41.96 10.86 53.76
CA LEU D 459 40.72 11.65 53.75
C LEU D 459 40.79 12.71 52.65
N ALA D 460 41.87 13.48 52.66
CA ALA D 460 42.10 14.56 51.69
C ALA D 460 41.78 14.08 50.28
N MET D 461 42.27 12.88 49.93
CA MET D 461 42.04 12.29 48.60
C MET D 461 40.55 11.95 48.45
N LYS D 462 40.05 11.20 49.42
CA LYS D 462 38.70 10.67 49.41
C LYS D 462 37.69 11.80 49.23
N LEU D 463 37.98 12.95 49.86
CA LEU D 463 37.09 14.10 49.88
C LEU D 463 37.09 14.79 48.51
N TYR D 464 38.27 14.81 47.88
CA TYR D 464 38.43 15.52 46.65
C TYR D 464 37.98 14.64 45.47
N PHE D 465 38.58 13.46 45.37
CA PHE D 465 38.46 12.60 44.18
C PHE D 465 37.23 11.68 44.30
N GLY D 466 36.88 11.31 45.54
CA GLY D 466 35.73 10.46 45.81
C GLY D 466 34.42 11.22 45.78
N PRO D 467 33.32 10.61 46.26
CA PRO D 467 31.99 11.20 46.15
C PRO D 467 31.81 12.20 47.30
N CYS D 468 31.29 13.38 46.97
CA CYS D 468 31.13 14.47 47.90
C CYS D 468 29.83 14.31 48.73
N ASN D 469 29.93 13.66 49.87
CA ASN D 469 28.76 13.35 50.72
C ASN D 469 28.40 14.58 51.56
N SER D 470 27.22 14.52 52.19
CA SER D 470 26.81 15.49 53.18
C SER D 470 27.75 15.43 54.38
N TYR D 471 28.24 14.22 54.68
CA TYR D 471 29.13 13.97 55.82
C TYR D 471 30.30 14.96 55.88
N GLN D 472 30.90 15.24 54.72
CA GLN D 472 32.08 16.10 54.59
C GLN D 472 31.98 17.38 55.45
N TYR D 473 30.77 17.91 55.55
CA TYR D 473 30.55 19.23 56.11
C TYR D 473 30.54 19.17 57.65
N ARG D 474 30.45 17.97 58.24
CA ARG D 474 30.53 17.79 59.70
C ARG D 474 31.95 17.39 60.14
N LEU D 475 32.95 17.80 59.34
CA LEU D 475 34.35 17.49 59.58
C LEU D 475 35.02 18.62 60.38
N VAL D 476 34.71 19.85 60.00
CA VAL D 476 35.31 21.03 60.59
C VAL D 476 34.17 22.01 60.95
N GLY D 477 34.55 23.13 61.54
CA GLY D 477 33.62 24.18 61.87
C GLY D 477 32.73 23.79 63.04
N PRO D 478 31.60 24.50 63.24
CA PRO D 478 30.69 24.19 64.34
C PRO D 478 29.87 22.92 64.09
N GLY D 479 29.21 22.44 65.15
CA GLY D 479 28.42 21.21 65.15
C GLY D 479 29.07 20.11 64.34
N GLN D 480 29.94 19.33 64.98
CA GLN D 480 30.61 18.26 64.30
C GLN D 480 29.99 16.92 64.71
N TRP D 481 30.34 15.89 63.92
CA TRP D 481 29.98 14.50 64.13
C TRP D 481 31.29 13.71 64.05
N GLU D 482 31.53 12.82 65.01
CA GLU D 482 32.70 11.96 64.96
C GLU D 482 32.53 11.00 63.78
N GLY D 483 31.37 10.32 63.76
CA GLY D 483 30.96 9.46 62.66
C GLY D 483 30.79 10.28 61.40
N ALA D 484 31.92 10.77 60.91
CA ALA D 484 32.00 11.58 59.73
C ALA D 484 33.18 11.08 58.90
N ARG D 485 34.36 11.02 59.52
CA ARG D 485 35.43 10.26 58.96
C ARG D 485 34.89 8.85 58.70
N ASN D 486 34.22 8.30 59.71
CA ASN D 486 33.80 6.92 59.70
C ASN D 486 32.80 6.68 58.59
N ALA D 487 31.72 7.48 58.59
CA ALA D 487 30.66 7.37 57.61
C ALA D 487 31.26 7.33 56.21
N ILE D 488 32.14 8.30 55.93
CA ILE D 488 32.73 8.48 54.61
C ILE D 488 33.47 7.20 54.19
N PHE D 489 34.24 6.65 55.11
CA PHE D 489 35.12 5.51 54.82
C PHE D 489 34.31 4.25 54.56
N THR D 490 33.15 4.14 55.22
CA THR D 490 32.35 2.93 55.21
C THR D 490 31.12 3.04 54.29
N GLN D 491 31.04 4.03 53.41
CA GLN D 491 29.79 4.21 52.65
C GLN D 491 29.62 3.02 51.69
N LYS D 492 30.72 2.57 51.08
CA LYS D 492 30.67 1.46 50.13
C LYS D 492 29.90 0.29 50.73
N GLN D 493 30.14 0.04 52.03
CA GLN D 493 29.46 -1.02 52.76
C GLN D 493 27.95 -0.80 52.73
N ARG D 494 27.50 0.40 53.09
CA ARG D 494 26.07 0.70 53.27
C ARG D 494 25.39 0.72 51.89
N ILE D 495 26.17 0.94 50.83
CA ILE D 495 25.68 0.89 49.46
C ILE D 495 25.45 -0.58 49.06
N LEU D 496 26.47 -1.42 49.22
CA LEU D 496 26.39 -2.80 48.76
C LEU D 496 25.47 -3.61 49.65
N LYS D 497 25.23 -3.15 50.88
CA LYS D 497 24.57 -3.96 51.90
C LYS D 497 23.19 -4.39 51.43
N PRO D 498 22.35 -3.49 50.87
CA PRO D 498 21.04 -3.89 50.35
C PRO D 498 21.06 -4.55 48.96
N LEU D 499 22.23 -4.57 48.28
CA LEU D 499 22.38 -5.02 46.87
C LEU D 499 22.94 -6.43 46.83
N LYS D 500 24.18 -6.57 47.28
CA LYS D 500 24.94 -7.82 47.24
C LYS D 500 24.31 -8.74 48.27
N THR D 501 23.27 -9.45 47.81
CA THR D 501 22.31 -10.12 48.64
C THR D 501 22.40 -11.63 48.37
N ARG D 502 23.33 -11.96 47.47
CA ARG D 502 23.67 -13.32 47.01
C ARG D 502 25.18 -13.27 46.75
N ALA D 503 25.91 -14.26 47.23
CA ALA D 503 27.34 -14.20 47.23
C ALA D 503 27.92 -15.59 46.89
N LEU D 504 29.02 -15.58 46.14
CA LEU D 504 29.64 -16.78 45.63
C LEU D 504 30.63 -17.34 46.68
N LYS D 505 31.55 -16.50 47.17
CA LYS D 505 32.54 -16.82 48.21
C LYS D 505 33.64 -17.73 47.63
N ALA D 506 34.81 -17.15 47.37
CA ALA D 506 35.94 -17.87 46.76
C ALA D 506 37.23 -17.06 46.91
N LEU D 515 40.45 -7.15 35.31
CA LEU D 515 41.61 -6.25 35.29
C LEU D 515 42.14 -6.11 36.73
N LEU D 516 42.20 -7.26 37.41
CA LEU D 516 42.80 -7.38 38.76
C LEU D 516 44.34 -7.46 38.63
N LYS D 517 44.80 -8.46 37.87
CA LYS D 517 46.23 -8.70 37.62
C LYS D 517 46.70 -7.93 36.38
N ILE D 518 45.77 -7.59 35.47
CA ILE D 518 46.06 -6.76 34.26
C ILE D 518 46.39 -5.33 34.68
N LEU D 519 45.87 -4.91 35.84
CA LEU D 519 46.20 -3.61 36.49
C LEU D 519 47.54 -3.73 37.24
N GLY D 520 47.70 -4.82 38.01
CA GLY D 520 48.96 -5.16 38.69
C GLY D 520 50.15 -5.21 37.74
N LEU D 521 49.91 -5.76 36.54
CA LEU D 521 50.94 -5.98 35.49
C LEU D 521 51.38 -4.65 34.87
N LEU D 522 50.43 -3.90 34.30
CA LEU D 522 50.71 -2.64 33.58
C LEU D 522 51.29 -1.56 34.53
N ALA D 523 50.97 -1.66 35.82
CA ALA D 523 51.51 -0.76 36.87
C ALA D 523 52.95 -1.15 37.21
N VAL D 524 53.22 -2.46 37.33
CA VAL D 524 54.56 -3.01 37.53
C VAL D 524 55.41 -2.78 36.26
N VAL D 525 54.77 -2.90 35.08
CA VAL D 525 55.44 -2.76 33.77
C VAL D 525 55.87 -1.30 33.53
N VAL D 526 55.22 -0.36 34.22
CA VAL D 526 55.63 1.05 34.23
C VAL D 526 56.54 1.33 35.44
N ALA D 527 56.52 0.43 36.44
CA ALA D 527 57.54 0.38 37.48
C ALA D 527 58.84 -0.21 36.94
N PHE D 528 58.78 -0.84 35.75
CA PHE D 528 59.96 -1.34 34.98
C PHE D 528 60.43 -0.27 33.97
N PHE D 529 59.48 0.36 33.28
CA PHE D 529 59.73 1.53 32.42
C PHE D 529 60.60 2.56 33.18
N PHE D 530 60.11 3.03 34.33
CA PHE D 530 60.68 4.17 35.08
C PHE D 530 62.02 3.80 35.76
N GLN D 531 62.17 2.53 36.14
CA GLN D 531 63.44 1.95 36.59
C GLN D 531 64.17 1.34 35.37
N LEU D 532 64.26 2.09 34.26
CA LEU D 532 65.19 1.81 33.15
C LEU D 532 65.75 3.12 32.57
N GLN D 533 66.37 3.96 33.42
CA GLN D 533 67.18 5.12 32.97
C GLN D 533 68.07 5.57 34.13
#